data_2JON
#
_entry.id   2JON
#
_cell.length_a   1.000
_cell.length_b   1.000
_cell.length_c   1.000
_cell.angle_alpha   90.00
_cell.angle_beta   90.00
_cell.angle_gamma   90.00
#
_symmetry.space_group_name_H-M   'P 1'
#
_entity_poly.entity_id   1
_entity_poly.type   'polypeptide(L)'
_entity_poly.pdbx_seq_one_letter_code
;ATPTPTPKAAGSWCVPKPGVSDDQLTGNINYACSQGIDCGPIQPGGACFEPNTVKAHAAYVMNLYYQHAGRNSWNCDFSQ
TATLTNTNPSYGACNFPSGSN
;
_entity_poly.pdbx_strand_id   A
#
# COMPACT_ATOMS: atom_id res chain seq x y z
N ALA A 1 -5.88 24.25 18.55
CA ALA A 1 -5.78 25.69 18.41
C ALA A 1 -5.80 26.10 16.94
N THR A 2 -4.91 25.52 16.15
CA THR A 2 -4.83 25.82 14.72
C THR A 2 -4.35 24.62 13.93
N PRO A 3 -5.06 24.32 12.83
CA PRO A 3 -4.74 23.19 11.96
C PRO A 3 -3.44 23.41 11.18
N THR A 4 -2.47 22.54 11.42
CA THR A 4 -1.18 22.64 10.74
C THR A 4 -0.99 21.51 9.74
N PRO A 5 -0.39 21.82 8.59
CA PRO A 5 -0.13 20.83 7.53
C PRO A 5 0.93 19.81 7.93
N THR A 6 1.06 18.76 7.14
CA THR A 6 2.05 17.71 7.41
C THR A 6 3.01 17.56 6.24
N PRO A 7 4.29 17.30 6.56
CA PRO A 7 5.34 17.13 5.55
C PRO A 7 5.19 15.82 4.78
N LYS A 8 6.24 15.42 4.09
CA LYS A 8 6.22 14.19 3.31
C LYS A 8 7.09 13.11 3.97
N ALA A 9 6.53 11.91 4.11
CA ALA A 9 7.24 10.80 4.72
C ALA A 9 8.26 10.20 3.74
N ALA A 10 9.25 9.51 4.29
CA ALA A 10 10.28 8.88 3.47
C ALA A 10 11.04 7.82 4.25
N GLY A 11 11.59 6.84 3.54
CA GLY A 11 12.34 5.78 4.18
C GLY A 11 12.11 4.44 3.53
N SER A 12 10.87 3.95 3.59
CA SER A 12 10.53 2.66 3.01
C SER A 12 9.06 2.62 2.60
N TRP A 13 8.73 1.73 1.68
CA TRP A 13 7.35 1.59 1.20
C TRP A 13 6.98 0.12 1.06
N CYS A 14 5.94 -0.29 1.78
CA CYS A 14 5.47 -1.68 1.73
C CYS A 14 4.38 -1.84 0.67
N VAL A 15 4.77 -2.40 -0.47
CA VAL A 15 3.84 -2.62 -1.56
C VAL A 15 4.28 -3.78 -2.45
N PRO A 16 3.32 -4.45 -3.09
CA PRO A 16 3.59 -5.58 -3.98
C PRO A 16 4.29 -5.16 -5.26
N LYS A 17 5.41 -5.81 -5.58
CA LYS A 17 6.17 -5.51 -6.77
C LYS A 17 5.27 -5.53 -8.01
N PRO A 18 5.16 -4.37 -8.69
CA PRO A 18 4.34 -4.23 -9.89
C PRO A 18 4.92 -4.99 -11.08
N GLY A 19 4.66 -6.29 -11.14
CA GLY A 19 5.16 -7.10 -12.23
C GLY A 19 4.99 -8.58 -11.97
N VAL A 20 4.94 -8.96 -10.70
CA VAL A 20 4.77 -10.36 -10.32
C VAL A 20 3.49 -10.94 -10.91
N SER A 21 3.37 -12.27 -10.87
CA SER A 21 2.19 -12.95 -11.39
C SER A 21 0.92 -12.43 -10.73
N ASP A 22 0.09 -11.76 -11.51
CA ASP A 22 -1.16 -11.20 -11.00
C ASP A 22 -1.79 -12.13 -9.96
N ASP A 23 -2.07 -13.36 -10.37
CA ASP A 23 -2.67 -14.34 -9.49
C ASP A 23 -1.90 -14.43 -8.17
N GLN A 24 -0.58 -14.29 -8.26
CA GLN A 24 0.27 -14.35 -7.08
C GLN A 24 -0.04 -13.20 -6.12
N LEU A 25 -0.10 -11.99 -6.66
CA LEU A 25 -0.39 -10.81 -5.86
C LEU A 25 -1.85 -10.81 -5.40
N THR A 26 -2.72 -11.40 -6.20
CA THR A 26 -4.13 -11.47 -5.88
C THR A 26 -4.36 -12.12 -4.53
N GLY A 27 -3.46 -13.03 -4.16
CA GLY A 27 -3.58 -13.72 -2.89
C GLY A 27 -3.55 -12.77 -1.70
N ASN A 28 -2.97 -11.59 -1.91
CA ASN A 28 -2.88 -10.58 -0.87
C ASN A 28 -4.26 -10.11 -0.44
N ILE A 29 -4.92 -9.38 -1.35
CA ILE A 29 -6.26 -8.86 -1.07
C ILE A 29 -7.13 -9.92 -0.41
N ASN A 30 -7.07 -11.14 -0.91
CA ASN A 30 -7.86 -12.24 -0.36
C ASN A 30 -7.55 -12.44 1.12
N TYR A 31 -6.26 -12.47 1.45
CA TYR A 31 -5.83 -12.65 2.84
C TYR A 31 -6.08 -11.39 3.65
N ALA A 32 -5.46 -10.30 3.25
CA ALA A 32 -5.61 -9.02 3.94
C ALA A 32 -7.09 -8.68 4.15
N CYS A 33 -7.89 -8.90 3.10
CA CYS A 33 -9.32 -8.61 3.17
C CYS A 33 -9.96 -9.30 4.37
N SER A 34 -9.23 -10.26 4.95
CA SER A 34 -9.73 -10.99 6.10
C SER A 34 -9.25 -10.36 7.41
N GLN A 35 -8.75 -9.13 7.31
CA GLN A 35 -8.27 -8.41 8.48
C GLN A 35 -9.34 -7.45 9.01
N GLY A 36 -9.95 -6.69 8.10
CA GLY A 36 -10.97 -5.75 8.49
C GLY A 36 -10.86 -4.43 7.76
N ILE A 37 -9.75 -3.74 7.96
CA ILE A 37 -9.52 -2.45 7.30
C ILE A 37 -9.00 -2.64 5.89
N ASP A 38 -8.94 -3.89 5.45
CA ASP A 38 -8.47 -4.21 4.10
C ASP A 38 -9.58 -4.03 3.08
N CYS A 39 -10.63 -4.85 3.20
CA CYS A 39 -11.76 -4.77 2.28
C CYS A 39 -12.63 -3.56 2.57
N GLY A 40 -12.88 -2.75 1.56
CA GLY A 40 -13.69 -1.56 1.72
C GLY A 40 -12.95 -0.29 1.34
N PRO A 41 -11.97 0.09 2.16
CA PRO A 41 -11.16 1.30 1.94
C PRO A 41 -10.24 1.15 0.73
N ILE A 42 -10.36 0.03 0.03
CA ILE A 42 -9.53 -0.23 -1.14
C ILE A 42 -10.11 0.44 -2.38
N GLN A 43 -10.99 1.40 -2.16
CA GLN A 43 -11.62 2.13 -3.27
C GLN A 43 -10.64 3.09 -3.91
N PRO A 44 -10.52 3.02 -5.25
CA PRO A 44 -9.62 3.89 -6.01
C PRO A 44 -10.09 5.34 -6.03
N GLY A 45 -9.18 6.25 -6.35
CA GLY A 45 -9.52 7.67 -6.40
C GLY A 45 -9.51 8.21 -7.81
N GLY A 46 -8.59 7.72 -8.63
CA GLY A 46 -8.49 8.18 -10.00
C GLY A 46 -7.09 8.63 -10.36
N ALA A 47 -6.34 9.07 -9.36
CA ALA A 47 -4.97 9.53 -9.57
C ALA A 47 -4.18 8.55 -10.43
N CYS A 48 -3.90 7.38 -9.88
CA CYS A 48 -3.15 6.34 -10.59
C CYS A 48 -3.99 5.09 -10.77
N PHE A 49 -5.19 5.10 -10.19
CA PHE A 49 -6.09 3.95 -10.29
C PHE A 49 -5.96 3.27 -11.64
N GLU A 50 -6.12 4.04 -12.71
CA GLU A 50 -6.02 3.50 -14.06
C GLU A 50 -4.66 3.81 -14.67
N PRO A 51 -3.95 2.76 -15.11
CA PRO A 51 -4.45 1.38 -15.03
C PRO A 51 -4.50 0.86 -13.60
N ASN A 52 -5.44 -0.02 -13.33
CA ASN A 52 -5.60 -0.59 -11.99
C ASN A 52 -5.11 -2.04 -11.96
N THR A 53 -4.22 -2.34 -11.02
CA THR A 53 -3.67 -3.68 -10.89
C THR A 53 -4.61 -4.57 -10.06
N VAL A 54 -4.35 -5.87 -10.10
CA VAL A 54 -5.16 -6.83 -9.37
C VAL A 54 -5.01 -6.64 -7.86
N LYS A 55 -3.78 -6.73 -7.37
CA LYS A 55 -3.51 -6.56 -5.96
C LYS A 55 -3.48 -5.09 -5.58
N ALA A 56 -3.99 -4.24 -6.48
CA ALA A 56 -4.03 -2.80 -6.23
C ALA A 56 -4.67 -2.48 -4.89
N HIS A 57 -5.82 -3.10 -4.63
CA HIS A 57 -6.53 -2.88 -3.37
C HIS A 57 -5.60 -3.07 -2.18
N ALA A 58 -4.88 -4.18 -2.16
CA ALA A 58 -3.95 -4.48 -1.08
C ALA A 58 -2.93 -3.37 -0.92
N ALA A 59 -2.48 -2.81 -2.04
CA ALA A 59 -1.50 -1.74 -2.03
C ALA A 59 -2.05 -0.49 -1.32
N TYR A 60 -3.35 -0.27 -1.44
CA TYR A 60 -4.00 0.87 -0.81
C TYR A 60 -4.00 0.73 0.70
N VAL A 61 -4.68 -0.30 1.19
CA VAL A 61 -4.77 -0.56 2.62
C VAL A 61 -3.38 -0.66 3.25
N MET A 62 -2.43 -1.18 2.48
CA MET A 62 -1.07 -1.33 2.95
C MET A 62 -0.58 -0.06 3.66
N ASN A 63 -1.19 1.07 3.30
CA ASN A 63 -0.84 2.35 3.89
C ASN A 63 -1.25 2.40 5.36
N LEU A 64 -2.54 2.23 5.61
CA LEU A 64 -3.06 2.26 6.97
C LEU A 64 -2.70 0.98 7.72
N TYR A 65 -2.98 -0.17 7.11
CA TYR A 65 -2.69 -1.46 7.72
C TYR A 65 -1.28 -1.48 8.29
N TYR A 66 -0.31 -1.07 7.49
CA TYR A 66 1.09 -1.04 7.91
C TYR A 66 1.24 -0.26 9.21
N GLN A 67 0.46 0.82 9.35
CA GLN A 67 0.51 1.65 10.54
C GLN A 67 -0.54 1.22 11.55
N HIS A 68 -1.34 0.23 11.17
CA HIS A 68 -2.39 -0.27 12.06
C HIS A 68 -1.80 -1.13 13.18
N ALA A 69 -0.83 -1.97 12.83
CA ALA A 69 -0.18 -2.84 13.80
C ALA A 69 0.81 -2.07 14.65
N GLY A 70 1.82 -1.50 13.99
CA GLY A 70 2.83 -0.72 14.71
C GLY A 70 3.70 0.09 13.78
N ARG A 71 3.20 0.34 12.58
CA ARG A 71 3.94 1.12 11.59
C ARG A 71 5.35 0.56 11.40
N ASN A 72 5.49 -0.76 11.57
CA ASN A 72 6.79 -1.40 11.42
C ASN A 72 6.87 -2.16 10.10
N SER A 73 8.09 -2.55 9.72
CA SER A 73 8.30 -3.29 8.48
C SER A 73 7.68 -4.67 8.54
N TRP A 74 7.50 -5.18 9.76
CA TRP A 74 6.92 -6.49 9.96
C TRP A 74 5.40 -6.44 9.87
N ASN A 75 4.87 -5.26 9.58
CA ASN A 75 3.43 -5.07 9.46
C ASN A 75 2.91 -5.68 8.16
N CYS A 76 3.83 -6.01 7.25
CA CYS A 76 3.46 -6.60 5.98
C CYS A 76 3.25 -8.10 6.11
N ASP A 77 1.99 -8.51 6.16
CA ASP A 77 1.64 -9.93 6.29
C ASP A 77 0.85 -10.42 5.07
N PHE A 78 0.75 -9.55 4.06
CA PHE A 78 0.02 -9.89 2.85
C PHE A 78 0.61 -11.13 2.18
N SER A 79 1.83 -10.98 1.66
CA SER A 79 2.50 -12.08 0.98
C SER A 79 3.94 -11.71 0.65
N GLN A 80 4.67 -12.66 0.07
CA GLN A 80 6.06 -12.43 -0.30
C GLN A 80 6.18 -11.37 -1.39
N THR A 81 5.02 -10.87 -1.84
CA THR A 81 4.98 -9.85 -2.88
C THR A 81 4.95 -8.45 -2.27
N ALA A 82 4.00 -8.23 -1.37
CA ALA A 82 3.85 -6.93 -0.72
C ALA A 82 4.82 -6.79 0.45
N THR A 83 5.91 -6.07 0.23
CA THR A 83 6.92 -5.86 1.27
C THR A 83 7.60 -4.51 1.11
N LEU A 84 8.51 -4.20 2.04
CA LEU A 84 9.23 -2.93 2.01
C LEU A 84 10.14 -2.86 0.78
N THR A 85 10.00 -1.79 0.02
CA THR A 85 10.81 -1.59 -1.18
C THR A 85 11.86 -0.51 -0.96
N ASN A 86 12.79 -0.40 -1.90
CA ASN A 86 13.86 0.60 -1.81
C ASN A 86 13.28 1.99 -1.61
N THR A 87 14.13 3.01 -1.77
CA THR A 87 13.70 4.39 -1.62
C THR A 87 12.37 4.64 -2.34
N ASN A 88 11.85 5.85 -2.19
CA ASN A 88 10.59 6.22 -2.82
C ASN A 88 10.63 5.91 -4.32
N PRO A 89 9.91 4.85 -4.71
CA PRO A 89 9.83 4.41 -6.11
C PRO A 89 9.05 5.39 -6.98
N SER A 90 8.28 6.26 -6.33
CA SER A 90 7.46 7.24 -7.04
C SER A 90 8.31 8.03 -8.03
N TYR A 91 8.08 7.79 -9.32
CA TYR A 91 8.82 8.48 -10.37
C TYR A 91 8.31 9.91 -10.55
N GLY A 92 7.13 10.18 -10.01
CA GLY A 92 6.56 11.51 -10.13
C GLY A 92 5.11 11.55 -9.69
N ALA A 93 4.23 11.98 -10.59
CA ALA A 93 2.81 12.07 -10.29
C ALA A 93 2.34 10.86 -9.48
N CYS A 94 2.81 9.68 -9.86
CA CYS A 94 2.44 8.45 -9.17
C CYS A 94 3.24 8.30 -7.88
N ASN A 95 2.59 8.60 -6.75
CA ASN A 95 3.24 8.49 -5.45
C ASN A 95 2.87 7.18 -4.76
N PHE A 96 3.86 6.47 -4.27
CA PHE A 96 3.64 5.20 -3.58
C PHE A 96 3.29 5.43 -2.11
N PRO A 97 2.40 4.58 -1.58
CA PRO A 97 1.96 4.67 -0.19
C PRO A 97 3.07 4.28 0.79
N SER A 98 3.43 5.21 1.66
CA SER A 98 4.47 4.96 2.65
C SER A 98 3.88 4.88 4.06
N GLY A 99 2.56 4.98 4.15
CA GLY A 99 1.90 4.91 5.44
C GLY A 99 1.02 6.12 5.69
N SER A 100 1.53 7.30 5.37
CA SER A 100 0.78 8.53 5.57
C SER A 100 -0.27 8.73 4.49
N ASN A 101 -1.44 9.23 4.88
CA ASN A 101 -2.53 9.45 3.94
C ASN A 101 -2.34 10.78 3.20
N ALA A 1 22.29 -0.47 23.98
CA ALA A 1 21.46 -0.05 22.86
C ALA A 1 19.98 -0.29 23.15
N THR A 2 19.13 0.60 22.64
CA THR A 2 17.69 0.49 22.85
C THR A 2 16.93 1.00 21.64
N PRO A 3 15.73 0.43 21.42
CA PRO A 3 14.87 0.82 20.29
C PRO A 3 14.28 2.22 20.47
N THR A 4 14.29 2.99 19.39
CA THR A 4 13.76 4.35 19.41
C THR A 4 12.95 4.65 18.16
N PRO A 5 11.87 5.42 18.32
CA PRO A 5 10.99 5.80 17.21
C PRO A 5 11.66 6.78 16.25
N THR A 6 11.54 6.51 14.95
CA THR A 6 12.13 7.37 13.94
C THR A 6 11.07 8.20 13.23
N PRO A 7 11.46 9.41 12.79
CA PRO A 7 10.55 10.33 12.09
C PRO A 7 10.19 9.84 10.70
N LYS A 8 9.48 10.66 9.94
CA LYS A 8 9.07 10.32 8.60
C LYS A 8 9.32 11.46 7.63
N ALA A 9 10.21 11.24 6.66
CA ALA A 9 10.55 12.26 5.68
C ALA A 9 9.42 12.43 4.67
N ALA A 10 9.49 13.51 3.90
CA ALA A 10 8.48 13.80 2.89
C ALA A 10 8.42 12.70 1.83
N GLY A 11 7.33 12.67 1.08
CA GLY A 11 7.19 11.67 0.03
C GLY A 11 7.25 10.25 0.58
N SER A 12 6.09 9.60 0.65
CA SER A 12 6.02 8.23 1.17
C SER A 12 4.76 7.53 0.66
N TRP A 13 4.95 6.37 0.05
CA TRP A 13 3.83 5.60 -0.48
C TRP A 13 3.96 4.13 -0.11
N CYS A 14 3.06 3.66 0.75
CA CYS A 14 3.08 2.27 1.20
C CYS A 14 2.38 1.37 0.18
N VAL A 15 3.17 0.66 -0.62
CA VAL A 15 2.64 -0.23 -1.63
C VAL A 15 3.62 -1.36 -1.95
N PRO A 16 3.09 -2.51 -2.38
CA PRO A 16 3.90 -3.68 -2.73
C PRO A 16 4.71 -3.46 -4.01
N LYS A 17 6.01 -3.73 -3.93
CA LYS A 17 6.90 -3.58 -5.07
C LYS A 17 6.35 -4.30 -6.30
N PRO A 18 6.01 -3.53 -7.34
CA PRO A 18 5.47 -4.09 -8.59
C PRO A 18 6.51 -4.87 -9.37
N GLY A 19 6.68 -6.14 -9.02
CA GLY A 19 7.65 -6.98 -9.71
C GLY A 19 7.93 -8.27 -8.96
N VAL A 20 7.74 -8.24 -7.64
CA VAL A 20 7.98 -9.41 -6.81
C VAL A 20 7.12 -10.58 -7.25
N SER A 21 7.46 -11.77 -6.76
CA SER A 21 6.72 -12.98 -7.11
C SER A 21 5.23 -12.79 -6.86
N ASP A 22 4.45 -12.70 -7.94
CA ASP A 22 3.01 -12.52 -7.83
C ASP A 22 2.46 -13.25 -6.61
N ASP A 23 2.56 -14.57 -6.63
CA ASP A 23 2.08 -15.38 -5.51
C ASP A 23 2.45 -14.75 -4.18
N GLN A 24 3.66 -14.22 -4.09
CA GLN A 24 4.13 -13.58 -2.86
C GLN A 24 3.21 -12.44 -2.46
N LEU A 25 2.95 -11.53 -3.40
CA LEU A 25 2.08 -10.39 -3.13
C LEU A 25 0.62 -10.83 -2.99
N THR A 26 0.28 -11.93 -3.65
CA THR A 26 -1.08 -12.46 -3.60
C THR A 26 -1.46 -12.86 -2.18
N GLY A 27 -0.49 -12.80 -1.27
CA GLY A 27 -0.75 -13.16 0.11
C GLY A 27 -1.33 -12.01 0.91
N ASN A 28 -1.06 -10.79 0.48
CA ASN A 28 -1.55 -9.60 1.15
C ASN A 28 -3.08 -9.54 1.09
N ILE A 29 -3.59 -9.32 -0.12
CA ILE A 29 -5.04 -9.23 -0.33
C ILE A 29 -5.77 -10.26 0.53
N ASN A 30 -5.26 -11.49 0.55
CA ASN A 30 -5.86 -12.56 1.33
C ASN A 30 -5.97 -12.18 2.80
N TYR A 31 -4.87 -11.66 3.35
CA TYR A 31 -4.83 -11.25 4.75
C TYR A 31 -5.59 -9.95 4.95
N ALA A 32 -5.17 -8.90 4.25
CA ALA A 32 -5.81 -7.59 4.35
C ALA A 32 -7.32 -7.71 4.15
N CYS A 33 -7.72 -8.53 3.19
CA CYS A 33 -9.13 -8.73 2.89
C CYS A 33 -9.89 -9.20 4.13
N SER A 34 -9.14 -9.54 5.18
CA SER A 34 -9.74 -10.01 6.43
C SER A 34 -9.54 -8.98 7.54
N GLN A 35 -9.23 -7.75 7.15
CA GLN A 35 -9.01 -6.68 8.12
C GLN A 35 -10.30 -5.88 8.34
N GLY A 36 -10.92 -5.44 7.25
CA GLY A 36 -12.14 -4.67 7.34
C GLY A 36 -12.37 -3.80 6.12
N ILE A 37 -11.71 -2.65 6.09
CA ILE A 37 -11.85 -1.72 4.98
C ILE A 37 -10.96 -2.13 3.80
N ASP A 38 -10.51 -3.38 3.83
CA ASP A 38 -9.65 -3.90 2.76
C ASP A 38 -10.49 -4.50 1.64
N CYS A 39 -11.26 -5.54 1.98
CA CYS A 39 -12.11 -6.20 0.99
C CYS A 39 -13.33 -5.35 0.65
N GLY A 40 -13.50 -5.08 -0.64
CA GLY A 40 -14.64 -4.27 -1.08
C GLY A 40 -14.20 -3.03 -1.84
N PRO A 41 -13.60 -2.08 -1.12
CA PRO A 41 -13.12 -0.83 -1.72
C PRO A 41 -11.92 -1.03 -2.64
N ILE A 42 -11.57 -2.29 -2.86
CA ILE A 42 -10.44 -2.63 -3.72
C ILE A 42 -10.85 -2.62 -5.19
N GLN A 43 -11.97 -1.98 -5.48
CA GLN A 43 -12.47 -1.90 -6.85
C GLN A 43 -11.71 -0.85 -7.64
N PRO A 44 -11.39 -1.18 -8.91
CA PRO A 44 -10.66 -0.29 -9.80
C PRO A 44 -11.48 0.92 -10.22
N GLY A 45 -10.82 2.07 -10.40
CA GLY A 45 -11.51 3.27 -10.80
C GLY A 45 -11.23 3.66 -12.23
N GLY A 46 -10.03 3.30 -12.72
CA GLY A 46 -9.66 3.62 -14.08
C GLY A 46 -8.35 4.36 -14.17
N ALA A 47 -7.88 4.86 -13.02
CA ALA A 47 -6.63 5.60 -12.97
C ALA A 47 -5.43 4.68 -13.21
N CYS A 48 -5.17 3.79 -12.25
CA CYS A 48 -4.06 2.86 -12.37
C CYS A 48 -4.56 1.42 -12.37
N PHE A 49 -5.87 1.25 -12.52
CA PHE A 49 -6.48 -0.07 -12.55
C PHE A 49 -5.84 -0.95 -13.61
N GLU A 50 -5.88 -0.47 -14.86
CA GLU A 50 -5.30 -1.21 -15.98
C GLU A 50 -3.93 -0.65 -16.34
N PRO A 51 -2.92 -1.54 -16.40
CA PRO A 51 -3.10 -2.96 -16.12
C PRO A 51 -3.40 -3.23 -14.64
N ASN A 52 -4.08 -4.33 -14.37
CA ASN A 52 -4.43 -4.71 -13.01
C ASN A 52 -3.49 -5.80 -12.49
N THR A 53 -2.76 -5.49 -11.42
CA THR A 53 -1.84 -6.44 -10.82
C THR A 53 -2.55 -7.40 -9.89
N VAL A 54 -1.84 -8.42 -9.43
CA VAL A 54 -2.41 -9.41 -8.51
C VAL A 54 -2.75 -8.78 -7.17
N LYS A 55 -1.74 -8.25 -6.48
CA LYS A 55 -1.95 -7.62 -5.18
C LYS A 55 -2.45 -6.19 -5.35
N ALA A 56 -2.95 -5.88 -6.54
CA ALA A 56 -3.48 -4.55 -6.83
C ALA A 56 -4.48 -4.12 -5.77
N HIS A 57 -5.41 -5.01 -5.44
CA HIS A 57 -6.44 -4.71 -4.45
C HIS A 57 -5.81 -4.17 -3.17
N ALA A 58 -4.80 -4.89 -2.67
CA ALA A 58 -4.12 -4.48 -1.45
C ALA A 58 -3.53 -3.09 -1.59
N ALA A 59 -3.10 -2.74 -2.79
CA ALA A 59 -2.52 -1.44 -3.07
C ALA A 59 -3.54 -0.32 -2.83
N TYR A 60 -4.80 -0.59 -3.18
CA TYR A 60 -5.86 0.39 -3.01
C TYR A 60 -6.15 0.62 -1.53
N VAL A 61 -6.56 -0.44 -0.84
CA VAL A 61 -6.87 -0.35 0.58
C VAL A 61 -5.69 0.23 1.36
N MET A 62 -4.49 -0.11 0.93
CA MET A 62 -3.27 0.37 1.59
C MET A 62 -3.32 1.89 1.78
N ASN A 63 -4.01 2.57 0.87
CA ASN A 63 -4.14 4.02 0.95
C ASN A 63 -4.94 4.44 2.18
N LEU A 64 -6.22 4.10 2.20
CA LEU A 64 -7.08 4.44 3.32
C LEU A 64 -6.65 3.71 4.58
N TYR A 65 -6.54 2.39 4.48
CA TYR A 65 -6.14 1.55 5.61
C TYR A 65 -4.92 2.15 6.31
N TYR A 66 -3.92 2.56 5.53
CA TYR A 66 -2.70 3.14 6.07
C TYR A 66 -3.03 4.39 6.90
N GLN A 67 -4.13 5.05 6.56
CA GLN A 67 -4.55 6.24 7.28
C GLN A 67 -5.68 5.94 8.26
N HIS A 68 -6.12 4.69 8.26
CA HIS A 68 -7.20 4.27 9.15
C HIS A 68 -6.74 4.26 10.60
N ALA A 69 -5.53 3.76 10.83
CA ALA A 69 -4.98 3.69 12.18
C ALA A 69 -4.49 5.07 12.63
N GLY A 70 -3.60 5.67 11.85
CA GLY A 70 -3.07 6.97 12.20
C GLY A 70 -2.10 7.50 11.17
N ARG A 71 -2.24 7.02 9.93
CA ARG A 71 -1.37 7.46 8.84
C ARG A 71 0.10 7.31 9.24
N ASN A 72 0.44 6.16 9.81
CA ASN A 72 1.82 5.89 10.23
C ASN A 72 2.44 4.79 9.38
N SER A 73 3.75 4.62 9.50
CA SER A 73 4.47 3.61 8.75
C SER A 73 4.14 2.20 9.27
N TRP A 74 3.73 2.14 10.53
CA TRP A 74 3.39 0.86 11.15
C TRP A 74 1.99 0.41 10.71
N ASN A 75 1.36 1.21 9.86
CA ASN A 75 0.02 0.88 9.38
C ASN A 75 0.06 -0.26 8.37
N CYS A 76 1.23 -0.45 7.75
CA CYS A 76 1.40 -1.52 6.77
C CYS A 76 1.67 -2.85 7.46
N ASP A 77 0.65 -3.70 7.52
CA ASP A 77 0.78 -5.01 8.15
C ASP A 77 0.51 -6.12 7.13
N PHE A 78 0.41 -5.74 5.86
CA PHE A 78 0.15 -6.71 4.80
C PHE A 78 1.25 -7.77 4.75
N SER A 79 2.45 -7.34 4.36
CA SER A 79 3.59 -8.26 4.27
C SER A 79 4.87 -7.49 3.99
N GLN A 80 5.99 -8.23 3.92
CA GLN A 80 7.28 -7.62 3.66
C GLN A 80 7.34 -7.03 2.25
N THR A 81 6.24 -7.18 1.51
CA THR A 81 6.16 -6.67 0.14
C THR A 81 5.55 -5.28 0.13
N ALA A 82 4.38 -5.13 0.74
CA ALA A 82 3.69 -3.85 0.80
C ALA A 82 4.25 -2.98 1.91
N THR A 83 5.08 -2.00 1.54
CA THR A 83 5.68 -1.10 2.52
C THR A 83 5.92 0.28 1.92
N LEU A 84 6.43 1.20 2.73
CA LEU A 84 6.70 2.55 2.27
C LEU A 84 7.83 2.56 1.24
N THR A 85 7.49 2.90 0.00
CA THR A 85 8.47 2.94 -1.07
C THR A 85 9.11 4.32 -1.17
N ASN A 86 10.18 4.41 -1.96
CA ASN A 86 10.88 5.68 -2.14
C ASN A 86 9.93 6.77 -2.61
N THR A 87 10.49 7.89 -3.05
CA THR A 87 9.69 9.01 -3.52
C THR A 87 8.56 8.53 -4.43
N ASN A 88 7.68 9.46 -4.81
CA ASN A 88 6.56 9.13 -5.68
C ASN A 88 7.03 8.40 -6.93
N PRO A 89 6.76 7.08 -6.99
CA PRO A 89 7.15 6.24 -8.13
C PRO A 89 6.34 6.57 -9.38
N SER A 90 5.39 7.49 -9.25
CA SER A 90 4.55 7.89 -10.37
C SER A 90 5.41 8.26 -11.59
N TYR A 91 5.44 7.37 -12.58
CA TYR A 91 6.22 7.61 -13.78
C TYR A 91 5.54 8.63 -14.69
N GLY A 92 4.25 8.87 -14.42
CA GLY A 92 3.51 9.82 -15.22
C GLY A 92 2.05 9.89 -14.83
N ALA A 93 1.17 9.46 -15.73
CA ALA A 93 -0.26 9.46 -15.47
C ALA A 93 -0.61 8.58 -14.28
N CYS A 94 0.10 7.47 -14.15
CA CYS A 94 -0.12 6.53 -13.05
C CYS A 94 0.46 7.07 -11.75
N ASN A 95 -0.41 7.60 -10.89
CA ASN A 95 0.03 8.15 -9.61
C ASN A 95 -0.22 7.15 -8.49
N PHE A 96 0.74 7.07 -7.56
CA PHE A 96 0.63 6.15 -6.43
C PHE A 96 0.01 6.85 -5.23
N PRO A 97 -0.68 6.07 -4.38
CA PRO A 97 -1.34 6.59 -3.17
C PRO A 97 -0.35 7.02 -2.11
N SER A 98 -0.48 8.26 -1.65
CA SER A 98 0.41 8.80 -0.64
C SER A 98 -0.34 9.06 0.66
N GLY A 99 -1.64 8.76 0.66
CA GLY A 99 -2.46 8.97 1.84
C GLY A 99 -2.11 10.25 2.57
N SER A 100 -1.90 11.33 1.82
CA SER A 100 -1.55 12.62 2.40
C SER A 100 -2.81 13.45 2.66
N ASN A 101 -2.64 14.54 3.41
CA ASN A 101 -3.75 15.42 3.74
C ASN A 101 -4.03 16.39 2.60
N ALA A 1 5.96 4.07 28.65
CA ALA A 1 5.84 4.75 27.37
C ALA A 1 6.86 5.88 27.25
N THR A 2 7.91 5.65 26.47
CA THR A 2 8.96 6.64 26.27
C THR A 2 8.71 7.46 25.01
N PRO A 3 8.91 8.78 25.11
CA PRO A 3 8.71 9.69 23.98
C PRO A 3 9.79 9.53 22.91
N THR A 4 9.45 8.79 21.85
CA THR A 4 10.39 8.55 20.77
C THR A 4 10.54 9.79 19.89
N PRO A 5 11.74 9.95 19.30
CA PRO A 5 12.04 11.09 18.42
C PRO A 5 11.27 11.03 17.10
N THR A 6 11.06 12.19 16.49
CA THR A 6 10.34 12.26 15.23
C THR A 6 11.18 11.69 14.09
N PRO A 7 10.50 11.11 13.08
CA PRO A 7 11.16 10.51 11.93
C PRO A 7 11.78 11.56 11.02
N LYS A 8 12.20 11.13 9.83
CA LYS A 8 12.82 12.03 8.86
C LYS A 8 11.83 12.42 7.78
N ALA A 9 11.54 13.72 7.68
CA ALA A 9 10.61 14.22 6.67
C ALA A 9 11.04 13.83 5.27
N ALA A 10 10.27 12.94 4.64
CA ALA A 10 10.57 12.47 3.30
C ALA A 10 9.40 11.71 2.70
N GLY A 11 9.49 11.40 1.41
CA GLY A 11 8.43 10.67 0.74
C GLY A 11 8.47 9.18 1.03
N SER A 12 7.30 8.57 1.17
CA SER A 12 7.21 7.14 1.45
C SER A 12 5.90 6.56 0.93
N TRP A 13 5.98 5.52 0.13
CA TRP A 13 4.81 4.87 -0.43
C TRP A 13 4.80 3.38 -0.13
N CYS A 14 3.81 2.94 0.64
CA CYS A 14 3.68 1.53 1.00
C CYS A 14 2.85 0.77 -0.02
N VAL A 15 3.52 -0.04 -0.84
CA VAL A 15 2.85 -0.82 -1.87
C VAL A 15 3.66 -2.05 -2.24
N PRO A 16 2.96 -3.11 -2.69
CA PRO A 16 3.60 -4.37 -3.09
C PRO A 16 4.40 -4.22 -4.38
N LYS A 17 5.66 -4.65 -4.33
CA LYS A 17 6.54 -4.56 -5.49
C LYS A 17 5.90 -5.21 -6.71
N PRO A 18 5.57 -4.39 -7.72
CA PRO A 18 4.95 -4.86 -8.96
C PRO A 18 5.90 -5.70 -9.80
N GLY A 19 6.05 -6.96 -9.43
CA GLY A 19 6.92 -7.85 -10.17
C GLY A 19 7.11 -9.19 -9.49
N VAL A 20 6.94 -9.20 -8.17
CA VAL A 20 7.09 -10.43 -7.39
C VAL A 20 6.11 -11.50 -7.87
N SER A 21 6.33 -12.73 -7.41
CA SER A 21 5.46 -13.85 -7.79
C SER A 21 4.00 -13.52 -7.50
N ASP A 22 3.22 -13.37 -8.56
CA ASP A 22 1.79 -13.06 -8.41
C ASP A 22 1.21 -13.75 -7.19
N ASP A 23 1.25 -15.08 -7.18
CA ASP A 23 0.74 -15.86 -6.07
C ASP A 23 1.22 -15.31 -4.73
N GLN A 24 2.48 -14.86 -4.71
CA GLN A 24 3.07 -14.31 -3.49
C GLN A 24 2.30 -13.09 -3.03
N LEU A 25 2.06 -12.15 -3.94
CA LEU A 25 1.33 -10.93 -3.63
C LEU A 25 -0.14 -11.22 -3.38
N THR A 26 -0.62 -12.32 -3.95
CA THR A 26 -2.02 -12.72 -3.80
C THR A 26 -2.33 -13.08 -2.36
N GLY A 27 -1.32 -13.00 -1.50
CA GLY A 27 -1.52 -13.32 -0.10
C GLY A 27 -1.86 -12.10 0.75
N ASN A 28 -1.27 -10.97 0.40
CA ASN A 28 -1.52 -9.73 1.13
C ASN A 28 -3.01 -9.41 1.18
N ILE A 29 -3.68 -9.55 0.05
CA ILE A 29 -5.11 -9.29 -0.03
C ILE A 29 -5.89 -10.19 0.92
N ASN A 30 -5.76 -11.50 0.73
CA ASN A 30 -6.45 -12.46 1.58
C ASN A 30 -6.34 -12.08 3.05
N TYR A 31 -5.16 -11.61 3.44
CA TYR A 31 -4.93 -11.20 4.83
C TYR A 31 -5.62 -9.87 5.13
N ALA A 32 -5.24 -8.83 4.40
CA ALA A 32 -5.82 -7.51 4.60
C ALA A 32 -7.35 -7.57 4.54
N CYS A 33 -7.87 -8.56 3.82
CA CYS A 33 -9.31 -8.74 3.69
C CYS A 33 -9.93 -9.20 5.00
N SER A 34 -9.09 -9.33 6.03
CA SER A 34 -9.56 -9.77 7.35
C SER A 34 -9.59 -8.61 8.32
N GLN A 35 -9.40 -7.40 7.81
CA GLN A 35 -9.40 -6.20 8.64
C GLN A 35 -10.76 -5.50 8.58
N GLY A 36 -11.30 -5.38 7.38
CA GLY A 36 -12.60 -4.73 7.21
C GLY A 36 -12.57 -3.66 6.13
N ILE A 37 -11.61 -2.74 6.23
CA ILE A 37 -11.49 -1.66 5.26
C ILE A 37 -10.74 -2.13 4.01
N ASP A 38 -10.48 -3.43 3.93
CA ASP A 38 -9.78 -4.01 2.79
C ASP A 38 -10.76 -4.40 1.69
N CYS A 39 -11.67 -5.31 2.01
CA CYS A 39 -12.67 -5.77 1.05
C CYS A 39 -13.76 -4.71 0.84
N GLY A 40 -13.88 -4.23 -0.39
CA GLY A 40 -14.89 -3.24 -0.69
C GLY A 40 -14.29 -1.98 -1.29
N PRO A 41 -13.52 -1.23 -0.48
CA PRO A 41 -12.87 0.01 -0.92
C PRO A 41 -11.75 -0.25 -1.92
N ILE A 42 -11.51 -1.52 -2.23
CA ILE A 42 -10.46 -1.90 -3.17
C ILE A 42 -10.95 -1.79 -4.61
N GLN A 43 -12.08 -1.10 -4.79
CA GLN A 43 -12.66 -0.92 -6.12
C GLN A 43 -11.89 0.13 -6.90
N PRO A 44 -11.44 -0.24 -8.12
CA PRO A 44 -10.70 0.67 -8.99
C PRO A 44 -11.56 1.79 -9.55
N GLY A 45 -10.93 2.73 -10.25
CA GLY A 45 -11.67 3.85 -10.82
C GLY A 45 -11.61 3.86 -12.34
N GLY A 46 -10.45 3.52 -12.88
CA GLY A 46 -10.29 3.49 -14.33
C GLY A 46 -9.07 4.27 -14.79
N ALA A 47 -8.77 5.35 -14.09
CA ALA A 47 -7.62 6.19 -14.43
C ALA A 47 -6.38 5.34 -14.71
N CYS A 48 -5.86 4.69 -13.67
CA CYS A 48 -4.68 3.85 -13.79
C CYS A 48 -5.00 2.41 -13.42
N PHE A 49 -6.29 2.09 -13.37
CA PHE A 49 -6.73 0.74 -13.02
C PHE A 49 -6.03 -0.30 -13.89
N GLU A 50 -6.34 -0.28 -15.18
CA GLU A 50 -5.74 -1.23 -16.12
C GLU A 50 -4.40 -0.71 -16.63
N PRO A 51 -3.41 -1.61 -16.69
CA PRO A 51 -3.57 -3.00 -16.29
C PRO A 51 -3.75 -3.16 -14.78
N ASN A 52 -4.56 -4.14 -14.39
CA ASN A 52 -4.81 -4.40 -12.97
C ASN A 52 -4.05 -5.63 -12.50
N THR A 53 -3.40 -5.51 -11.35
CA THR A 53 -2.63 -6.61 -10.78
C THR A 53 -3.47 -7.40 -9.78
N VAL A 54 -2.96 -8.56 -9.36
CA VAL A 54 -3.65 -9.40 -8.39
C VAL A 54 -3.76 -8.71 -7.04
N LYS A 55 -2.61 -8.34 -6.48
CA LYS A 55 -2.58 -7.67 -5.19
C LYS A 55 -2.95 -6.20 -5.33
N ALA A 56 -3.49 -5.83 -6.48
CA ALA A 56 -3.89 -4.45 -6.74
C ALA A 56 -4.77 -3.92 -5.62
N HIS A 57 -5.77 -4.71 -5.23
CA HIS A 57 -6.69 -4.31 -4.17
C HIS A 57 -5.93 -3.84 -2.94
N ALA A 58 -5.10 -4.73 -2.38
CA ALA A 58 -4.31 -4.40 -1.20
C ALA A 58 -3.61 -3.06 -1.36
N ALA A 59 -3.14 -2.79 -2.57
CA ALA A 59 -2.44 -1.54 -2.86
C ALA A 59 -3.32 -0.33 -2.54
N TYR A 60 -4.59 -0.43 -2.91
CA TYR A 60 -5.54 0.65 -2.67
C TYR A 60 -5.80 0.82 -1.18
N VAL A 61 -6.26 -0.24 -0.53
CA VAL A 61 -6.54 -0.20 0.90
C VAL A 61 -5.33 0.25 1.69
N MET A 62 -4.14 -0.21 1.26
CA MET A 62 -2.90 0.17 1.94
C MET A 62 -2.85 1.66 2.21
N ASN A 63 -3.58 2.43 1.41
CA ASN A 63 -3.61 3.88 1.57
C ASN A 63 -4.29 4.27 2.88
N LEU A 64 -5.55 3.87 3.04
CA LEU A 64 -6.30 4.18 4.24
C LEU A 64 -5.83 3.32 5.41
N TYR A 65 -5.66 2.03 5.16
CA TYR A 65 -5.21 1.10 6.19
C TYR A 65 -3.95 1.61 6.87
N TYR A 66 -2.94 1.91 6.08
CA TYR A 66 -1.67 2.42 6.61
C TYR A 66 -1.90 3.60 7.55
N GLN A 67 -2.89 4.42 7.22
CA GLN A 67 -3.21 5.58 8.04
C GLN A 67 -4.33 5.26 9.04
N HIS A 68 -4.85 4.04 8.95
CA HIS A 68 -5.92 3.60 9.84
C HIS A 68 -5.37 3.32 11.24
N ALA A 69 -4.22 2.67 11.30
CA ALA A 69 -3.60 2.34 12.58
C ALA A 69 -2.94 3.57 13.19
N GLY A 70 -1.96 4.13 12.50
CA GLY A 70 -1.26 5.30 13.00
C GLY A 70 -0.38 5.94 11.94
N ARG A 71 -0.67 5.65 10.67
CA ARG A 71 0.09 6.22 9.56
C ARG A 71 1.59 5.97 9.77
N ASN A 72 1.93 4.81 10.31
CA ASN A 72 3.33 4.47 10.55
C ASN A 72 3.79 3.39 9.58
N SER A 73 5.11 3.16 9.55
CA SER A 73 5.68 2.15 8.66
C SER A 73 5.30 0.75 9.11
N TRP A 74 5.00 0.61 10.41
CA TRP A 74 4.63 -0.68 10.97
C TRP A 74 3.15 -0.99 10.67
N ASN A 75 2.50 -0.09 9.96
CA ASN A 75 1.09 -0.27 9.63
C ASN A 75 0.93 -1.32 8.53
N CYS A 76 1.97 -1.50 7.72
CA CYS A 76 1.93 -2.47 6.64
C CYS A 76 2.27 -3.87 7.16
N ASP A 77 1.24 -4.69 7.34
CA ASP A 77 1.41 -6.05 7.83
C ASP A 77 0.95 -7.07 6.80
N PHE A 78 0.75 -6.61 5.57
CA PHE A 78 0.30 -7.48 4.48
C PHE A 78 1.28 -8.62 4.26
N SER A 79 2.47 -8.28 3.78
CA SER A 79 3.51 -9.28 3.52
C SER A 79 4.83 -8.62 3.17
N GLN A 80 5.86 -9.43 2.96
CA GLN A 80 7.18 -8.92 2.62
C GLN A 80 7.17 -8.21 1.26
N THR A 81 6.00 -8.21 0.62
CA THR A 81 5.86 -7.58 -0.68
C THR A 81 5.36 -6.14 -0.53
N ALA A 82 4.27 -5.97 0.21
CA ALA A 82 3.69 -4.65 0.44
C ALA A 82 4.43 -3.91 1.56
N THR A 83 5.26 -2.95 1.17
CA THR A 83 6.02 -2.17 2.14
C THR A 83 6.38 -0.79 1.58
N LEU A 84 7.04 0.01 2.41
CA LEU A 84 7.44 1.35 2.00
C LEU A 84 8.50 1.29 0.90
N THR A 85 8.26 2.00 -0.20
CA THR A 85 9.20 2.02 -1.31
C THR A 85 9.93 3.35 -1.38
N ASN A 86 10.99 3.40 -2.19
CA ASN A 86 11.78 4.61 -2.35
C ASN A 86 10.89 5.80 -2.72
N THR A 87 11.52 6.90 -3.12
CA THR A 87 10.79 8.10 -3.51
C THR A 87 9.61 7.77 -4.42
N ASN A 88 8.79 8.76 -4.70
CA ASN A 88 7.61 8.56 -5.56
C ASN A 88 8.01 7.90 -6.87
N PRO A 89 7.66 6.61 -7.00
CA PRO A 89 7.97 5.83 -8.21
C PRO A 89 7.15 6.28 -9.42
N SER A 90 6.30 7.27 -9.21
CA SER A 90 5.45 7.80 -10.29
C SER A 90 6.30 8.15 -11.50
N TYR A 91 6.16 7.37 -12.56
CA TYR A 91 6.92 7.61 -13.79
C TYR A 91 6.34 8.79 -14.56
N GLY A 92 5.11 9.16 -14.23
CA GLY A 92 4.46 10.27 -14.90
C GLY A 92 3.01 10.42 -14.50
N ALA A 93 2.10 10.14 -15.43
CA ALA A 93 0.67 10.26 -15.17
C ALA A 93 0.24 9.27 -14.09
N CYS A 94 0.83 8.08 -14.11
CA CYS A 94 0.50 7.04 -13.15
C CYS A 94 1.26 7.25 -11.84
N ASN A 95 0.56 7.79 -10.84
CA ASN A 95 1.16 8.04 -9.53
C ASN A 95 0.83 6.94 -8.55
N PHE A 96 1.72 6.72 -7.58
CA PHE A 96 1.52 5.68 -6.58
C PHE A 96 0.82 6.25 -5.35
N PRO A 97 0.02 5.41 -4.67
CA PRO A 97 -0.70 5.80 -3.47
C PRO A 97 0.21 6.03 -2.28
N SER A 98 0.13 7.22 -1.70
CA SER A 98 0.95 7.58 -0.54
C SER A 98 0.09 7.85 0.69
N GLY A 99 -1.17 7.43 0.62
CA GLY A 99 -2.09 7.64 1.73
C GLY A 99 -3.00 8.83 1.52
N SER A 100 -2.58 9.76 0.66
CA SER A 100 -3.36 10.95 0.38
C SER A 100 -3.10 11.45 -1.04
N ASN A 101 -3.94 12.37 -1.50
CA ASN A 101 -3.80 12.92 -2.84
C ASN A 101 -4.18 14.40 -2.86
N ALA A 1 24.75 -1.86 19.67
CA ALA A 1 23.71 -2.83 19.36
C ALA A 1 22.33 -2.26 19.68
N THR A 2 22.11 -1.00 19.31
CA THR A 2 20.84 -0.33 19.55
C THR A 2 20.29 0.30 18.27
N PRO A 3 18.97 0.22 18.09
CA PRO A 3 18.30 0.79 16.92
C PRO A 3 18.31 2.31 16.91
N THR A 4 19.03 2.89 15.96
CA THR A 4 19.13 4.34 15.86
C THR A 4 17.80 4.95 15.42
N PRO A 5 17.27 5.87 16.24
CA PRO A 5 16.00 6.55 15.95
C PRO A 5 16.11 7.51 14.78
N THR A 6 15.76 7.03 13.59
CA THR A 6 15.81 7.85 12.38
C THR A 6 14.49 8.56 12.15
N PRO A 7 14.57 9.84 11.72
CA PRO A 7 13.39 10.65 11.45
C PRO A 7 12.64 10.19 10.20
N LYS A 8 11.63 10.95 9.81
CA LYS A 8 10.83 10.62 8.64
C LYS A 8 10.64 11.85 7.75
N ALA A 9 11.28 11.83 6.58
CA ALA A 9 11.18 12.94 5.64
C ALA A 9 9.77 13.03 5.05
N ALA A 10 9.47 14.17 4.43
CA ALA A 10 8.16 14.39 3.83
C ALA A 10 7.85 13.33 2.78
N GLY A 11 6.58 13.22 2.42
CA GLY A 11 6.18 12.24 1.42
C GLY A 11 6.27 10.81 1.94
N SER A 12 5.15 10.10 1.89
CA SER A 12 5.10 8.72 2.37
C SER A 12 3.93 7.97 1.75
N TRP A 13 4.24 6.89 1.03
CA TRP A 13 3.21 6.08 0.39
C TRP A 13 3.44 4.61 0.65
N CYS A 14 2.50 3.97 1.34
CA CYS A 14 2.61 2.55 1.66
C CYS A 14 2.02 1.71 0.53
N VAL A 15 2.89 1.13 -0.29
CA VAL A 15 2.46 0.29 -1.41
C VAL A 15 3.48 -0.80 -1.71
N PRO A 16 3.00 -1.91 -2.28
CA PRO A 16 3.85 -3.05 -2.62
C PRO A 16 4.79 -2.73 -3.79
N LYS A 17 6.09 -2.95 -3.57
CA LYS A 17 7.09 -2.70 -4.60
C LYS A 17 6.71 -3.39 -5.91
N PRO A 18 6.28 -2.60 -6.89
CA PRO A 18 5.88 -3.10 -8.21
C PRO A 18 7.07 -3.62 -9.01
N GLY A 19 7.50 -4.83 -8.70
CA GLY A 19 8.63 -5.43 -9.41
C GLY A 19 9.23 -6.60 -8.66
N VAL A 20 8.39 -7.60 -8.36
CA VAL A 20 8.85 -8.78 -7.65
C VAL A 20 7.90 -9.96 -7.89
N SER A 21 8.24 -11.11 -7.32
CA SER A 21 7.41 -12.30 -7.47
C SER A 21 5.97 -12.02 -7.09
N ASP A 22 5.07 -12.20 -8.06
CA ASP A 22 3.64 -11.95 -7.85
C ASP A 22 3.15 -12.71 -6.61
N ASP A 23 3.68 -13.91 -6.41
CA ASP A 23 3.29 -14.74 -5.27
C ASP A 23 3.59 -14.02 -3.96
N GLN A 24 4.49 -13.03 -4.01
CA GLN A 24 4.86 -12.28 -2.83
C GLN A 24 3.79 -11.25 -2.49
N LEU A 25 3.36 -10.49 -3.49
CA LEU A 25 2.34 -9.46 -3.30
C LEU A 25 0.97 -10.09 -3.07
N THR A 26 0.57 -10.97 -3.97
CA THR A 26 -0.71 -11.65 -3.87
C THR A 26 -1.05 -11.98 -2.42
N GLY A 27 -0.08 -12.57 -1.72
CA GLY A 27 -0.28 -12.92 -0.33
C GLY A 27 -0.92 -11.81 0.47
N ASN A 28 -0.48 -10.58 0.23
CA ASN A 28 -1.02 -9.41 0.94
C ASN A 28 -2.54 -9.44 0.94
N ILE A 29 -3.14 -9.23 -0.23
CA ILE A 29 -4.59 -9.23 -0.35
C ILE A 29 -5.21 -10.34 0.50
N ASN A 30 -4.80 -11.57 0.25
CA ASN A 30 -5.33 -12.72 0.99
C ASN A 30 -5.34 -12.42 2.49
N TYR A 31 -4.27 -11.82 2.98
CA TYR A 31 -4.16 -11.48 4.39
C TYR A 31 -5.06 -10.30 4.75
N ALA A 32 -4.83 -9.17 4.08
CA ALA A 32 -5.62 -7.97 4.32
C ALA A 32 -7.11 -8.27 4.25
N CYS A 33 -7.47 -9.33 3.53
CA CYS A 33 -8.86 -9.72 3.38
C CYS A 33 -9.41 -10.30 4.68
N SER A 34 -8.56 -10.31 5.72
CA SER A 34 -8.96 -10.84 7.02
C SER A 34 -9.25 -9.70 8.00
N GLN A 35 -9.23 -8.47 7.49
CA GLN A 35 -9.49 -7.30 8.32
C GLN A 35 -10.94 -6.84 8.17
N GLY A 36 -11.43 -6.83 6.93
CA GLY A 36 -12.79 -6.41 6.68
C GLY A 36 -12.86 -5.27 5.69
N ILE A 37 -12.02 -4.26 5.88
CA ILE A 37 -12.00 -3.10 4.99
C ILE A 37 -11.17 -3.38 3.74
N ASP A 38 -10.72 -4.61 3.62
CA ASP A 38 -9.90 -5.02 2.47
C ASP A 38 -10.80 -5.52 1.33
N CYS A 39 -11.59 -6.54 1.61
CA CYS A 39 -12.48 -7.12 0.62
C CYS A 39 -13.69 -6.22 0.39
N GLY A 40 -13.86 -5.74 -0.84
CA GLY A 40 -14.99 -4.89 -1.16
C GLY A 40 -14.55 -3.54 -1.70
N PRO A 41 -13.97 -2.70 -0.84
CA PRO A 41 -13.50 -1.37 -1.22
C PRO A 41 -12.27 -1.43 -2.14
N ILE A 42 -11.81 -2.64 -2.42
CA ILE A 42 -10.66 -2.84 -3.28
C ILE A 42 -11.04 -2.80 -4.75
N GLN A 43 -12.21 -2.24 -5.03
CA GLN A 43 -12.70 -2.13 -6.40
C GLN A 43 -11.99 -1.02 -7.14
N PRO A 44 -11.63 -1.28 -8.41
CA PRO A 44 -10.93 -0.32 -9.26
C PRO A 44 -11.83 0.85 -9.67
N GLY A 45 -11.25 1.84 -10.33
CA GLY A 45 -12.01 3.00 -10.77
C GLY A 45 -12.04 3.15 -12.27
N GLY A 46 -10.93 2.80 -12.92
CA GLY A 46 -10.85 2.91 -14.36
C GLY A 46 -9.67 3.75 -14.81
N ALA A 47 -9.27 4.70 -13.97
CA ALA A 47 -8.15 5.57 -14.29
C ALA A 47 -6.88 4.77 -14.59
N CYS A 48 -6.35 4.12 -13.55
CA CYS A 48 -5.14 3.33 -13.70
C CYS A 48 -5.43 1.85 -13.43
N PHE A 49 -6.70 1.49 -13.47
CA PHE A 49 -7.10 0.11 -13.22
C PHE A 49 -6.40 -0.85 -14.17
N GLU A 50 -6.71 -0.72 -15.46
CA GLU A 50 -6.11 -1.59 -16.47
C GLU A 50 -4.89 -0.91 -17.10
N PRO A 51 -3.77 -1.64 -17.14
CA PRO A 51 -3.68 -3.00 -16.62
C PRO A 51 -3.78 -3.04 -15.10
N ASN A 52 -4.36 -4.12 -14.56
CA ASN A 52 -4.51 -4.28 -13.13
C ASN A 52 -3.49 -5.27 -12.57
N THR A 53 -2.97 -4.98 -11.39
CA THR A 53 -1.98 -5.84 -10.76
C THR A 53 -2.64 -6.86 -9.84
N VAL A 54 -1.87 -7.86 -9.41
CA VAL A 54 -2.38 -8.90 -8.53
C VAL A 54 -2.76 -8.33 -7.16
N LYS A 55 -1.78 -7.76 -6.48
CA LYS A 55 -2.00 -7.18 -5.16
C LYS A 55 -2.58 -5.77 -5.28
N ALA A 56 -3.11 -5.46 -6.45
CA ALA A 56 -3.70 -4.15 -6.70
C ALA A 56 -4.70 -3.77 -5.60
N HIS A 57 -5.52 -4.73 -5.21
CA HIS A 57 -6.52 -4.51 -4.17
C HIS A 57 -5.86 -3.96 -2.89
N ALA A 58 -4.89 -4.71 -2.37
CA ALA A 58 -4.18 -4.30 -1.16
C ALA A 58 -3.70 -2.85 -1.27
N ALA A 59 -3.27 -2.47 -2.48
CA ALA A 59 -2.79 -1.11 -2.71
C ALA A 59 -3.87 -0.08 -2.41
N TYR A 60 -5.10 -0.37 -2.83
CA TYR A 60 -6.22 0.53 -2.60
C TYR A 60 -6.56 0.62 -1.12
N VAL A 61 -6.89 -0.52 -0.52
CA VAL A 61 -7.23 -0.59 0.89
C VAL A 61 -6.13 0.02 1.75
N MET A 62 -4.88 -0.20 1.34
CA MET A 62 -3.73 0.33 2.08
C MET A 62 -3.95 1.80 2.43
N ASN A 63 -4.81 2.47 1.68
CA ASN A 63 -5.09 3.88 1.92
C ASN A 63 -5.89 4.06 3.20
N LEU A 64 -7.09 3.49 3.24
CA LEU A 64 -7.95 3.59 4.42
C LEU A 64 -7.38 2.76 5.57
N TYR A 65 -6.96 1.53 5.27
CA TYR A 65 -6.41 0.65 6.27
C TYR A 65 -5.26 1.31 7.03
N TYR A 66 -4.32 1.86 6.28
CA TYR A 66 -3.17 2.54 6.87
C TYR A 66 -3.62 3.60 7.88
N GLN A 67 -4.81 4.17 7.64
CA GLN A 67 -5.35 5.19 8.52
C GLN A 67 -6.37 4.59 9.50
N HIS A 68 -6.64 3.30 9.32
CA HIS A 68 -7.60 2.62 10.19
C HIS A 68 -7.02 2.41 11.59
N ALA A 69 -5.75 2.03 11.65
CA ALA A 69 -5.09 1.80 12.93
C ALA A 69 -4.73 3.12 13.60
N GLY A 70 -3.93 3.93 12.92
CA GLY A 70 -3.52 5.22 13.47
C GLY A 70 -2.73 6.04 12.49
N ARG A 71 -2.89 5.76 11.20
CA ARG A 71 -2.17 6.49 10.16
C ARG A 71 -0.67 6.49 10.43
N ASN A 72 -0.16 5.37 10.92
CA ASN A 72 1.26 5.25 11.22
C ASN A 72 1.95 4.29 10.25
N SER A 73 3.28 4.24 10.33
CA SER A 73 4.06 3.37 9.45
C SER A 73 3.87 1.90 9.83
N TRP A 74 3.49 1.67 11.09
CA TRP A 74 3.28 0.31 11.58
C TRP A 74 1.91 -0.21 11.18
N ASN A 75 1.18 0.60 10.41
CA ASN A 75 -0.15 0.21 9.96
C ASN A 75 -0.07 -0.83 8.85
N CYS A 76 1.06 -0.85 8.15
CA CYS A 76 1.28 -1.80 7.07
C CYS A 76 1.74 -3.16 7.61
N ASP A 77 0.81 -4.10 7.67
CA ASP A 77 1.12 -5.45 8.17
C ASP A 77 0.89 -6.49 7.08
N PHE A 78 0.70 -6.03 5.86
CA PHE A 78 0.48 -6.93 4.73
C PHE A 78 1.65 -7.90 4.56
N SER A 79 2.80 -7.35 4.17
CA SER A 79 4.00 -8.17 3.96
C SER A 79 5.22 -7.29 3.72
N GLN A 80 6.37 -7.92 3.56
CA GLN A 80 7.62 -7.20 3.32
C GLN A 80 7.57 -6.47 1.98
N THR A 81 6.48 -6.65 1.25
CA THR A 81 6.31 -6.02 -0.05
C THR A 81 5.60 -4.68 0.08
N ALA A 82 4.45 -4.68 0.73
CA ALA A 82 3.67 -3.46 0.92
C ALA A 82 4.20 -2.66 2.11
N THR A 83 4.88 -1.56 1.82
CA THR A 83 5.43 -0.71 2.86
C THR A 83 5.60 0.73 2.37
N LEU A 84 6.06 1.60 3.26
CA LEU A 84 6.27 3.01 2.92
C LEU A 84 7.41 3.15 1.90
N THR A 85 7.11 3.77 0.77
CA THR A 85 8.10 3.99 -0.28
C THR A 85 8.59 5.43 -0.29
N ASN A 86 9.66 5.67 -1.04
CA ASN A 86 10.23 7.01 -1.14
C ASN A 86 9.16 8.02 -1.56
N THR A 87 9.61 9.22 -1.93
CA THR A 87 8.70 10.28 -2.36
C THR A 87 7.64 9.73 -3.32
N ASN A 88 6.64 10.56 -3.62
CA ASN A 88 5.57 10.16 -4.53
C ASN A 88 6.13 9.61 -5.83
N PRO A 89 6.03 8.28 -6.00
CA PRO A 89 6.53 7.60 -7.20
C PRO A 89 5.68 7.92 -8.43
N SER A 90 4.69 8.78 -8.26
CA SER A 90 3.82 9.17 -9.35
C SER A 90 4.63 9.63 -10.56
N TYR A 91 4.68 8.78 -11.59
CA TYR A 91 5.42 9.11 -12.80
C TYR A 91 4.64 10.07 -13.69
N GLY A 92 3.34 10.18 -13.41
CA GLY A 92 2.50 11.07 -14.19
C GLY A 92 1.03 10.92 -13.85
N ALA A 93 0.24 10.43 -14.80
CA ALA A 93 -1.19 10.24 -14.59
C ALA A 93 -1.45 9.24 -13.48
N CYS A 94 -0.61 8.22 -13.40
CA CYS A 94 -0.76 7.19 -12.37
C CYS A 94 -0.26 7.70 -11.02
N ASN A 95 -1.20 8.05 -10.15
CA ASN A 95 -0.87 8.55 -8.81
C ASN A 95 -0.96 7.44 -7.77
N PHE A 96 -0.02 7.43 -6.84
CA PHE A 96 -0.01 6.42 -5.79
C PHE A 96 -0.75 6.91 -4.55
N PRO A 97 -1.20 5.97 -3.72
CA PRO A 97 -1.94 6.27 -2.48
C PRO A 97 -1.06 6.93 -1.43
N SER A 98 -1.34 8.19 -1.12
CA SER A 98 -0.57 8.93 -0.12
C SER A 98 -1.20 8.78 1.26
N GLY A 99 -2.26 7.98 1.34
CA GLY A 99 -2.92 7.77 2.62
C GLY A 99 -3.80 8.94 3.02
N SER A 100 -4.37 9.61 2.03
CA SER A 100 -5.24 10.76 2.29
C SER A 100 -6.18 11.00 1.11
N ASN A 101 -7.46 10.68 1.32
CA ASN A 101 -8.47 10.86 0.28
C ASN A 101 -9.82 11.20 0.88
N ALA A 1 7.78 4.92 18.43
CA ALA A 1 8.28 6.20 17.93
C ALA A 1 9.04 6.95 19.02
N THR A 2 9.98 7.80 18.60
CA THR A 2 10.78 8.58 19.54
C THR A 2 10.26 10.01 19.64
N PRO A 3 10.48 10.64 20.81
CA PRO A 3 10.04 12.02 21.06
C PRO A 3 10.84 13.03 20.25
N THR A 4 11.89 12.56 19.58
CA THR A 4 12.74 13.42 18.77
C THR A 4 12.13 13.66 17.39
N PRO A 5 12.47 14.80 16.78
CA PRO A 5 11.97 15.16 15.46
C PRO A 5 12.57 14.29 14.35
N THR A 6 11.69 13.74 13.51
CA THR A 6 12.13 12.89 12.41
C THR A 6 13.21 13.56 11.58
N PRO A 7 14.09 12.75 10.96
CA PRO A 7 15.17 13.26 10.13
C PRO A 7 14.67 13.86 8.82
N LYS A 8 15.59 14.08 7.88
CA LYS A 8 15.24 14.65 6.60
C LYS A 8 15.33 13.61 5.49
N ALA A 9 14.18 13.21 4.95
CA ALA A 9 14.13 12.23 3.89
C ALA A 9 12.80 12.29 3.14
N ALA A 10 12.74 11.61 2.00
CA ALA A 10 11.53 11.60 1.18
C ALA A 10 10.38 10.91 1.92
N GLY A 11 9.18 11.01 1.36
CA GLY A 11 8.03 10.39 1.98
C GLY A 11 8.12 8.88 2.01
N SER A 12 6.97 8.22 2.16
CA SER A 12 6.92 6.77 2.20
C SER A 12 5.58 6.25 1.69
N TRP A 13 5.62 5.15 0.94
CA TRP A 13 4.41 4.56 0.39
C TRP A 13 4.45 3.04 0.52
N CYS A 14 3.52 2.50 1.30
CA CYS A 14 3.44 1.06 1.51
C CYS A 14 2.66 0.39 0.39
N VAL A 15 3.37 -0.24 -0.53
CA VAL A 15 2.76 -0.92 -1.67
C VAL A 15 3.63 -2.06 -2.17
N PRO A 16 2.99 -3.09 -2.76
CA PRO A 16 3.69 -4.26 -3.28
C PRO A 16 4.50 -3.92 -4.54
N LYS A 17 5.79 -4.23 -4.50
CA LYS A 17 6.68 -3.96 -5.63
C LYS A 17 6.10 -4.55 -6.91
N PRO A 18 5.85 -3.67 -7.90
CA PRO A 18 5.30 -4.07 -9.20
C PRO A 18 6.30 -4.87 -10.03
N GLY A 19 6.42 -6.16 -9.73
CA GLY A 19 7.34 -7.00 -10.46
C GLY A 19 7.53 -8.36 -9.81
N VAL A 20 7.31 -8.42 -8.50
CA VAL A 20 7.45 -9.67 -7.75
C VAL A 20 6.52 -10.75 -8.30
N SER A 21 6.67 -11.96 -7.78
CA SER A 21 5.85 -13.08 -8.22
C SER A 21 4.38 -12.84 -7.89
N ASP A 22 3.56 -12.72 -8.94
CA ASP A 22 2.13 -12.49 -8.76
C ASP A 22 1.58 -13.33 -7.61
N ASP A 23 1.92 -14.61 -7.60
CA ASP A 23 1.46 -15.51 -6.55
C ASP A 23 1.89 -15.02 -5.18
N GLN A 24 3.06 -14.40 -5.11
CA GLN A 24 3.58 -13.88 -3.86
C GLN A 24 2.76 -12.69 -3.37
N LEU A 25 2.47 -11.77 -4.29
CA LEU A 25 1.69 -10.58 -3.97
C LEU A 25 0.24 -10.94 -3.69
N THR A 26 -0.40 -11.59 -4.67
CA THR A 26 -1.80 -11.99 -4.53
C THR A 26 -2.07 -12.53 -3.13
N GLY A 27 -1.18 -13.39 -2.64
CA GLY A 27 -1.36 -13.96 -1.32
C GLY A 27 -1.90 -12.96 -0.32
N ASN A 28 -1.44 -11.72 -0.42
CA ASN A 28 -1.88 -10.66 0.49
C ASN A 28 -3.39 -10.53 0.46
N ILE A 29 -3.93 -10.06 -0.66
CA ILE A 29 -5.37 -9.89 -0.81
C ILE A 29 -6.13 -10.98 -0.07
N ASN A 30 -5.68 -12.22 -0.22
CA ASN A 30 -6.33 -13.35 0.43
C ASN A 30 -6.39 -13.14 1.94
N TYR A 31 -5.26 -12.78 2.53
CA TYR A 31 -5.19 -12.55 3.96
C TYR A 31 -5.86 -11.22 4.34
N ALA A 32 -5.42 -10.14 3.70
CA ALA A 32 -5.97 -8.83 3.97
C ALA A 32 -7.50 -8.84 3.86
N CYS A 33 -8.01 -9.56 2.87
CA CYS A 33 -9.45 -9.65 2.65
C CYS A 33 -10.15 -10.18 3.91
N SER A 34 -9.36 -10.64 4.87
CA SER A 34 -9.90 -11.18 6.11
C SER A 34 -9.55 -10.27 7.28
N GLN A 35 -9.16 -9.03 6.99
CA GLN A 35 -8.79 -8.08 8.02
C GLN A 35 -9.99 -7.21 8.41
N GLY A 36 -10.65 -6.64 7.41
CA GLY A 36 -11.80 -5.79 7.67
C GLY A 36 -12.10 -4.85 6.54
N ILE A 37 -11.44 -3.70 6.53
CA ILE A 37 -11.64 -2.70 5.49
C ILE A 37 -10.83 -3.04 4.24
N ASP A 38 -10.40 -4.30 4.15
CA ASP A 38 -9.62 -4.75 3.00
C ASP A 38 -10.54 -5.19 1.86
N CYS A 39 -11.36 -6.20 2.12
CA CYS A 39 -12.29 -6.71 1.12
C CYS A 39 -13.47 -5.74 0.93
N GLY A 40 -13.65 -5.28 -0.30
CA GLY A 40 -14.74 -4.36 -0.60
C GLY A 40 -14.26 -3.08 -1.24
N PRO A 41 -13.52 -2.27 -0.46
CA PRO A 41 -12.99 -0.99 -0.94
C PRO A 41 -11.88 -1.18 -1.98
N ILE A 42 -11.61 -2.43 -2.33
CA ILE A 42 -10.57 -2.74 -3.31
C ILE A 42 -11.13 -2.66 -4.72
N GLN A 43 -12.26 -2.00 -4.87
CA GLN A 43 -12.89 -1.85 -6.18
C GLN A 43 -12.32 -0.65 -6.93
N PRO A 44 -11.87 -0.89 -8.17
CA PRO A 44 -11.29 0.16 -9.02
C PRO A 44 -12.33 1.17 -9.49
N GLY A 45 -11.88 2.38 -9.82
CA GLY A 45 -12.78 3.41 -10.28
C GLY A 45 -12.69 3.64 -11.77
N GLY A 46 -11.47 3.75 -12.28
CA GLY A 46 -11.28 3.97 -13.70
C GLY A 46 -10.17 4.98 -13.99
N ALA A 47 -9.58 5.51 -12.93
CA ALA A 47 -8.50 6.49 -13.07
C ALA A 47 -7.18 5.81 -13.40
N CYS A 48 -6.64 5.06 -12.44
CA CYS A 48 -5.38 4.36 -12.62
C CYS A 48 -5.57 2.86 -12.49
N PHE A 49 -6.83 2.43 -12.44
CA PHE A 49 -7.15 1.01 -12.32
C PHE A 49 -6.51 0.21 -13.45
N GLU A 50 -6.87 0.53 -14.68
CA GLU A 50 -6.33 -0.16 -15.84
C GLU A 50 -5.15 0.62 -16.44
N PRO A 51 -4.03 -0.08 -16.64
CA PRO A 51 -3.91 -1.51 -16.33
C PRO A 51 -3.92 -1.77 -14.82
N ASN A 52 -4.51 -2.89 -14.43
CA ASN A 52 -4.57 -3.25 -13.02
C ASN A 52 -3.63 -4.41 -12.70
N THR A 53 -3.16 -4.46 -11.47
CA THR A 53 -2.25 -5.52 -11.05
C THR A 53 -2.99 -6.61 -10.27
N VAL A 54 -2.30 -7.72 -10.00
CA VAL A 54 -2.89 -8.82 -9.27
C VAL A 54 -3.23 -8.43 -7.84
N LYS A 55 -2.20 -8.07 -7.07
CA LYS A 55 -2.39 -7.67 -5.68
C LYS A 55 -2.81 -6.21 -5.60
N ALA A 56 -3.29 -5.66 -6.71
CA ALA A 56 -3.74 -4.27 -6.76
C ALA A 56 -4.70 -3.97 -5.61
N HIS A 57 -5.60 -4.90 -5.33
CA HIS A 57 -6.57 -4.72 -4.26
C HIS A 57 -5.87 -4.37 -2.95
N ALA A 58 -4.90 -5.18 -2.56
CA ALA A 58 -4.15 -4.94 -1.33
C ALA A 58 -3.50 -3.56 -1.33
N ALA A 59 -3.01 -3.15 -2.50
CA ALA A 59 -2.36 -1.84 -2.63
C ALA A 59 -3.35 -0.71 -2.34
N TYR A 60 -4.58 -0.87 -2.82
CA TYR A 60 -5.61 0.14 -2.60
C TYR A 60 -5.89 0.33 -1.12
N VAL A 61 -6.41 -0.71 -0.48
CA VAL A 61 -6.72 -0.65 0.95
C VAL A 61 -5.50 -0.25 1.77
N MET A 62 -4.32 -0.68 1.31
CA MET A 62 -3.08 -0.36 2.00
C MET A 62 -3.03 1.11 2.39
N ASN A 63 -3.74 1.94 1.63
CA ASN A 63 -3.78 3.37 1.90
C ASN A 63 -4.51 3.66 3.21
N LEU A 64 -5.76 3.27 3.29
CA LEU A 64 -6.57 3.49 4.49
C LEU A 64 -6.11 2.57 5.62
N TYR A 65 -6.04 1.28 5.33
CA TYR A 65 -5.62 0.29 6.32
C TYR A 65 -4.37 0.77 7.05
N TYR A 66 -3.41 1.28 6.30
CA TYR A 66 -2.16 1.77 6.88
C TYR A 66 -2.42 2.87 7.90
N GLN A 67 -3.52 3.60 7.70
CA GLN A 67 -3.88 4.68 8.60
C GLN A 67 -4.95 4.24 9.58
N HIS A 68 -5.43 3.01 9.41
CA HIS A 68 -6.46 2.47 10.29
C HIS A 68 -5.90 2.16 11.67
N ALA A 69 -4.69 1.59 11.70
CA ALA A 69 -4.03 1.26 12.95
C ALA A 69 -3.47 2.50 13.63
N GLY A 70 -2.59 3.20 12.93
CA GLY A 70 -1.99 4.40 13.48
C GLY A 70 -1.09 5.11 12.50
N ARG A 71 -1.32 4.88 11.21
CA ARG A 71 -0.52 5.49 10.16
C ARG A 71 0.97 5.28 10.41
N ASN A 72 1.33 4.05 10.79
CA ASN A 72 2.72 3.70 11.06
C ASN A 72 3.23 2.69 10.05
N SER A 73 4.54 2.46 10.06
CA SER A 73 5.16 1.52 9.14
C SER A 73 4.80 0.08 9.52
N TRP A 74 4.45 -0.13 10.78
CA TRP A 74 4.08 -1.45 11.26
C TRP A 74 2.65 -1.80 10.88
N ASN A 75 2.00 -0.89 10.16
CA ASN A 75 0.62 -1.09 9.73
C ASN A 75 0.55 -2.11 8.60
N CYS A 76 1.65 -2.26 7.87
CA CYS A 76 1.71 -3.20 6.77
C CYS A 76 2.02 -4.61 7.27
N ASP A 77 0.98 -5.45 7.33
CA ASP A 77 1.13 -6.82 7.80
C ASP A 77 0.75 -7.81 6.70
N PHE A 78 0.60 -7.29 5.48
CA PHE A 78 0.24 -8.13 4.34
C PHE A 78 1.28 -9.24 4.12
N SER A 79 2.47 -8.83 3.71
CA SER A 79 3.56 -9.78 3.46
C SER A 79 4.88 -9.04 3.20
N GLN A 80 5.94 -9.82 3.00
CA GLN A 80 7.25 -9.24 2.75
C GLN A 80 7.28 -8.50 1.42
N THR A 81 6.15 -8.52 0.71
CA THR A 81 6.04 -7.86 -0.57
C THR A 81 5.53 -6.42 -0.40
N ALA A 82 4.43 -6.29 0.33
CA ALA A 82 3.84 -4.97 0.57
C ALA A 82 4.55 -4.24 1.70
N THR A 83 5.41 -3.29 1.34
CA THR A 83 6.15 -2.53 2.34
C THR A 83 6.41 -1.10 1.85
N LEU A 84 7.05 -0.30 2.69
CA LEU A 84 7.35 1.08 2.35
C LEU A 84 8.34 1.15 1.19
N THR A 85 7.95 1.83 0.13
CA THR A 85 8.81 1.97 -1.04
C THR A 85 9.51 3.33 -1.05
N ASN A 86 10.49 3.48 -1.93
CA ASN A 86 11.24 4.72 -2.04
C ASN A 86 10.30 5.91 -2.23
N THR A 87 10.87 7.06 -2.55
CA THR A 87 10.08 8.28 -2.75
C THR A 87 8.85 7.99 -3.59
N ASN A 88 7.97 8.99 -3.72
CA ASN A 88 6.76 8.84 -4.51
C ASN A 88 7.07 8.33 -5.91
N PRO A 89 6.74 7.05 -6.15
CA PRO A 89 6.97 6.42 -7.45
C PRO A 89 6.06 6.97 -8.55
N SER A 90 5.17 7.89 -8.16
CA SER A 90 4.24 8.49 -9.10
C SER A 90 4.98 9.05 -10.32
N TYR A 91 4.82 8.38 -11.46
CA TYR A 91 5.47 8.79 -12.69
C TYR A 91 4.69 9.92 -13.37
N GLY A 92 3.45 10.11 -12.94
CA GLY A 92 2.62 11.16 -13.50
C GLY A 92 1.22 11.17 -12.92
N ALA A 93 0.23 10.89 -13.78
CA ALA A 93 -1.16 10.85 -13.34
C ALA A 93 -1.39 9.77 -12.30
N CYS A 94 -0.73 8.63 -12.48
CA CYS A 94 -0.86 7.51 -11.56
C CYS A 94 -0.08 7.76 -10.28
N ASN A 95 -0.78 8.14 -9.22
CA ASN A 95 -0.15 8.42 -7.94
C ASN A 95 -0.30 7.23 -7.00
N PHE A 96 0.75 6.97 -6.21
CA PHE A 96 0.74 5.85 -5.27
C PHE A 96 0.24 6.31 -3.90
N PRO A 97 -0.38 5.39 -3.15
CA PRO A 97 -0.92 5.67 -1.82
C PRO A 97 0.18 5.89 -0.78
N SER A 98 0.13 7.04 -0.11
CA SER A 98 1.12 7.38 0.90
C SER A 98 0.53 7.25 2.31
N GLY A 99 -0.77 6.98 2.37
CA GLY A 99 -1.44 6.85 3.65
C GLY A 99 -1.63 8.18 4.35
N SER A 100 -2.23 9.13 3.64
CA SER A 100 -2.47 10.46 4.20
C SER A 100 -3.54 11.20 3.39
N ASN A 101 -4.08 12.27 3.98
CA ASN A 101 -5.11 13.06 3.31
C ASN A 101 -5.11 14.49 3.85
N ALA A 1 2.76 12.13 22.01
CA ALA A 1 3.53 13.35 22.17
C ALA A 1 4.57 13.48 21.07
N THR A 2 5.57 12.60 21.08
CA THR A 2 6.63 12.61 20.08
C THR A 2 7.19 11.22 19.85
N PRO A 3 7.35 10.85 18.57
CA PRO A 3 7.88 9.54 18.18
C PRO A 3 9.36 9.39 18.52
N THR A 4 9.97 8.31 18.03
CA THR A 4 11.38 8.05 18.27
C THR A 4 12.24 9.25 17.86
N PRO A 5 13.42 9.37 18.47
CA PRO A 5 14.36 10.46 18.18
C PRO A 5 14.97 10.35 16.80
N THR A 6 14.23 10.76 15.79
CA THR A 6 14.70 10.70 14.41
C THR A 6 14.25 11.92 13.62
N PRO A 7 15.03 12.28 12.58
CA PRO A 7 14.73 13.44 11.73
C PRO A 7 13.51 13.21 10.86
N LYS A 8 13.24 14.16 9.96
CA LYS A 8 12.10 14.05 9.06
C LYS A 8 12.33 12.99 7.99
N ALA A 9 11.62 11.88 8.09
CA ALA A 9 11.76 10.80 7.13
C ALA A 9 11.20 11.20 5.76
N ALA A 10 12.01 11.02 4.72
CA ALA A 10 11.60 11.37 3.37
C ALA A 10 10.34 10.62 2.98
N GLY A 11 9.72 11.05 1.88
CA GLY A 11 8.50 10.41 1.41
C GLY A 11 8.55 8.90 1.58
N SER A 12 7.37 8.28 1.61
CA SER A 12 7.27 6.84 1.78
C SER A 12 5.94 6.32 1.26
N TRP A 13 5.98 5.17 0.59
CA TRP A 13 4.77 4.57 0.04
C TRP A 13 4.76 3.07 0.28
N CYS A 14 3.75 2.59 1.00
CA CYS A 14 3.62 1.16 1.30
C CYS A 14 2.83 0.45 0.21
N VAL A 15 3.53 -0.25 -0.67
CA VAL A 15 2.89 -0.97 -1.76
C VAL A 15 3.72 -2.19 -2.18
N PRO A 16 3.04 -3.21 -2.71
CA PRO A 16 3.70 -4.43 -3.17
C PRO A 16 4.54 -4.22 -4.42
N LYS A 17 5.81 -4.63 -4.36
CA LYS A 17 6.72 -4.48 -5.49
C LYS A 17 6.10 -5.04 -6.76
N PRO A 18 5.82 -4.16 -7.73
CA PRO A 18 5.23 -4.55 -9.01
C PRO A 18 6.20 -5.33 -9.89
N GLY A 19 6.17 -6.66 -9.76
CA GLY A 19 7.06 -7.50 -10.55
C GLY A 19 7.23 -8.87 -9.95
N VAL A 20 7.08 -8.97 -8.63
CA VAL A 20 7.22 -10.25 -7.93
C VAL A 20 6.22 -11.27 -8.46
N SER A 21 6.44 -12.53 -8.11
CA SER A 21 5.56 -13.61 -8.54
C SER A 21 4.11 -13.29 -8.21
N ASP A 22 3.30 -13.11 -9.25
CA ASP A 22 1.89 -12.80 -9.07
C ASP A 22 1.33 -13.49 -7.83
N ASP A 23 1.29 -14.82 -7.85
CA ASP A 23 0.79 -15.59 -6.73
C ASP A 23 1.32 -15.04 -5.41
N GLN A 24 2.60 -14.65 -5.41
CA GLN A 24 3.23 -14.11 -4.22
C GLN A 24 2.48 -12.88 -3.70
N LEU A 25 2.23 -11.93 -4.60
CA LEU A 25 1.52 -10.71 -4.24
C LEU A 25 0.05 -11.00 -3.98
N THR A 26 -0.51 -11.96 -4.70
CA THR A 26 -1.91 -12.33 -4.55
C THR A 26 -2.19 -12.79 -3.12
N GLY A 27 -1.20 -13.39 -2.48
CA GLY A 27 -1.37 -13.87 -1.12
C GLY A 27 -1.83 -12.78 -0.17
N ASN A 28 -1.42 -11.54 -0.46
CA ASN A 28 -1.78 -10.40 0.37
C ASN A 28 -3.29 -10.20 0.39
N ILE A 29 -3.85 -9.80 -0.75
CA ILE A 29 -5.29 -9.58 -0.86
C ILE A 29 -6.06 -10.62 -0.05
N ASN A 30 -5.71 -11.88 -0.22
CA ASN A 30 -6.38 -12.96 0.50
C ASN A 30 -6.36 -12.71 2.01
N TYR A 31 -5.19 -12.35 2.52
CA TYR A 31 -5.04 -12.07 3.95
C TYR A 31 -5.71 -10.76 4.32
N ALA A 32 -5.35 -9.70 3.62
CA ALA A 32 -5.93 -8.38 3.88
C ALA A 32 -7.45 -8.44 3.91
N CYS A 33 -8.03 -9.16 2.96
CA CYS A 33 -9.47 -9.30 2.86
C CYS A 33 -10.05 -9.81 4.18
N SER A 34 -9.17 -10.27 5.07
CA SER A 34 -9.60 -10.78 6.37
C SER A 34 -9.21 -9.82 7.49
N GLN A 35 -8.92 -8.58 7.12
CA GLN A 35 -8.54 -7.56 8.10
C GLN A 35 -9.73 -6.69 8.48
N GLY A 36 -10.43 -6.19 7.46
CA GLY A 36 -11.58 -5.34 7.72
C GLY A 36 -11.86 -4.39 6.57
N ILE A 37 -11.16 -3.27 6.54
CA ILE A 37 -11.34 -2.28 5.49
C ILE A 37 -10.59 -2.68 4.22
N ASP A 38 -10.21 -3.95 4.13
CA ASP A 38 -9.49 -4.46 2.98
C ASP A 38 -10.46 -4.95 1.90
N CYS A 39 -11.28 -5.93 2.25
CA CYS A 39 -12.25 -6.48 1.31
C CYS A 39 -13.44 -5.54 1.13
N GLY A 40 -13.67 -5.14 -0.11
CA GLY A 40 -14.77 -4.23 -0.41
C GLY A 40 -14.31 -2.94 -1.03
N PRO A 41 -13.66 -2.09 -0.22
CA PRO A 41 -13.16 -0.79 -0.67
C PRO A 41 -11.97 -0.93 -1.63
N ILE A 42 -11.64 -2.17 -1.97
CA ILE A 42 -10.53 -2.44 -2.87
C ILE A 42 -10.96 -2.30 -4.33
N GLN A 43 -12.09 -1.63 -4.55
CA GLN A 43 -12.61 -1.42 -5.89
C GLN A 43 -11.88 -0.28 -6.59
N PRO A 44 -11.76 -0.38 -7.92
CA PRO A 44 -11.09 0.64 -8.73
C PRO A 44 -11.89 1.94 -8.82
N GLY A 45 -11.19 3.05 -9.00
CA GLY A 45 -11.84 4.34 -9.10
C GLY A 45 -12.06 4.78 -10.53
N GLY A 46 -11.01 4.68 -11.34
CA GLY A 46 -11.12 5.07 -12.73
C GLY A 46 -9.93 5.89 -13.20
N ALA A 47 -8.96 6.06 -12.31
CA ALA A 47 -7.75 6.83 -12.63
C ALA A 47 -6.68 5.93 -13.22
N CYS A 48 -6.12 5.06 -12.39
CA CYS A 48 -5.07 4.14 -12.83
C CYS A 48 -5.52 2.70 -12.69
N PHE A 49 -6.80 2.50 -12.36
CA PHE A 49 -7.35 1.17 -12.19
C PHE A 49 -6.88 0.23 -13.30
N GLU A 50 -7.18 0.60 -14.54
CA GLU A 50 -6.78 -0.20 -15.69
C GLU A 50 -5.49 0.33 -16.30
N PRO A 51 -4.53 -0.59 -16.55
CA PRO A 51 -4.70 -2.01 -16.24
C PRO A 51 -4.73 -2.28 -14.74
N ASN A 52 -5.39 -3.36 -14.35
CA ASN A 52 -5.49 -3.74 -12.94
C ASN A 52 -4.51 -4.86 -12.61
N THR A 53 -3.74 -4.67 -11.53
CA THR A 53 -2.77 -5.67 -11.11
C THR A 53 -3.44 -6.76 -10.27
N VAL A 54 -2.69 -7.83 -9.99
CA VAL A 54 -3.21 -8.94 -9.21
C VAL A 54 -3.45 -8.51 -7.76
N LYS A 55 -2.39 -8.05 -7.10
CA LYS A 55 -2.50 -7.62 -5.71
C LYS A 55 -2.88 -6.15 -5.63
N ALA A 56 -3.42 -5.62 -6.73
CA ALA A 56 -3.84 -4.23 -6.79
C ALA A 56 -4.72 -3.86 -5.59
N HIS A 57 -5.75 -4.67 -5.36
CA HIS A 57 -6.67 -4.43 -4.26
C HIS A 57 -5.90 -4.08 -2.98
N ALA A 58 -5.02 -4.97 -2.57
CA ALA A 58 -4.22 -4.76 -1.36
C ALA A 58 -3.50 -3.40 -1.41
N ALA A 59 -3.00 -3.05 -2.60
CA ALA A 59 -2.30 -1.79 -2.78
C ALA A 59 -3.23 -0.60 -2.52
N TYR A 60 -4.50 -0.78 -2.86
CA TYR A 60 -5.50 0.28 -2.67
C TYR A 60 -5.75 0.53 -1.18
N VAL A 61 -6.28 -0.48 -0.50
CA VAL A 61 -6.57 -0.38 0.92
C VAL A 61 -5.34 0.04 1.71
N MET A 62 -4.17 -0.40 1.24
CA MET A 62 -2.91 -0.07 1.91
C MET A 62 -2.85 1.41 2.26
N ASN A 63 -3.56 2.22 1.48
CA ASN A 63 -3.60 3.67 1.71
C ASN A 63 -4.29 3.99 3.02
N LEU A 64 -5.56 3.62 3.12
CA LEU A 64 -6.34 3.88 4.32
C LEU A 64 -5.88 2.99 5.48
N TYR A 65 -5.75 1.70 5.21
CA TYR A 65 -5.31 0.75 6.22
C TYR A 65 -4.04 1.23 6.90
N TYR A 66 -3.07 1.66 6.10
CA TYR A 66 -1.80 2.15 6.62
C TYR A 66 -2.02 3.28 7.63
N GLN A 67 -3.12 4.02 7.44
CA GLN A 67 -3.44 5.12 8.34
C GLN A 67 -4.50 4.71 9.36
N HIS A 68 -5.00 3.48 9.23
CA HIS A 68 -6.01 2.97 10.13
C HIS A 68 -5.40 2.64 11.49
N ALA A 69 -4.20 2.07 11.47
CA ALA A 69 -3.51 1.70 12.71
C ALA A 69 -2.90 2.93 13.37
N GLY A 70 -2.02 3.61 12.66
CA GLY A 70 -1.38 4.80 13.21
C GLY A 70 -0.53 5.52 12.18
N ARG A 71 -0.82 5.29 10.90
CA ARG A 71 -0.08 5.92 9.83
C ARG A 71 1.42 5.71 10.00
N ASN A 72 1.80 4.50 10.40
CA ASN A 72 3.21 4.17 10.61
C ASN A 72 3.67 3.12 9.60
N SER A 73 4.98 2.91 9.54
CA SER A 73 5.55 1.93 8.62
C SER A 73 5.21 0.51 9.05
N TRP A 74 4.90 0.33 10.33
CA TRP A 74 4.56 -0.98 10.87
C TRP A 74 3.10 -1.30 10.58
N ASN A 75 2.42 -0.41 9.88
CA ASN A 75 1.01 -0.61 9.54
C ASN A 75 0.86 -1.67 8.45
N CYS A 76 1.94 -1.90 7.70
CA CYS A 76 1.94 -2.88 6.62
C CYS A 76 2.16 -4.29 7.18
N ASP A 77 1.08 -5.06 7.28
CA ASP A 77 1.16 -6.42 7.79
C ASP A 77 0.71 -7.42 6.72
N PHE A 78 0.54 -6.94 5.50
CA PHE A 78 0.11 -7.78 4.39
C PHE A 78 1.09 -8.95 4.19
N SER A 79 2.29 -8.62 3.74
CA SER A 79 3.31 -9.63 3.49
C SER A 79 4.66 -8.99 3.18
N GLN A 80 5.67 -9.82 2.98
CA GLN A 80 7.01 -9.32 2.67
C GLN A 80 7.03 -8.62 1.33
N THR A 81 5.88 -8.59 0.65
CA THR A 81 5.77 -7.94 -0.65
C THR A 81 5.32 -6.50 -0.51
N ALA A 82 4.22 -6.29 0.22
CA ALA A 82 3.69 -4.95 0.44
C ALA A 82 4.41 -4.26 1.58
N THR A 83 5.32 -3.35 1.24
CA THR A 83 6.09 -2.61 2.23
C THR A 83 6.44 -1.21 1.74
N LEU A 84 7.11 -0.44 2.59
CA LEU A 84 7.50 0.92 2.24
C LEU A 84 8.54 0.90 1.10
N THR A 85 8.24 1.67 0.05
CA THR A 85 9.15 1.74 -1.10
C THR A 85 9.89 3.08 -1.12
N ASN A 86 10.91 3.16 -1.97
CA ASN A 86 11.70 4.38 -2.10
C ASN A 86 10.80 5.58 -2.38
N THR A 87 11.42 6.70 -2.76
CA THR A 87 10.68 7.92 -3.06
C THR A 87 9.47 7.62 -3.94
N ASN A 88 8.64 8.64 -4.16
CA ASN A 88 7.45 8.48 -4.98
C ASN A 88 7.79 7.86 -6.33
N PRO A 89 7.42 6.58 -6.50
CA PRO A 89 7.67 5.84 -7.73
C PRO A 89 6.83 6.33 -8.90
N SER A 90 5.93 7.27 -8.60
CA SER A 90 5.05 7.83 -9.62
C SER A 90 5.85 8.31 -10.83
N TYR A 91 5.67 7.63 -11.96
CA TYR A 91 6.37 7.98 -13.18
C TYR A 91 5.71 9.16 -13.88
N GLY A 92 4.47 9.44 -13.49
CA GLY A 92 3.74 10.54 -14.09
C GLY A 92 2.31 10.64 -13.58
N ALA A 93 1.35 10.61 -14.50
CA ALA A 93 -0.05 10.69 -14.13
C ALA A 93 -0.41 9.67 -13.07
N CYS A 94 0.23 8.50 -13.13
CA CYS A 94 -0.02 7.42 -12.17
C CYS A 94 0.67 7.73 -10.84
N ASN A 95 -0.11 8.14 -9.86
CA ASN A 95 0.42 8.46 -8.54
C ASN A 95 0.22 7.30 -7.57
N PHE A 96 1.29 6.90 -6.90
CA PHE A 96 1.22 5.79 -5.95
C PHE A 96 0.62 6.26 -4.62
N PRO A 97 0.04 5.30 -3.88
CA PRO A 97 -0.59 5.58 -2.58
C PRO A 97 0.43 5.93 -1.50
N SER A 98 0.47 7.21 -1.13
CA SER A 98 1.41 7.68 -0.11
C SER A 98 0.89 7.36 1.29
N GLY A 99 -0.37 6.94 1.36
CA GLY A 99 -0.96 6.61 2.65
C GLY A 99 -0.75 7.71 3.68
N SER A 100 -0.82 8.96 3.24
CA SER A 100 -0.63 10.09 4.14
C SER A 100 -1.27 11.35 3.56
N ASN A 101 -1.86 12.16 4.43
CA ASN A 101 -2.51 13.40 4.01
C ASN A 101 -2.67 14.36 5.19
N ALA A 1 5.86 28.79 -11.65
CA ALA A 1 6.08 30.03 -10.91
C ALA A 1 6.78 29.74 -9.59
N THR A 2 6.25 28.80 -8.83
CA THR A 2 6.83 28.44 -7.53
C THR A 2 7.58 27.13 -7.63
N PRO A 3 8.88 27.17 -7.29
CA PRO A 3 9.75 25.98 -7.33
C PRO A 3 9.40 24.98 -6.23
N THR A 4 9.90 23.75 -6.38
CA THR A 4 9.64 22.70 -5.40
C THR A 4 10.92 22.33 -4.64
N PRO A 5 10.92 22.62 -3.33
CA PRO A 5 12.06 22.34 -2.47
C PRO A 5 12.25 20.84 -2.23
N THR A 6 13.15 20.50 -1.32
CA THR A 6 13.42 19.09 -0.99
C THR A 6 13.38 18.86 0.51
N PRO A 7 12.27 18.26 0.98
CA PRO A 7 12.08 17.96 2.41
C PRO A 7 13.01 16.85 2.88
N LYS A 8 12.74 16.34 4.08
CA LYS A 8 13.54 15.27 4.66
C LYS A 8 12.83 13.93 4.56
N ALA A 9 13.52 12.93 4.03
CA ALA A 9 12.95 11.60 3.87
C ALA A 9 12.65 10.97 5.23
N ALA A 10 11.43 10.45 5.37
CA ALA A 10 11.01 9.82 6.62
C ALA A 10 9.70 9.05 6.43
N GLY A 11 9.25 8.40 7.50
CA GLY A 11 8.01 7.63 7.43
C GLY A 11 8.22 6.26 6.83
N SER A 12 7.16 5.46 6.83
CA SER A 12 7.23 4.11 6.27
C SER A 12 5.90 3.69 5.68
N TRP A 13 5.95 3.04 4.52
CA TRP A 13 4.74 2.59 3.84
C TRP A 13 4.90 1.16 3.33
N CYS A 14 4.01 0.28 3.75
CA CYS A 14 4.05 -1.12 3.34
C CYS A 14 3.06 -1.38 2.20
N VAL A 15 3.57 -1.46 0.98
CA VAL A 15 2.74 -1.71 -0.18
C VAL A 15 3.53 -2.35 -1.31
N PRO A 16 2.84 -3.12 -2.17
CA PRO A 16 3.46 -3.81 -3.29
C PRO A 16 3.92 -2.84 -4.38
N LYS A 17 5.17 -2.98 -4.80
CA LYS A 17 5.74 -2.13 -5.84
C LYS A 17 4.84 -2.09 -7.06
N PRO A 18 4.33 -0.91 -7.40
CA PRO A 18 3.45 -0.72 -8.57
C PRO A 18 4.20 -0.88 -9.89
N GLY A 19 4.41 -2.13 -10.29
CA GLY A 19 5.12 -2.40 -11.53
C GLY A 19 5.46 -3.86 -11.69
N VAL A 20 5.57 -4.58 -10.58
CA VAL A 20 5.90 -5.99 -10.61
C VAL A 20 4.87 -6.78 -11.41
N SER A 21 5.21 -8.03 -11.74
CA SER A 21 4.32 -8.88 -12.51
C SER A 21 2.93 -8.93 -11.89
N ASP A 22 1.98 -8.28 -12.54
CA ASP A 22 0.60 -8.24 -12.05
C ASP A 22 0.24 -9.55 -11.35
N ASP A 23 0.25 -10.64 -12.11
CA ASP A 23 -0.08 -11.95 -11.56
C ASP A 23 0.66 -12.19 -10.25
N GLN A 24 1.92 -11.76 -10.19
CA GLN A 24 2.74 -11.93 -9.00
C GLN A 24 2.09 -11.27 -7.79
N LEU A 25 1.71 -10.01 -7.96
CA LEU A 25 1.07 -9.25 -6.88
C LEU A 25 -0.35 -9.74 -6.63
N THR A 26 -0.98 -10.25 -7.69
CA THR A 26 -2.34 -10.75 -7.59
C THR A 26 -2.47 -11.77 -6.45
N GLY A 27 -1.36 -12.43 -6.13
CA GLY A 27 -1.37 -13.41 -5.06
C GLY A 27 -1.63 -12.79 -3.70
N ASN A 28 -1.31 -11.51 -3.57
CA ASN A 28 -1.51 -10.80 -2.31
C ASN A 28 -2.98 -10.71 -1.96
N ILE A 29 -3.79 -10.25 -2.91
CA ILE A 29 -5.22 -10.12 -2.70
C ILE A 29 -5.87 -11.48 -2.45
N ASN A 30 -5.61 -12.42 -3.35
CA ASN A 30 -6.16 -13.76 -3.22
C ASN A 30 -5.92 -14.33 -1.82
N TYR A 31 -4.70 -14.14 -1.32
CA TYR A 31 -4.33 -14.62 -0.01
C TYR A 31 -4.99 -13.79 1.09
N ALA A 32 -4.72 -12.49 1.08
CA ALA A 32 -5.28 -11.58 2.06
C ALA A 32 -6.79 -11.73 2.15
N CYS A 33 -7.42 -12.08 1.03
CA CYS A 33 -8.86 -12.26 0.98
C CYS A 33 -9.32 -13.30 2.00
N SER A 34 -8.35 -14.02 2.57
CA SER A 34 -8.65 -15.05 3.54
C SER A 34 -8.05 -14.71 4.90
N GLN A 35 -7.70 -13.43 5.09
CA GLN A 35 -7.11 -12.98 6.33
C GLN A 35 -8.18 -12.47 7.29
N GLY A 36 -9.02 -11.56 6.80
CA GLY A 36 -10.08 -11.01 7.62
C GLY A 36 -10.61 -9.70 7.09
N ILE A 37 -10.04 -8.60 7.55
CA ILE A 37 -10.47 -7.27 7.12
C ILE A 37 -9.84 -6.91 5.78
N ASP A 38 -9.10 -7.85 5.20
CA ASP A 38 -8.44 -7.63 3.92
C ASP A 38 -9.46 -7.47 2.80
N CYS A 39 -10.22 -8.53 2.54
CA CYS A 39 -11.23 -8.51 1.50
C CYS A 39 -12.46 -7.73 1.95
N GLY A 40 -12.97 -6.87 1.07
CA GLY A 40 -14.14 -6.09 1.39
C GLY A 40 -13.87 -4.59 1.33
N PRO A 41 -13.12 -4.09 2.32
CA PRO A 41 -12.77 -2.66 2.40
C PRO A 41 -11.79 -2.25 1.30
N ILE A 42 -11.51 -3.16 0.38
CA ILE A 42 -10.59 -2.89 -0.72
C ILE A 42 -11.30 -2.15 -1.85
N GLN A 43 -12.46 -1.56 -1.54
CA GLN A 43 -13.23 -0.83 -2.53
C GLN A 43 -12.67 0.57 -2.74
N PRO A 44 -12.33 0.89 -4.00
CA PRO A 44 -11.76 2.20 -4.35
C PRO A 44 -12.79 3.32 -4.25
N GLY A 45 -12.31 4.56 -4.21
CA GLY A 45 -13.20 5.70 -4.11
C GLY A 45 -13.11 6.61 -5.32
N GLY A 46 -11.93 6.70 -5.90
CA GLY A 46 -11.74 7.56 -7.07
C GLY A 46 -10.58 8.52 -6.90
N ALA A 47 -10.34 8.94 -5.66
CA ALA A 47 -9.26 9.87 -5.37
C ALA A 47 -7.97 9.46 -6.08
N CYS A 48 -7.40 8.34 -5.65
CA CYS A 48 -6.17 7.83 -6.24
C CYS A 48 -6.41 6.52 -6.97
N PHE A 49 -7.58 5.92 -6.72
CA PHE A 49 -7.93 4.65 -7.36
C PHE A 49 -7.37 4.58 -8.78
N GLU A 50 -7.53 5.68 -9.52
CA GLU A 50 -7.05 5.74 -10.90
C GLU A 50 -5.71 6.48 -10.97
N PRO A 51 -4.69 5.82 -11.56
CA PRO A 51 -4.84 4.47 -12.12
C PRO A 51 -5.02 3.43 -11.03
N ASN A 52 -5.70 2.33 -11.37
CA ASN A 52 -5.95 1.25 -10.42
C ASN A 52 -5.10 0.03 -10.77
N THR A 53 -4.25 -0.38 -9.83
CA THR A 53 -3.38 -1.53 -10.04
C THR A 53 -4.11 -2.83 -9.72
N VAL A 54 -3.51 -3.95 -10.09
CA VAL A 54 -4.10 -5.26 -9.83
C VAL A 54 -4.16 -5.54 -8.34
N LYS A 55 -3.02 -5.50 -7.67
CA LYS A 55 -2.95 -5.75 -6.23
C LYS A 55 -3.34 -4.50 -5.45
N ALA A 56 -4.01 -3.57 -6.12
CA ALA A 56 -4.45 -2.33 -5.48
C ALA A 56 -5.25 -2.63 -4.21
N HIS A 57 -6.13 -3.62 -4.28
CA HIS A 57 -6.95 -4.01 -3.15
C HIS A 57 -6.08 -4.25 -1.91
N ALA A 58 -5.10 -5.12 -2.04
CA ALA A 58 -4.20 -5.44 -0.93
C ALA A 58 -3.52 -4.18 -0.41
N ALA A 59 -3.16 -3.28 -1.32
CA ALA A 59 -2.51 -2.04 -0.93
C ALA A 59 -3.41 -1.19 -0.05
N TYR A 60 -4.72 -1.30 -0.26
CA TYR A 60 -5.69 -0.54 0.51
C TYR A 60 -5.71 -1.00 1.96
N VAL A 61 -6.16 -2.23 2.19
CA VAL A 61 -6.23 -2.79 3.53
C VAL A 61 -4.88 -2.72 4.22
N MET A 62 -3.80 -2.79 3.43
CA MET A 62 -2.45 -2.73 3.97
C MET A 62 -2.32 -1.63 5.01
N ASN A 63 -3.21 -0.65 4.93
CA ASN A 63 -3.19 0.47 5.87
C ASN A 63 -3.66 0.03 7.25
N LEU A 64 -4.86 -0.53 7.32
CA LEU A 64 -5.42 -1.01 8.58
C LEU A 64 -4.78 -2.32 9.01
N TYR A 65 -4.79 -3.30 8.11
CA TYR A 65 -4.21 -4.60 8.39
C TYR A 65 -2.83 -4.46 9.04
N TYR A 66 -1.99 -3.62 8.45
CA TYR A 66 -0.65 -3.39 8.97
C TYR A 66 -0.70 -2.88 10.41
N GLN A 67 -1.80 -2.22 10.76
CA GLN A 67 -1.97 -1.68 12.10
C GLN A 67 -2.85 -2.60 12.94
N HIS A 68 -3.35 -3.66 12.33
CA HIS A 68 -4.21 -4.62 13.02
C HIS A 68 -3.38 -5.53 13.93
N ALA A 69 -2.22 -5.95 13.45
CA ALA A 69 -1.34 -6.81 14.21
C ALA A 69 -0.59 -6.03 15.30
N GLY A 70 0.11 -4.97 14.88
CA GLY A 70 0.85 -4.16 15.82
C GLY A 70 1.55 -2.99 15.16
N ARG A 71 1.02 -2.57 14.02
CA ARG A 71 1.60 -1.45 13.28
C ARG A 71 3.11 -1.64 13.11
N ASN A 72 3.54 -2.89 13.00
CA ASN A 72 4.96 -3.21 12.84
C ASN A 72 5.27 -3.57 11.39
N SER A 73 6.55 -3.64 11.07
CA SER A 73 6.99 -3.98 9.72
C SER A 73 6.70 -5.45 9.40
N TRP A 74 6.58 -6.25 10.45
CA TRP A 74 6.30 -7.68 10.29
C TRP A 74 4.82 -7.92 10.04
N ASN A 75 4.04 -6.84 9.96
CA ASN A 75 2.61 -6.95 9.72
C ASN A 75 2.33 -7.33 8.27
N CYS A 76 3.31 -7.12 7.41
CA CYS A 76 3.17 -7.43 5.99
C CYS A 76 3.44 -8.91 5.74
N ASP A 77 2.37 -9.67 5.55
CA ASP A 77 2.48 -11.11 5.31
C ASP A 77 1.90 -11.46 3.94
N PHE A 78 1.57 -10.44 3.16
CA PHE A 78 1.01 -10.65 1.83
C PHE A 78 1.95 -11.47 0.96
N SER A 79 3.08 -10.88 0.60
CA SER A 79 4.07 -11.56 -0.24
C SER A 79 5.35 -10.73 -0.34
N GLN A 80 6.34 -11.27 -1.04
CA GLN A 80 7.62 -10.59 -1.21
C GLN A 80 7.45 -9.31 -2.03
N THR A 81 6.22 -9.04 -2.45
CA THR A 81 5.92 -7.85 -3.24
C THR A 81 5.49 -6.70 -2.35
N ALA A 82 4.50 -6.95 -1.49
CA ALA A 82 4.00 -5.94 -0.57
C ALA A 82 4.88 -5.82 0.66
N THR A 83 5.66 -4.73 0.73
CA THR A 83 6.56 -4.50 1.85
C THR A 83 6.77 -3.01 2.08
N LEU A 84 7.55 -2.69 3.12
CA LEU A 84 7.82 -1.29 3.45
C LEU A 84 8.65 -0.63 2.36
N THR A 85 8.46 0.67 2.20
CA THR A 85 9.19 1.43 1.18
C THR A 85 9.75 2.72 1.77
N ASN A 86 10.63 3.38 1.01
CA ASN A 86 11.24 4.63 1.44
C ASN A 86 10.17 5.64 1.84
N THR A 87 10.58 6.89 2.03
CA THR A 87 9.66 7.95 2.41
C THR A 87 8.38 7.89 1.59
N ASN A 88 7.42 8.74 1.94
CA ASN A 88 6.14 8.78 1.23
C ASN A 88 6.35 8.91 -0.28
N PRO A 89 6.12 7.82 -1.01
CA PRO A 89 6.28 7.79 -2.47
C PRO A 89 5.22 8.62 -3.19
N SER A 90 4.33 9.22 -2.41
CA SER A 90 3.26 10.05 -2.98
C SER A 90 3.84 11.09 -3.93
N TYR A 91 3.62 10.87 -5.23
CA TYR A 91 4.11 11.79 -6.25
C TYR A 91 3.24 13.04 -6.32
N GLY A 92 2.05 12.96 -5.74
CA GLY A 92 1.14 14.09 -5.75
C GLY A 92 -0.23 13.74 -5.21
N ALA A 93 -1.24 13.82 -6.07
CA ALA A 93 -2.61 13.50 -5.68
C ALA A 93 -2.71 12.10 -5.09
N CYS A 94 -1.96 11.17 -5.68
CA CYS A 94 -1.96 9.79 -5.20
C CYS A 94 -1.13 9.64 -3.93
N ASN A 95 -1.80 9.57 -2.79
CA ASN A 95 -1.13 9.43 -1.51
C ASN A 95 -1.14 7.98 -1.04
N PHE A 96 -0.02 7.53 -0.51
CA PHE A 96 0.12 6.16 -0.03
C PHE A 96 -0.20 6.08 1.47
N PRO A 97 -0.80 4.95 1.89
CA PRO A 97 -1.16 4.73 3.29
C PRO A 97 0.06 4.53 4.19
N SER A 98 0.14 5.33 5.25
CA SER A 98 1.25 5.25 6.18
C SER A 98 0.79 4.77 7.55
N GLY A 99 -0.51 4.49 7.67
CA GLY A 99 -1.06 4.03 8.92
C GLY A 99 -0.90 5.04 10.03
N SER A 100 -0.25 4.63 11.12
CA SER A 100 -0.04 5.51 12.27
C SER A 100 1.29 6.25 12.14
N ASN A 101 1.22 7.57 12.01
CA ASN A 101 2.40 8.39 11.89
C ASN A 101 3.04 8.66 13.25
N ALA A 1 27.00 -6.49 1.78
CA ALA A 1 27.21 -6.94 3.15
C ALA A 1 25.93 -6.85 3.96
N THR A 2 25.31 -5.67 3.97
CA THR A 2 24.08 -5.45 4.71
C THR A 2 23.17 -4.48 3.97
N PRO A 3 21.85 -4.67 4.13
CA PRO A 3 20.84 -3.82 3.49
C PRO A 3 20.80 -2.41 4.09
N THR A 4 21.23 -1.42 3.30
CA THR A 4 21.25 -0.04 3.75
C THR A 4 19.86 0.59 3.67
N PRO A 5 19.29 0.92 4.84
CA PRO A 5 17.96 1.53 4.93
C PRO A 5 17.94 2.96 4.39
N THR A 6 16.76 3.41 3.99
CA THR A 6 16.60 4.76 3.45
C THR A 6 16.07 5.71 4.51
N PRO A 7 16.33 7.02 4.33
CA PRO A 7 15.88 8.06 5.26
C PRO A 7 14.37 8.25 5.23
N LYS A 8 13.89 9.26 5.95
CA LYS A 8 12.47 9.56 6.01
C LYS A 8 12.13 10.78 5.16
N ALA A 9 11.55 10.54 3.98
CA ALA A 9 11.17 11.62 3.08
C ALA A 9 9.89 12.28 3.54
N ALA A 10 9.55 13.41 2.91
CA ALA A 10 8.35 14.15 3.24
C ALA A 10 7.10 13.27 3.12
N GLY A 11 6.38 13.12 4.22
CA GLY A 11 5.18 12.29 4.21
C GLY A 11 5.49 10.81 4.17
N SER A 12 4.45 9.99 4.24
CA SER A 12 4.61 8.54 4.21
C SER A 12 3.41 7.87 3.57
N TRP A 13 3.67 6.89 2.70
CA TRP A 13 2.61 6.17 2.01
C TRP A 13 2.88 4.67 2.02
N CYS A 14 2.09 3.93 2.79
CA CYS A 14 2.25 2.48 2.89
C CYS A 14 1.64 1.79 1.66
N VAL A 15 2.50 1.38 0.74
CA VAL A 15 2.06 0.70 -0.48
C VAL A 15 3.16 -0.17 -1.05
N PRO A 16 2.76 -1.23 -1.77
CA PRO A 16 3.70 -2.17 -2.39
C PRO A 16 4.45 -1.55 -3.55
N LYS A 17 5.78 -1.57 -3.48
CA LYS A 17 6.62 -1.01 -4.53
C LYS A 17 6.23 -1.57 -5.90
N PRO A 18 5.88 -0.67 -6.82
CA PRO A 18 5.47 -1.05 -8.19
C PRO A 18 6.65 -1.58 -9.00
N GLY A 19 6.89 -2.89 -8.91
CA GLY A 19 7.97 -3.50 -9.65
C GLY A 19 8.37 -4.85 -9.08
N VAL A 20 8.01 -5.09 -7.83
CA VAL A 20 8.33 -6.36 -7.17
C VAL A 20 7.63 -7.52 -7.86
N SER A 21 8.16 -8.72 -7.66
CA SER A 21 7.59 -9.93 -8.26
C SER A 21 6.10 -10.02 -7.95
N ASP A 22 5.27 -9.80 -8.98
CA ASP A 22 3.83 -9.86 -8.82
C ASP A 22 3.43 -10.91 -7.79
N ASP A 23 3.67 -12.18 -8.13
CA ASP A 23 3.33 -13.28 -7.23
C ASP A 23 3.66 -12.92 -5.79
N GLN A 24 4.79 -12.24 -5.59
CA GLN A 24 5.21 -11.83 -4.26
C GLN A 24 4.15 -10.98 -3.59
N LEU A 25 3.69 -9.94 -4.28
CA LEU A 25 2.66 -9.05 -3.74
C LEU A 25 1.32 -9.75 -3.68
N THR A 26 1.05 -10.59 -4.67
CA THR A 26 -0.22 -11.32 -4.72
C THR A 26 -0.49 -12.05 -3.42
N GLY A 27 0.55 -12.19 -2.60
CA GLY A 27 0.40 -12.88 -1.33
C GLY A 27 -0.36 -12.06 -0.31
N ASN A 28 -0.15 -10.74 -0.34
CA ASN A 28 -0.82 -9.84 0.59
C ASN A 28 -2.34 -9.99 0.49
N ILE A 29 -2.90 -9.57 -0.64
CA ILE A 29 -4.34 -9.65 -0.87
C ILE A 29 -4.91 -10.93 -0.26
N ASN A 30 -4.24 -12.05 -0.55
CA ASN A 30 -4.69 -13.35 -0.03
C ASN A 30 -4.85 -13.30 1.48
N TYR A 31 -3.82 -12.78 2.16
CA TYR A 31 -3.84 -12.69 3.61
C TYR A 31 -4.81 -11.59 4.08
N ALA A 32 -4.59 -10.37 3.59
CA ALA A 32 -5.42 -9.24 3.95
C ALA A 32 -6.90 -9.57 3.74
N CYS A 33 -7.19 -10.33 2.69
CA CYS A 33 -8.56 -10.72 2.37
C CYS A 33 -9.22 -11.41 3.56
N SER A 34 -8.40 -11.78 4.55
CA SER A 34 -8.91 -12.46 5.74
C SER A 34 -8.66 -11.62 6.99
N GLN A 35 -8.40 -10.33 6.78
CA GLN A 35 -8.15 -9.42 7.90
C GLN A 35 -9.45 -8.80 8.40
N GLY A 36 -10.21 -8.20 7.47
CA GLY A 36 -11.46 -7.58 7.84
C GLY A 36 -12.00 -6.67 6.75
N ILE A 37 -11.69 -5.39 6.86
CA ILE A 37 -12.14 -4.40 5.87
C ILE A 37 -11.24 -4.40 4.66
N ASP A 38 -10.45 -5.46 4.50
CA ASP A 38 -9.55 -5.57 3.36
C ASP A 38 -10.27 -6.11 2.14
N CYS A 39 -10.83 -7.31 2.26
CA CYS A 39 -11.55 -7.93 1.17
C CYS A 39 -12.92 -7.29 0.98
N GLY A 40 -13.17 -6.76 -0.22
CA GLY A 40 -14.44 -6.13 -0.51
C GLY A 40 -14.28 -4.72 -1.05
N PRO A 41 -13.79 -3.82 -0.20
CA PRO A 41 -13.57 -2.41 -0.58
C PRO A 41 -12.42 -2.25 -1.56
N ILE A 42 -11.86 -3.36 -2.00
CA ILE A 42 -10.74 -3.35 -2.93
C ILE A 42 -11.25 -3.20 -4.37
N GLN A 43 -12.49 -2.75 -4.52
CA GLN A 43 -13.08 -2.57 -5.83
C GLN A 43 -12.71 -1.21 -6.42
N PRO A 44 -12.13 -1.23 -7.63
CA PRO A 44 -11.72 -0.01 -8.32
C PRO A 44 -12.91 0.83 -8.79
N GLY A 45 -12.69 2.13 -8.94
CA GLY A 45 -13.75 3.02 -9.37
C GLY A 45 -13.56 3.48 -10.80
N GLY A 46 -12.32 3.78 -11.17
CA GLY A 46 -12.03 4.24 -12.51
C GLY A 46 -11.09 5.42 -12.54
N ALA A 47 -11.04 6.16 -11.43
CA ALA A 47 -10.17 7.33 -11.33
C ALA A 47 -8.74 6.98 -11.73
N CYS A 48 -8.08 6.18 -10.90
CA CYS A 48 -6.70 5.77 -11.17
C CYS A 48 -6.60 4.27 -11.35
N PHE A 49 -7.68 3.56 -11.00
CA PHE A 49 -7.71 2.11 -11.11
C PHE A 49 -6.91 1.64 -12.31
N GLU A 50 -7.19 2.21 -13.48
CA GLU A 50 -6.49 1.85 -14.70
C GLU A 50 -5.40 2.87 -15.02
N PRO A 51 -4.17 2.38 -15.25
CA PRO A 51 -3.87 0.95 -15.19
C PRO A 51 -3.94 0.40 -13.76
N ASN A 52 -4.31 -0.88 -13.64
CA ASN A 52 -4.41 -1.52 -12.33
C ASN A 52 -3.28 -2.51 -12.12
N THR A 53 -2.92 -2.73 -10.87
CA THR A 53 -1.84 -3.67 -10.53
C THR A 53 -2.40 -4.94 -9.93
N VAL A 54 -1.52 -5.93 -9.72
CA VAL A 54 -1.93 -7.21 -9.15
C VAL A 54 -2.38 -7.04 -7.70
N LYS A 55 -1.45 -6.64 -6.84
CA LYS A 55 -1.76 -6.44 -5.43
C LYS A 55 -2.44 -5.09 -5.20
N ALA A 56 -2.98 -4.52 -6.27
CA ALA A 56 -3.66 -3.24 -6.19
C ALA A 56 -4.70 -3.24 -5.08
N HIS A 57 -5.40 -4.36 -4.93
CA HIS A 57 -6.42 -4.50 -3.91
C HIS A 57 -5.87 -4.17 -2.53
N ALA A 58 -4.77 -4.82 -2.17
CA ALA A 58 -4.13 -4.58 -0.88
C ALA A 58 -3.77 -3.12 -0.70
N ALA A 59 -3.34 -2.48 -1.78
CA ALA A 59 -2.96 -1.07 -1.74
C ALA A 59 -4.13 -0.21 -1.32
N TYR A 60 -5.34 -0.59 -1.74
CA TYR A 60 -6.54 0.16 -1.39
C TYR A 60 -6.84 0.05 0.10
N VAL A 61 -7.01 -1.17 0.57
CA VAL A 61 -7.31 -1.41 1.98
C VAL A 61 -6.27 -0.76 2.88
N MET A 62 -5.01 -0.78 2.44
CA MET A 62 -3.93 -0.19 3.21
C MET A 62 -4.28 1.23 3.65
N ASN A 63 -5.24 1.83 2.95
CA ASN A 63 -5.66 3.19 3.27
C ASN A 63 -6.40 3.23 4.61
N LEU A 64 -7.54 2.53 4.67
CA LEU A 64 -8.33 2.49 5.89
C LEU A 64 -7.69 1.59 6.93
N TYR A 65 -7.37 0.36 6.53
CA TYR A 65 -6.74 -0.60 7.43
C TYR A 65 -5.60 0.05 8.22
N TYR A 66 -4.72 0.73 7.50
CA TYR A 66 -3.58 1.41 8.13
C TYR A 66 -4.06 2.41 9.17
N GLN A 67 -5.26 2.94 8.97
CA GLN A 67 -5.83 3.91 9.90
C GLN A 67 -6.84 3.27 10.83
N HIS A 68 -7.07 1.97 10.63
CA HIS A 68 -8.02 1.22 11.46
C HIS A 68 -7.43 0.96 12.85
N ALA A 69 -6.15 0.60 12.88
CA ALA A 69 -5.48 0.32 14.15
C ALA A 69 -5.15 1.61 14.89
N GLY A 70 -4.43 2.51 14.23
CA GLY A 70 -4.07 3.78 14.84
C GLY A 70 -3.25 4.65 13.92
N ARG A 71 -3.40 4.44 12.61
CA ARG A 71 -2.66 5.21 11.62
C ARG A 71 -1.16 5.23 11.94
N ASN A 72 -0.63 4.07 12.29
CA ASN A 72 0.79 3.94 12.62
C ASN A 72 1.53 3.16 11.54
N SER A 73 2.85 3.13 11.66
CA SER A 73 3.68 2.42 10.69
C SER A 73 3.58 0.91 10.89
N TRP A 74 3.24 0.50 12.10
CA TRP A 74 3.10 -0.92 12.42
C TRP A 74 1.76 -1.45 11.93
N ASN A 75 0.98 -0.60 11.29
CA ASN A 75 -0.32 -1.00 10.77
C ASN A 75 -0.18 -1.88 9.53
N CYS A 76 0.96 -1.76 8.86
CA CYS A 76 1.22 -2.55 7.66
C CYS A 76 1.73 -3.94 8.02
N ASP A 77 0.84 -4.93 7.94
CA ASP A 77 1.20 -6.30 8.26
C ASP A 77 1.03 -7.20 7.04
N PHE A 78 0.82 -6.59 5.89
CA PHE A 78 0.64 -7.34 4.65
C PHE A 78 1.87 -8.19 4.35
N SER A 79 2.98 -7.55 4.04
CA SER A 79 4.22 -8.25 3.73
C SER A 79 5.38 -7.27 3.59
N GLN A 80 6.57 -7.81 3.34
CA GLN A 80 7.77 -6.99 3.20
C GLN A 80 7.67 -6.11 1.95
N THR A 81 6.58 -6.27 1.21
CA THR A 81 6.36 -5.50 -0.01
C THR A 81 5.59 -4.22 0.28
N ALA A 82 4.47 -4.36 0.98
CA ALA A 82 3.63 -3.22 1.32
C ALA A 82 4.16 -2.51 2.57
N THR A 83 4.84 -1.38 2.35
CA THR A 83 5.39 -0.62 3.46
C THR A 83 5.42 0.87 3.13
N LEU A 84 5.88 1.67 4.09
CA LEU A 84 5.95 3.12 3.90
C LEU A 84 6.98 3.48 2.84
N THR A 85 6.52 4.03 1.73
CA THR A 85 7.40 4.41 0.64
C THR A 85 7.88 5.85 0.80
N ASN A 86 8.89 6.23 0.02
CA ASN A 86 9.45 7.58 0.09
C ASN A 86 8.35 8.62 -0.06
N THR A 87 8.75 9.88 -0.23
CA THR A 87 7.81 10.97 -0.38
C THR A 87 6.68 10.60 -1.34
N ASN A 88 5.67 11.46 -1.43
CA ASN A 88 4.54 11.22 -2.31
C ASN A 88 5.00 10.89 -3.73
N PRO A 89 4.89 9.62 -4.12
CA PRO A 89 5.29 9.16 -5.44
C PRO A 89 4.37 9.66 -6.54
N SER A 90 3.39 10.48 -6.15
CA SER A 90 2.44 11.04 -7.11
C SER A 90 3.17 11.71 -8.26
N TYR A 91 3.13 11.07 -9.43
CA TYR A 91 3.78 11.61 -10.61
C TYR A 91 3.02 12.80 -11.17
N GLY A 92 1.77 12.94 -10.75
CA GLY A 92 0.94 14.04 -11.22
C GLY A 92 -0.51 13.87 -10.84
N ALA A 93 -1.36 13.64 -11.85
CA ALA A 93 -2.79 13.45 -11.63
C ALA A 93 -3.05 12.25 -10.73
N CYS A 94 -2.25 11.20 -10.91
CA CYS A 94 -2.41 9.98 -10.12
C CYS A 94 -1.62 10.08 -8.82
N ASN A 95 -2.33 10.35 -7.72
CA ASN A 95 -1.70 10.46 -6.42
C ASN A 95 -1.85 9.17 -5.62
N PHE A 96 -0.90 8.92 -4.73
CA PHE A 96 -0.92 7.72 -3.91
C PHE A 96 -1.63 7.98 -2.58
N PRO A 97 -2.19 6.91 -1.98
CA PRO A 97 -2.90 7.00 -0.70
C PRO A 97 -1.96 7.29 0.46
N SER A 98 -2.12 8.46 1.07
CA SER A 98 -1.27 8.84 2.19
C SER A 98 -1.89 8.38 3.51
N GLY A 99 -3.14 7.94 3.46
CA GLY A 99 -3.82 7.47 4.65
C GLY A 99 -4.13 8.60 5.62
N SER A 100 -3.37 8.67 6.71
CA SER A 100 -3.57 9.70 7.72
C SER A 100 -2.68 10.91 7.45
N ASN A 101 -3.04 12.05 8.05
CA ASN A 101 -2.28 13.27 7.87
C ASN A 101 -1.14 13.35 8.88
N ALA A 1 25.01 12.61 26.96
CA ALA A 1 24.55 12.72 25.59
C ALA A 1 23.39 11.75 25.32
N THR A 2 22.36 12.25 24.65
CA THR A 2 21.19 11.44 24.33
C THR A 2 21.17 11.08 22.84
N PRO A 3 20.71 9.86 22.55
CA PRO A 3 20.61 9.35 21.17
C PRO A 3 19.52 10.07 20.37
N THR A 4 19.76 10.24 19.07
CA THR A 4 18.80 10.90 18.21
C THR A 4 18.34 9.98 17.09
N PRO A 5 17.07 9.57 17.14
CA PRO A 5 16.47 8.68 16.14
C PRO A 5 16.30 9.37 14.78
N THR A 6 15.89 8.59 13.78
CA THR A 6 15.68 9.12 12.44
C THR A 6 14.21 9.43 12.19
N PRO A 7 13.91 10.69 11.87
CA PRO A 7 12.55 11.14 11.60
C PRO A 7 12.00 10.59 10.28
N LYS A 8 10.82 11.05 9.89
CA LYS A 8 10.19 10.59 8.66
C LYS A 8 9.67 11.78 7.85
N ALA A 9 10.43 12.14 6.81
CA ALA A 9 10.04 13.25 5.95
C ALA A 9 8.71 12.99 5.26
N ALA A 10 8.12 14.04 4.68
CA ALA A 10 6.85 13.91 3.99
C ALA A 10 6.94 12.90 2.85
N GLY A 11 5.81 12.67 2.18
CA GLY A 11 5.79 11.73 1.08
C GLY A 11 6.02 10.30 1.52
N SER A 12 4.94 9.50 1.54
CA SER A 12 5.03 8.12 1.96
C SER A 12 3.86 7.31 1.40
N TRP A 13 4.19 6.26 0.64
CA TRP A 13 3.17 5.41 0.04
C TRP A 13 3.45 3.94 0.33
N CYS A 14 2.55 3.29 1.07
CA CYS A 14 2.70 1.89 1.41
C CYS A 14 2.06 0.99 0.36
N VAL A 15 2.88 0.41 -0.51
CA VAL A 15 2.40 -0.46 -1.56
C VAL A 15 3.46 -1.49 -1.96
N PRO A 16 3.01 -2.65 -2.46
CA PRO A 16 3.90 -3.73 -2.89
C PRO A 16 4.66 -3.38 -4.15
N LYS A 17 5.98 -3.52 -4.11
CA LYS A 17 6.83 -3.22 -5.25
C LYS A 17 6.33 -3.95 -6.50
N PRO A 18 5.95 -3.17 -7.53
CA PRO A 18 5.45 -3.72 -8.79
C PRO A 18 6.55 -4.41 -9.59
N GLY A 19 6.70 -5.71 -9.39
CA GLY A 19 7.72 -6.46 -10.10
C GLY A 19 8.11 -7.72 -9.38
N VAL A 20 7.96 -7.73 -8.06
CA VAL A 20 8.31 -8.89 -7.25
C VAL A 20 7.51 -10.12 -7.69
N SER A 21 7.90 -11.28 -7.18
CA SER A 21 7.22 -12.53 -7.51
C SER A 21 5.73 -12.43 -7.22
N ASP A 22 4.93 -12.44 -8.29
CA ASP A 22 3.48 -12.35 -8.15
C ASP A 22 2.99 -13.16 -6.95
N ASP A 23 3.35 -14.45 -6.92
CA ASP A 23 2.95 -15.33 -5.82
C ASP A 23 3.35 -14.73 -4.48
N GLN A 24 4.48 -14.03 -4.46
CA GLN A 24 4.97 -13.41 -3.23
C GLN A 24 4.06 -12.28 -2.80
N LEU A 25 3.70 -11.42 -3.74
CA LEU A 25 2.83 -10.29 -3.45
C LEU A 25 1.40 -10.74 -3.14
N THR A 26 0.83 -11.52 -4.06
CA THR A 26 -0.52 -12.03 -3.88
C THR A 26 -0.76 -12.48 -2.45
N GLY A 27 0.17 -13.27 -1.91
CA GLY A 27 0.04 -13.75 -0.55
C GLY A 27 -0.61 -12.74 0.37
N ASN A 28 -0.33 -11.46 0.12
CA ASN A 28 -0.91 -10.39 0.94
C ASN A 28 -2.43 -10.42 0.88
N ILE A 29 -2.97 -10.17 -0.30
CA ILE A 29 -4.42 -10.17 -0.49
C ILE A 29 -5.09 -11.24 0.37
N ASN A 30 -4.48 -12.42 0.42
CA ASN A 30 -5.01 -13.52 1.20
C ASN A 30 -5.07 -13.16 2.69
N TYR A 31 -3.99 -12.58 3.19
CA TYR A 31 -3.92 -12.18 4.59
C TYR A 31 -4.77 -10.95 4.85
N ALA A 32 -4.49 -9.87 4.14
CA ALA A 32 -5.23 -8.62 4.29
C ALA A 32 -6.74 -8.88 4.26
N CYS A 33 -7.19 -9.62 3.24
CA CYS A 33 -8.60 -9.94 3.10
C CYS A 33 -9.19 -10.41 4.42
N SER A 34 -8.32 -10.90 5.30
CA SER A 34 -8.76 -11.40 6.60
C SER A 34 -8.99 -10.24 7.58
N GLN A 35 -9.02 -9.02 7.05
CA GLN A 35 -9.22 -7.84 7.87
C GLN A 35 -10.68 -7.40 7.84
N GLY A 36 -11.26 -7.36 6.64
CA GLY A 36 -12.65 -6.95 6.51
C GLY A 36 -12.84 -5.93 5.41
N ILE A 37 -11.95 -4.94 5.35
CA ILE A 37 -12.04 -3.89 4.35
C ILE A 37 -11.03 -4.14 3.21
N ASP A 38 -10.31 -5.26 3.31
CA ASP A 38 -9.33 -5.60 2.30
C ASP A 38 -10.00 -6.11 1.03
N CYS A 39 -10.60 -7.30 1.11
CA CYS A 39 -11.28 -7.91 -0.03
C CYS A 39 -12.67 -7.32 -0.19
N GLY A 40 -12.98 -6.89 -1.41
CA GLY A 40 -14.29 -6.32 -1.68
C GLY A 40 -14.20 -4.91 -2.25
N PRO A 41 -13.76 -3.96 -1.42
CA PRO A 41 -13.61 -2.55 -1.83
C PRO A 41 -12.48 -2.36 -2.82
N ILE A 42 -11.89 -3.46 -3.28
CA ILE A 42 -10.79 -3.40 -4.23
C ILE A 42 -11.32 -3.24 -5.66
N GLN A 43 -12.57 -2.83 -5.78
CA GLN A 43 -13.19 -2.63 -7.08
C GLN A 43 -12.62 -1.38 -7.77
N PRO A 44 -12.05 -1.57 -8.97
CA PRO A 44 -11.46 -0.49 -9.75
C PRO A 44 -12.52 0.46 -10.30
N GLY A 45 -12.10 1.36 -11.20
CA GLY A 45 -13.02 2.30 -11.79
C GLY A 45 -12.87 2.41 -13.29
N GLY A 46 -11.65 2.15 -13.77
CA GLY A 46 -11.39 2.23 -15.20
C GLY A 46 -10.38 3.31 -15.56
N ALA A 47 -10.30 4.33 -14.70
CA ALA A 47 -9.36 5.42 -14.93
C ALA A 47 -7.93 4.91 -15.07
N CYS A 48 -7.38 4.40 -13.97
CA CYS A 48 -6.02 3.88 -13.96
C CYS A 48 -6.01 2.40 -13.62
N PHE A 49 -7.19 1.77 -13.67
CA PHE A 49 -7.32 0.36 -13.37
C PHE A 49 -6.26 -0.46 -14.11
N GLU A 50 -6.29 -0.39 -15.43
CA GLU A 50 -5.32 -1.12 -16.26
C GLU A 50 -4.11 -0.26 -16.58
N PRO A 51 -2.93 -0.88 -16.59
CA PRO A 51 -2.78 -2.31 -16.32
C PRO A 51 -3.06 -2.65 -14.86
N ASN A 52 -3.61 -3.84 -14.63
CA ASN A 52 -3.92 -4.28 -13.27
C ASN A 52 -2.85 -5.24 -12.75
N THR A 53 -2.53 -5.12 -11.47
CA THR A 53 -1.53 -5.97 -10.85
C THR A 53 -2.16 -7.15 -10.12
N VAL A 54 -1.38 -8.19 -9.88
CA VAL A 54 -1.87 -9.37 -9.17
C VAL A 54 -2.23 -9.04 -7.73
N LYS A 55 -1.27 -8.51 -6.99
CA LYS A 55 -1.48 -8.15 -5.60
C LYS A 55 -2.19 -6.80 -5.49
N ALA A 56 -2.81 -6.38 -6.58
CA ALA A 56 -3.54 -5.10 -6.60
C ALA A 56 -4.48 -4.99 -5.41
N HIS A 57 -5.36 -5.98 -5.28
CA HIS A 57 -6.33 -5.98 -4.18
C HIS A 57 -5.72 -5.39 -2.91
N ALA A 58 -4.56 -5.89 -2.53
CA ALA A 58 -3.86 -5.41 -1.34
C ALA A 58 -3.46 -3.96 -1.49
N ALA A 59 -2.97 -3.60 -2.67
CA ALA A 59 -2.55 -2.23 -2.94
C ALA A 59 -3.70 -1.26 -2.77
N TYR A 60 -4.83 -1.57 -3.39
CA TYR A 60 -6.02 -0.73 -3.31
C TYR A 60 -6.39 -0.45 -1.85
N VAL A 61 -6.74 -1.51 -1.13
CA VAL A 61 -7.12 -1.39 0.28
C VAL A 61 -6.04 -0.69 1.08
N MET A 62 -4.78 -0.95 0.72
CA MET A 62 -3.64 -0.35 1.41
C MET A 62 -3.88 1.14 1.63
N ASN A 63 -4.77 1.73 0.84
CA ASN A 63 -5.08 3.15 0.95
C ASN A 63 -5.91 3.42 2.21
N LEU A 64 -6.90 2.58 2.45
CA LEU A 64 -7.76 2.73 3.62
C LEU A 64 -7.21 1.95 4.81
N TYR A 65 -6.87 0.69 4.58
CA TYR A 65 -6.33 -0.16 5.64
C TYR A 65 -5.24 0.56 6.41
N TYR A 66 -4.33 1.20 5.68
CA TYR A 66 -3.22 1.93 6.30
C TYR A 66 -3.75 3.00 7.26
N GLN A 67 -4.93 3.53 6.95
CA GLN A 67 -5.54 4.56 7.79
C GLN A 67 -6.56 3.95 8.74
N HIS A 68 -6.80 2.65 8.60
CA HIS A 68 -7.75 1.95 9.44
C HIS A 68 -7.19 1.73 10.84
N ALA A 69 -5.91 1.38 10.91
CA ALA A 69 -5.24 1.15 12.18
C ALA A 69 -4.92 2.46 12.88
N GLY A 70 -4.12 3.30 12.22
CA GLY A 70 -3.74 4.58 12.79
C GLY A 70 -3.01 5.46 11.80
N ARG A 71 -3.19 5.19 10.52
CA ARG A 71 -2.55 5.97 9.47
C ARG A 71 -1.05 6.06 9.71
N ASN A 72 -0.48 5.02 10.31
CA ASN A 72 0.95 4.99 10.61
C ASN A 72 1.68 4.06 9.64
N SER A 73 3.01 4.15 9.64
CA SER A 73 3.82 3.32 8.76
C SER A 73 3.76 1.85 9.20
N TRP A 74 3.44 1.63 10.46
CA TRP A 74 3.35 0.28 11.00
C TRP A 74 2.02 -0.37 10.64
N ASN A 75 1.20 0.36 9.88
CA ASN A 75 -0.10 -0.15 9.45
C ASN A 75 0.05 -1.23 8.38
N CYS A 76 1.23 -1.29 7.77
CA CYS A 76 1.51 -2.26 6.73
C CYS A 76 1.91 -3.61 7.35
N ASP A 77 0.98 -4.55 7.37
CA ASP A 77 1.24 -5.87 7.91
C ASP A 77 1.07 -6.95 6.85
N PHE A 78 0.93 -6.51 5.60
CA PHE A 78 0.77 -7.45 4.48
C PHE A 78 1.96 -8.38 4.38
N SER A 79 3.11 -7.82 4.00
CA SER A 79 4.33 -8.61 3.86
C SER A 79 5.54 -7.70 3.61
N GLN A 80 6.71 -8.31 3.50
CA GLN A 80 7.93 -7.56 3.25
C GLN A 80 7.91 -6.89 1.88
N THR A 81 6.83 -7.13 1.13
CA THR A 81 6.68 -6.56 -0.19
C THR A 81 5.94 -5.22 -0.13
N ALA A 82 4.79 -5.23 0.52
CA ALA A 82 3.98 -4.02 0.66
C ALA A 82 4.46 -3.17 1.82
N THR A 83 5.19 -2.10 1.50
CA THR A 83 5.72 -1.20 2.52
C THR A 83 5.81 0.22 1.99
N LEU A 84 6.23 1.14 2.86
CA LEU A 84 6.36 2.54 2.49
C LEU A 84 7.46 2.73 1.44
N THR A 85 7.11 3.39 0.34
CA THR A 85 8.07 3.63 -0.74
C THR A 85 8.51 5.09 -0.76
N ASN A 86 9.54 5.38 -1.55
CA ASN A 86 10.05 6.74 -1.66
C ASN A 86 8.95 7.72 -2.02
N THR A 87 9.33 8.94 -2.38
CA THR A 87 8.37 9.97 -2.74
C THR A 87 7.31 9.41 -3.69
N ASN A 88 6.31 10.24 -4.00
CA ASN A 88 5.23 9.83 -4.89
C ASN A 88 5.79 9.26 -6.20
N PRO A 89 5.69 7.94 -6.35
CA PRO A 89 6.18 7.25 -7.56
C PRO A 89 5.33 7.55 -8.78
N SER A 90 4.32 8.40 -8.61
CA SER A 90 3.43 8.78 -9.70
C SER A 90 4.24 9.27 -10.91
N TYR A 91 4.27 8.46 -11.96
CA TYR A 91 5.01 8.81 -13.17
C TYR A 91 4.29 9.92 -13.93
N GLY A 92 3.03 10.14 -13.61
CA GLY A 92 2.26 11.18 -14.27
C GLY A 92 0.80 11.18 -13.85
N ALA A 93 -0.07 10.76 -14.75
CA ALA A 93 -1.50 10.72 -14.47
C ALA A 93 -1.82 9.66 -13.42
N CYS A 94 -1.08 8.55 -13.46
CA CYS A 94 -1.29 7.46 -12.51
C CYS A 94 -0.56 7.74 -11.21
N ASN A 95 -1.31 8.16 -10.20
CA ASN A 95 -0.73 8.46 -8.89
C ASN A 95 -0.93 7.29 -7.93
N PHE A 96 0.01 7.13 -7.00
CA PHE A 96 -0.06 6.06 -6.02
C PHE A 96 -0.80 6.51 -4.77
N PRO A 97 -1.39 5.53 -4.05
CA PRO A 97 -2.14 5.80 -2.82
C PRO A 97 -1.24 6.25 -1.68
N SER A 98 -1.41 7.49 -1.24
CA SER A 98 -0.61 8.04 -0.15
C SER A 98 -1.28 7.81 1.20
N GLY A 99 -2.54 7.36 1.15
CA GLY A 99 -3.27 7.11 2.38
C GLY A 99 -3.45 8.35 3.21
N SER A 100 -3.29 9.51 2.60
CA SER A 100 -3.42 10.79 3.30
C SER A 100 -3.72 11.92 2.32
N ASN A 101 -4.97 12.39 2.34
CA ASN A 101 -5.39 13.47 1.46
C ASN A 101 -5.32 14.82 2.18
N ALA A 1 -6.66 18.81 16.89
CA ALA A 1 -5.40 18.18 16.50
C ALA A 1 -4.25 18.72 17.33
N THR A 2 -3.30 17.84 17.66
CA THR A 2 -2.14 18.22 18.45
C THR A 2 -0.84 17.98 17.67
N PRO A 3 0.06 18.98 17.73
CA PRO A 3 1.35 18.90 17.04
C PRO A 3 2.29 17.89 17.67
N THR A 4 2.48 16.76 17.00
CA THR A 4 3.35 15.70 17.49
C THR A 4 4.17 15.09 16.36
N PRO A 5 5.38 14.63 16.70
CA PRO A 5 6.29 14.01 15.72
C PRO A 5 5.79 12.63 15.27
N THR A 6 5.93 12.35 13.97
CA THR A 6 5.50 11.08 13.42
C THR A 6 6.68 10.25 12.94
N PRO A 7 6.60 8.92 13.13
CA PRO A 7 7.66 8.00 12.74
C PRO A 7 7.78 7.88 11.22
N LYS A 8 7.00 8.67 10.50
CA LYS A 8 7.03 8.66 9.04
C LYS A 8 8.45 8.81 8.52
N ALA A 9 9.04 7.70 8.10
CA ALA A 9 10.39 7.69 7.57
C ALA A 9 10.48 8.50 6.27
N ALA A 10 11.70 8.85 5.87
CA ALA A 10 11.92 9.61 4.65
C ALA A 10 11.85 8.72 3.42
N GLY A 11 11.20 9.21 2.37
CA GLY A 11 11.09 8.44 1.15
C GLY A 11 10.93 6.95 1.41
N SER A 12 9.67 6.51 1.50
CA SER A 12 9.39 5.10 1.76
C SER A 12 7.98 4.74 1.30
N TRP A 13 7.87 3.70 0.50
CA TRP A 13 6.59 3.25 -0.01
C TRP A 13 6.43 1.73 0.12
N CYS A 14 5.38 1.31 0.82
CA CYS A 14 5.12 -0.11 1.02
C CYS A 14 4.12 -0.63 0.00
N VAL A 15 4.63 -1.33 -1.02
CA VAL A 15 3.78 -1.89 -2.06
C VAL A 15 4.42 -3.12 -2.69
N PRO A 16 3.58 -4.04 -3.19
CA PRO A 16 4.04 -5.27 -3.83
C PRO A 16 4.72 -5.01 -5.17
N LYS A 17 5.91 -5.58 -5.34
CA LYS A 17 6.67 -5.42 -6.57
C LYS A 17 5.81 -5.75 -7.79
N PRO A 18 5.65 -4.77 -8.69
CA PRO A 18 4.86 -4.95 -9.91
C PRO A 18 5.53 -5.89 -10.92
N GLY A 19 5.38 -7.19 -10.69
CA GLY A 19 5.98 -8.17 -11.58
C GLY A 19 5.84 -9.59 -11.05
N VAL A 20 5.75 -9.73 -9.73
CA VAL A 20 5.61 -11.04 -9.11
C VAL A 20 4.35 -11.74 -9.61
N SER A 21 4.27 -13.05 -9.37
CA SER A 21 3.13 -13.85 -9.79
C SER A 21 1.83 -13.26 -9.23
N ASP A 22 0.97 -12.79 -10.12
CA ASP A 22 -0.30 -12.21 -9.72
C ASP A 22 -0.90 -12.98 -8.55
N ASP A 23 -1.30 -14.22 -8.80
CA ASP A 23 -1.88 -15.06 -7.76
C ASP A 23 -1.17 -14.87 -6.43
N GLN A 24 0.16 -14.81 -6.48
CA GLN A 24 0.97 -14.62 -5.28
C GLN A 24 0.60 -13.32 -4.57
N LEU A 25 0.53 -12.24 -5.33
CA LEU A 25 0.19 -10.93 -4.78
C LEU A 25 -1.28 -10.87 -4.38
N THR A 26 -2.11 -11.67 -5.07
CA THR A 26 -3.53 -11.71 -4.80
C THR A 26 -3.81 -12.16 -3.37
N GLY A 27 -3.06 -13.16 -2.91
CA GLY A 27 -3.23 -13.67 -1.57
C GLY A 27 -3.21 -12.57 -0.53
N ASN A 28 -2.42 -11.53 -0.78
CA ASN A 28 -2.31 -10.41 0.15
C ASN A 28 -3.69 -9.80 0.44
N ILE A 29 -4.47 -9.62 -0.62
CA ILE A 29 -5.81 -9.05 -0.49
C ILE A 29 -6.69 -9.92 0.41
N ASN A 30 -6.96 -11.14 -0.04
CA ASN A 30 -7.79 -12.07 0.72
C ASN A 30 -7.51 -11.95 2.22
N TYR A 31 -6.23 -11.83 2.56
CA TYR A 31 -5.82 -11.71 3.95
C TYR A 31 -6.13 -10.32 4.49
N ALA A 32 -5.41 -9.32 4.00
CA ALA A 32 -5.60 -7.94 4.43
C ALA A 32 -7.08 -7.57 4.41
N CYS A 33 -7.87 -8.33 3.67
CA CYS A 33 -9.31 -8.08 3.57
C CYS A 33 -10.01 -8.42 4.89
N SER A 34 -9.23 -8.85 5.88
CA SER A 34 -9.77 -9.21 7.18
C SER A 34 -9.36 -8.18 8.25
N GLN A 35 -8.93 -7.01 7.80
CA GLN A 35 -8.51 -5.95 8.70
C GLN A 35 -9.64 -4.95 8.93
N GLY A 36 -10.26 -4.49 7.84
CA GLY A 36 -11.34 -3.54 7.94
C GLY A 36 -11.26 -2.45 6.89
N ILE A 37 -10.18 -1.68 6.91
CA ILE A 37 -9.98 -0.61 5.95
C ILE A 37 -9.43 -1.14 4.63
N ASP A 38 -9.45 -2.46 4.47
CA ASP A 38 -8.96 -3.09 3.26
C ASP A 38 -10.06 -3.20 2.21
N CYS A 39 -11.09 -3.97 2.53
CA CYS A 39 -12.21 -4.16 1.60
C CYS A 39 -13.17 -2.97 1.66
N GLY A 40 -13.34 -2.30 0.53
CA GLY A 40 -14.23 -1.15 0.47
C GLY A 40 -13.54 0.09 -0.05
N PRO A 41 -12.61 0.64 0.74
CA PRO A 41 -11.86 1.84 0.37
C PRO A 41 -10.88 1.58 -0.78
N ILE A 42 -10.94 0.38 -1.34
CA ILE A 42 -10.06 0.02 -2.44
C ILE A 42 -10.60 0.53 -3.77
N GLN A 43 -11.51 1.50 -3.69
CA GLN A 43 -12.10 2.09 -4.90
C GLN A 43 -11.11 3.00 -5.60
N PRO A 44 -10.86 2.72 -6.89
CA PRO A 44 -9.93 3.51 -7.72
C PRO A 44 -10.46 4.90 -8.01
N GLY A 45 -9.68 5.68 -8.76
CA GLY A 45 -10.09 7.04 -9.11
C GLY A 45 -10.03 7.29 -10.60
N GLY A 46 -9.05 6.71 -11.26
CA GLY A 46 -8.90 6.89 -12.70
C GLY A 46 -7.53 7.41 -13.08
N ALA A 47 -6.89 8.13 -12.16
CA ALA A 47 -5.56 8.68 -12.41
C ALA A 47 -4.60 7.60 -12.88
N CYS A 48 -4.26 6.68 -11.98
CA CYS A 48 -3.34 5.59 -12.29
C CYS A 48 -4.04 4.25 -12.15
N PHE A 49 -5.27 4.27 -11.66
CA PHE A 49 -6.04 3.04 -11.49
C PHE A 49 -5.83 2.08 -12.66
N GLU A 50 -6.05 2.60 -13.86
CA GLU A 50 -5.89 1.79 -15.07
C GLU A 50 -4.54 2.04 -15.73
N PRO A 51 -3.82 0.96 -16.03
CA PRO A 51 -4.28 -0.40 -15.78
C PRO A 51 -4.31 -0.73 -14.29
N ASN A 52 -5.20 -1.64 -13.91
CA ASN A 52 -5.32 -2.04 -12.51
C ASN A 52 -4.65 -3.39 -12.27
N THR A 53 -4.05 -3.53 -11.09
CA THR A 53 -3.36 -4.77 -10.73
C THR A 53 -4.27 -5.70 -9.94
N VAL A 54 -3.93 -6.98 -9.91
CA VAL A 54 -4.72 -7.97 -9.18
C VAL A 54 -4.68 -7.71 -7.68
N LYS A 55 -3.46 -7.60 -7.14
CA LYS A 55 -3.29 -7.36 -5.71
C LYS A 55 -3.45 -5.87 -5.39
N ALA A 56 -4.08 -5.14 -6.31
CA ALA A 56 -4.31 -3.71 -6.12
C ALA A 56 -4.94 -3.43 -4.77
N HIS A 57 -6.08 -4.06 -4.51
CA HIS A 57 -6.80 -3.88 -3.24
C HIS A 57 -5.81 -3.71 -2.10
N ALA A 58 -4.83 -4.62 -2.01
CA ALA A 58 -3.83 -4.57 -0.95
C ALA A 58 -2.96 -3.32 -1.08
N ALA A 59 -2.64 -2.96 -2.32
CA ALA A 59 -1.82 -1.78 -2.58
C ALA A 59 -2.48 -0.51 -2.05
N TYR A 60 -3.72 -0.29 -2.47
CA TYR A 60 -4.47 0.89 -2.03
C TYR A 60 -4.51 0.98 -0.51
N VAL A 61 -5.14 -0.01 0.11
CA VAL A 61 -5.25 -0.04 1.56
C VAL A 61 -3.88 0.08 2.23
N MET A 62 -2.87 -0.53 1.61
CA MET A 62 -1.52 -0.49 2.13
C MET A 62 -1.13 0.93 2.54
N ASN A 63 -1.84 1.90 2.00
CA ASN A 63 -1.58 3.30 2.30
C ASN A 63 -2.04 3.65 3.71
N LEU A 64 -3.31 3.36 3.99
CA LEU A 64 -3.88 3.65 5.31
C LEU A 64 -3.47 2.57 6.32
N TYR A 65 -3.58 1.31 5.90
CA TYR A 65 -3.23 0.19 6.77
C TYR A 65 -1.86 0.41 7.41
N TYR A 66 -0.88 0.75 6.58
CA TYR A 66 0.48 0.98 7.06
C TYR A 66 0.50 2.04 8.15
N GLN A 67 -0.42 2.99 8.06
CA GLN A 67 -0.51 4.06 9.06
C GLN A 67 -1.55 3.74 10.11
N HIS A 68 -2.26 2.62 9.92
CA HIS A 68 -3.29 2.20 10.87
C HIS A 68 -2.67 1.63 12.13
N ALA A 69 -1.60 0.84 11.95
CA ALA A 69 -0.91 0.23 13.09
C ALA A 69 -0.04 1.25 13.81
N GLY A 70 0.94 1.80 13.09
CA GLY A 70 1.83 2.77 13.69
C GLY A 70 2.70 3.47 12.66
N ARG A 71 2.27 3.44 11.40
CA ARG A 71 3.02 4.07 10.32
C ARG A 71 4.47 3.59 10.32
N ASN A 72 4.68 2.34 10.72
CA ASN A 72 6.02 1.77 10.76
C ASN A 72 6.23 0.78 9.62
N SER A 73 7.49 0.39 9.41
CA SER A 73 7.83 -0.56 8.36
C SER A 73 7.29 -1.94 8.68
N TRP A 74 7.06 -2.20 9.96
CA TRP A 74 6.55 -3.50 10.40
C TRP A 74 5.04 -3.57 10.24
N ASN A 75 4.46 -2.52 9.67
CA ASN A 75 3.02 -2.47 9.45
C ASN A 75 2.61 -3.37 8.30
N CYS A 76 3.56 -3.65 7.40
CA CYS A 76 3.30 -4.51 6.25
C CYS A 76 3.41 -5.98 6.64
N ASP A 77 2.27 -6.62 6.82
CA ASP A 77 2.23 -8.03 7.20
C ASP A 77 1.54 -8.87 6.12
N PHE A 78 1.30 -8.24 4.96
CA PHE A 78 0.65 -8.92 3.85
C PHE A 78 1.42 -10.18 3.44
N SER A 79 2.61 -9.98 2.89
CA SER A 79 3.44 -11.09 2.44
C SER A 79 4.83 -10.59 2.03
N GLN A 80 5.69 -11.52 1.65
CA GLN A 80 7.04 -11.18 1.22
C GLN A 80 7.03 -10.36 -0.06
N THR A 81 5.83 -10.14 -0.60
CA THR A 81 5.68 -9.38 -1.83
C THR A 81 5.45 -7.90 -1.54
N ALA A 82 4.48 -7.62 -0.67
CA ALA A 82 4.18 -6.23 -0.31
C ALA A 82 5.12 -5.74 0.79
N THR A 83 6.04 -4.86 0.41
CA THR A 83 7.01 -4.30 1.35
C THR A 83 7.46 -2.91 0.92
N LEU A 84 8.31 -2.29 1.73
CA LEU A 84 8.82 -0.96 1.43
C LEU A 84 9.72 -0.99 0.20
N THR A 85 9.80 0.14 -0.49
CA THR A 85 10.63 0.25 -1.69
C THR A 85 11.48 1.52 -1.67
N ASN A 86 12.44 1.59 -2.57
CA ASN A 86 13.33 2.75 -2.65
C ASN A 86 12.53 4.04 -2.77
N THR A 87 13.21 5.14 -3.09
CA THR A 87 12.57 6.43 -3.23
C THR A 87 11.28 6.32 -4.05
N ASN A 88 10.54 7.42 -4.14
CA ASN A 88 9.30 7.44 -4.90
C ASN A 88 9.51 6.89 -6.31
N PRO A 89 8.99 5.68 -6.55
CA PRO A 89 9.11 5.02 -7.85
C PRO A 89 8.25 5.70 -8.92
N SER A 90 7.54 6.74 -8.53
CA SER A 90 6.68 7.48 -9.45
C SER A 90 7.46 7.88 -10.70
N TYR A 91 7.18 7.20 -11.81
CA TYR A 91 7.85 7.48 -13.07
C TYR A 91 7.22 8.70 -13.75
N GLY A 92 6.02 9.06 -13.32
CA GLY A 92 5.33 10.19 -13.90
C GLY A 92 3.95 10.40 -13.31
N ALA A 93 2.92 10.19 -14.12
CA ALA A 93 1.55 10.35 -13.68
C ALA A 93 1.19 9.34 -12.60
N CYS A 94 1.70 8.12 -12.76
CA CYS A 94 1.45 7.05 -11.80
C CYS A 94 2.27 7.24 -10.54
N ASN A 95 1.63 7.74 -9.48
CA ASN A 95 2.30 7.97 -8.20
C ASN A 95 2.01 6.84 -7.23
N PHE A 96 3.03 6.47 -6.45
CA PHE A 96 2.88 5.40 -5.46
C PHE A 96 2.49 5.96 -4.10
N PRO A 97 1.60 5.25 -3.40
CA PRO A 97 1.12 5.66 -2.07
C PRO A 97 2.21 5.54 -1.01
N SER A 98 2.38 6.58 -0.21
CA SER A 98 3.39 6.59 0.85
C SER A 98 2.73 6.73 2.22
N GLY A 99 1.41 6.87 2.22
CA GLY A 99 0.69 7.02 3.47
C GLY A 99 -0.05 8.34 3.57
N SER A 100 0.57 9.39 3.05
CA SER A 100 -0.02 10.73 3.08
C SER A 100 -1.20 10.82 2.12
N ASN A 101 -2.41 10.85 2.68
CA ASN A 101 -3.62 10.94 1.87
C ASN A 101 -3.95 12.39 1.55
N ALA A 1 1.67 27.81 -6.43
CA ALA A 1 2.29 27.69 -5.12
C ALA A 1 1.40 26.91 -4.16
N THR A 2 1.89 25.75 -3.74
CA THR A 2 1.14 24.90 -2.82
C THR A 2 2.06 24.26 -1.79
N PRO A 3 1.78 24.54 -0.50
CA PRO A 3 2.57 24.00 0.61
C PRO A 3 2.38 22.50 0.79
N THR A 4 3.03 21.93 1.80
CA THR A 4 2.94 20.52 2.08
C THR A 4 1.53 20.14 2.53
N PRO A 5 1.10 18.92 2.17
CA PRO A 5 -0.23 18.41 2.52
C PRO A 5 -0.36 18.12 4.02
N THR A 6 0.60 17.36 4.55
CA THR A 6 0.58 17.02 5.97
C THR A 6 1.99 16.67 6.46
N PRO A 7 2.22 16.86 7.77
CA PRO A 7 3.52 16.58 8.39
C PRO A 7 3.81 15.07 8.45
N LYS A 8 2.98 14.28 7.78
CA LYS A 8 3.15 12.84 7.75
C LYS A 8 4.57 12.46 7.35
N ALA A 9 5.36 12.01 8.33
CA ALA A 9 6.73 11.62 8.07
C ALA A 9 6.81 10.55 6.97
N ALA A 10 8.03 10.15 6.64
CA ALA A 10 8.24 9.14 5.61
C ALA A 10 9.61 8.49 5.74
N GLY A 11 9.86 7.47 4.92
CA GLY A 11 11.13 6.78 4.97
C GLY A 11 11.03 5.35 4.49
N SER A 12 9.86 4.74 4.67
CA SER A 12 9.64 3.37 4.25
C SER A 12 8.22 3.17 3.73
N TRP A 13 8.09 2.40 2.66
CA TRP A 13 6.78 2.14 2.06
C TRP A 13 6.62 0.66 1.74
N CYS A 14 5.55 0.07 2.26
CA CYS A 14 5.27 -1.35 2.03
C CYS A 14 4.21 -1.53 0.95
N VAL A 15 4.67 -1.88 -0.26
CA VAL A 15 3.76 -2.08 -1.38
C VAL A 15 4.32 -3.11 -2.36
N PRO A 16 3.42 -3.77 -3.10
CA PRO A 16 3.81 -4.79 -4.09
C PRO A 16 4.50 -4.18 -5.30
N LYS A 17 5.68 -4.69 -5.62
CA LYS A 17 6.46 -4.21 -6.76
C LYS A 17 5.60 -4.21 -8.02
N PRO A 18 5.31 -3.00 -8.54
CA PRO A 18 4.50 -2.83 -9.75
C PRO A 18 5.24 -3.31 -11.00
N GLY A 19 5.25 -4.61 -11.22
CA GLY A 19 5.91 -5.17 -12.39
C GLY A 19 6.21 -6.66 -12.23
N VAL A 20 5.15 -7.46 -12.09
CA VAL A 20 5.31 -8.89 -11.93
C VAL A 20 4.03 -9.63 -12.32
N SER A 21 4.07 -10.95 -12.26
CA SER A 21 2.92 -11.78 -12.62
C SER A 21 1.67 -11.31 -11.86
N ASP A 22 0.71 -10.80 -12.61
CA ASP A 22 -0.55 -10.31 -12.02
C ASP A 22 -1.05 -11.30 -10.97
N ASP A 23 -1.20 -12.55 -11.36
CA ASP A 23 -1.69 -13.59 -10.45
C ASP A 23 -0.89 -13.57 -9.14
N GLN A 24 0.37 -13.17 -9.23
CA GLN A 24 1.22 -13.10 -8.05
C GLN A 24 0.69 -12.10 -7.03
N LEU A 25 0.41 -10.90 -7.50
CA LEU A 25 -0.11 -9.85 -6.62
C LEU A 25 -1.55 -10.13 -6.23
N THR A 26 -2.29 -10.77 -7.12
CA THR A 26 -3.69 -11.12 -6.86
C THR A 26 -3.81 -12.14 -5.75
N GLY A 27 -2.66 -12.57 -5.22
CA GLY A 27 -2.66 -13.55 -4.15
C GLY A 27 -2.73 -12.92 -2.78
N ASN A 28 -2.04 -11.79 -2.62
CA ASN A 28 -2.02 -11.08 -1.34
C ASN A 28 -3.44 -10.71 -0.91
N ILE A 29 -4.14 -9.98 -1.77
CA ILE A 29 -5.50 -9.56 -1.48
C ILE A 29 -6.32 -10.70 -0.87
N ASN A 30 -6.21 -11.88 -1.46
CA ASN A 30 -6.92 -13.05 -0.98
C ASN A 30 -6.74 -13.22 0.53
N TYR A 31 -5.49 -13.19 0.98
CA TYR A 31 -5.18 -13.33 2.39
C TYR A 31 -5.52 -12.06 3.16
N ALA A 32 -5.01 -10.93 2.68
CA ALA A 32 -5.26 -9.64 3.31
C ALA A 32 -6.74 -9.47 3.64
N CYS A 33 -7.59 -9.58 2.62
CA CYS A 33 -9.03 -9.43 2.80
C CYS A 33 -9.51 -10.25 3.99
N SER A 34 -8.71 -11.23 4.39
CA SER A 34 -9.06 -12.08 5.52
C SER A 34 -8.72 -11.39 6.85
N GLN A 35 -8.43 -10.10 6.78
CA GLN A 35 -8.09 -9.33 7.97
C GLN A 35 -9.30 -8.56 8.49
N GLY A 36 -10.00 -7.89 7.58
CA GLY A 36 -11.17 -7.13 7.98
C GLY A 36 -11.10 -5.69 7.51
N ILE A 37 -10.01 -5.01 7.85
CA ILE A 37 -9.83 -3.61 7.47
C ILE A 37 -9.31 -3.50 6.04
N ASP A 38 -9.23 -4.64 5.35
CA ASP A 38 -8.75 -4.67 3.97
C ASP A 38 -9.89 -4.43 3.00
N CYS A 39 -10.91 -5.27 3.08
CA CYS A 39 -12.08 -5.16 2.20
C CYS A 39 -13.00 -4.04 2.67
N GLY A 40 -13.21 -3.06 1.80
CA GLY A 40 -14.08 -1.94 2.13
C GLY A 40 -13.38 -0.60 2.00
N PRO A 41 -12.40 -0.35 2.87
CA PRO A 41 -11.62 0.90 2.86
C PRO A 41 -10.72 1.01 1.64
N ILE A 42 -10.82 0.03 0.74
CA ILE A 42 -10.00 0.02 -0.48
C ILE A 42 -10.61 0.91 -1.55
N GLN A 43 -11.51 1.81 -1.14
CA GLN A 43 -12.16 2.72 -2.08
C GLN A 43 -11.20 3.81 -2.54
N PRO A 44 -11.05 3.94 -3.86
CA PRO A 44 -10.16 4.93 -4.47
C PRO A 44 -10.68 6.36 -4.28
N GLY A 45 -9.89 7.33 -4.73
CA GLY A 45 -10.28 8.73 -4.61
C GLY A 45 -10.37 9.43 -5.94
N GLY A 46 -9.52 9.00 -6.88
CA GLY A 46 -9.53 9.61 -8.21
C GLY A 46 -8.19 10.24 -8.56
N ALA A 47 -7.50 10.74 -7.55
CA ALA A 47 -6.20 11.37 -7.76
C ALA A 47 -5.30 10.50 -8.62
N CYS A 48 -4.88 9.36 -8.07
CA CYS A 48 -4.01 8.44 -8.79
C CYS A 48 -4.72 7.10 -9.03
N PHE A 49 -5.98 7.03 -8.62
CA PHE A 49 -6.77 5.81 -8.78
C PHE A 49 -6.49 5.16 -10.14
N GLU A 50 -6.75 5.91 -11.20
CA GLU A 50 -6.53 5.42 -12.55
C GLU A 50 -5.19 5.91 -13.11
N PRO A 51 -4.40 4.97 -13.67
CA PRO A 51 -4.80 3.56 -13.75
C PRO A 51 -4.81 2.87 -12.39
N ASN A 52 -5.69 1.89 -12.23
CA ASN A 52 -5.80 1.17 -10.98
C ASN A 52 -5.14 -0.21 -11.09
N THR A 53 -4.34 -0.56 -10.08
CA THR A 53 -3.65 -1.84 -10.06
C THR A 53 -4.59 -2.97 -9.63
N VAL A 54 -4.26 -4.19 -10.04
CA VAL A 54 -5.07 -5.36 -9.68
C VAL A 54 -5.02 -5.61 -8.18
N LYS A 55 -3.81 -5.74 -7.64
CA LYS A 55 -3.62 -5.99 -6.22
C LYS A 55 -3.74 -4.69 -5.42
N ALA A 56 -4.33 -3.68 -6.02
CA ALA A 56 -4.51 -2.39 -5.36
C ALA A 56 -5.09 -2.56 -3.96
N HIS A 57 -6.23 -3.24 -3.88
CA HIS A 57 -6.89 -3.47 -2.61
C HIS A 57 -5.86 -3.65 -1.49
N ALA A 58 -4.92 -4.57 -1.70
CA ALA A 58 -3.88 -4.83 -0.71
C ALA A 58 -2.96 -3.63 -0.55
N ALA A 59 -2.65 -2.97 -1.66
CA ALA A 59 -1.77 -1.80 -1.66
C ALA A 59 -2.36 -0.69 -0.78
N TYR A 60 -3.66 -0.48 -0.91
CA TYR A 60 -4.35 0.56 -0.13
C TYR A 60 -4.32 0.22 1.36
N VAL A 61 -4.93 -0.92 1.70
CA VAL A 61 -4.99 -1.36 3.09
C VAL A 61 -3.59 -1.41 3.71
N MET A 62 -2.61 -1.77 2.90
CA MET A 62 -1.23 -1.85 3.37
C MET A 62 -0.85 -0.63 4.20
N ASN A 63 -1.55 0.48 3.94
CA ASN A 63 -1.28 1.73 4.66
C ASN A 63 -1.64 1.58 6.13
N LEU A 64 -2.92 1.35 6.41
CA LEU A 64 -3.39 1.19 7.79
C LEU A 64 -2.94 -0.15 8.37
N TYR A 65 -3.24 -1.22 7.65
CA TYR A 65 -2.88 -2.56 8.10
C TYR A 65 -1.49 -2.56 8.72
N TYR A 66 -0.49 -2.12 7.95
CA TYR A 66 0.88 -2.07 8.44
C TYR A 66 0.96 -1.37 9.79
N GLN A 67 0.15 -0.32 9.95
CA GLN A 67 0.14 0.43 11.20
C GLN A 67 -0.92 -0.11 12.16
N HIS A 68 -1.70 -1.09 11.68
CA HIS A 68 -2.75 -1.69 12.48
C HIS A 68 -2.15 -2.62 13.54
N ALA A 69 -1.15 -3.40 13.14
CA ALA A 69 -0.50 -4.34 14.05
C ALA A 69 0.46 -3.61 14.99
N GLY A 70 1.48 -2.99 14.41
CA GLY A 70 2.45 -2.28 15.22
C GLY A 70 3.32 -1.35 14.38
N ARG A 71 2.87 -1.03 13.18
CA ARG A 71 3.61 -0.16 12.29
C ARG A 71 5.05 -0.64 12.12
N ASN A 72 5.22 -1.96 12.11
CA ASN A 72 6.55 -2.56 11.96
C ASN A 72 6.70 -3.18 10.57
N SER A 73 7.94 -3.52 10.23
CA SER A 73 8.23 -4.12 8.93
C SER A 73 7.64 -5.52 8.84
N TRP A 74 7.45 -6.15 9.98
CA TRP A 74 6.90 -7.51 10.04
C TRP A 74 5.38 -7.47 9.91
N ASN A 75 4.83 -6.27 9.73
CA ASN A 75 3.38 -6.11 9.59
C ASN A 75 2.92 -6.60 8.21
N CYS A 76 3.83 -6.61 7.25
CA CYS A 76 3.51 -7.06 5.90
C CYS A 76 3.56 -8.58 5.81
N ASP A 77 2.39 -9.20 5.81
CA ASP A 77 2.29 -10.66 5.72
C ASP A 77 1.54 -11.08 4.45
N PHE A 78 1.31 -10.11 3.56
CA PHE A 78 0.60 -10.38 2.32
C PHE A 78 1.31 -11.46 1.51
N SER A 79 2.48 -11.13 0.99
CA SER A 79 3.26 -12.08 0.20
C SER A 79 4.65 -11.51 -0.11
N GLN A 80 5.46 -12.30 -0.80
CA GLN A 80 6.81 -11.89 -1.16
C GLN A 80 6.77 -10.72 -2.14
N THR A 81 5.58 -10.30 -2.51
CA THR A 81 5.40 -9.18 -3.43
C THR A 81 5.25 -7.87 -2.69
N ALA A 82 4.30 -7.83 -1.76
CA ALA A 82 4.04 -6.63 -0.97
C ALA A 82 5.03 -6.52 0.19
N THR A 83 6.02 -5.65 0.05
CA THR A 83 7.02 -5.45 1.08
C THR A 83 7.53 -4.01 1.10
N LEU A 84 8.42 -3.70 2.03
CA LEU A 84 8.97 -2.36 2.15
C LEU A 84 9.84 -2.02 0.94
N THR A 85 9.93 -0.74 0.62
CA THR A 85 10.73 -0.28 -0.51
C THR A 85 11.60 0.92 -0.12
N ASN A 86 12.55 1.24 -0.99
CA ASN A 86 13.45 2.36 -0.75
C ASN A 86 12.68 3.64 -0.45
N THR A 87 13.37 4.77 -0.43
CA THR A 87 12.74 6.05 -0.16
C THR A 87 11.44 6.20 -0.94
N ASN A 88 10.73 7.30 -0.69
CA ASN A 88 9.46 7.57 -1.37
C ASN A 88 9.64 7.46 -2.88
N PRO A 89 9.07 6.39 -3.47
CA PRO A 89 9.15 6.14 -4.92
C PRO A 89 8.31 7.14 -5.71
N SER A 90 7.60 8.02 -5.00
CA SER A 90 6.77 9.02 -5.65
C SER A 90 7.56 9.80 -6.70
N TYR A 91 7.27 9.51 -7.96
CA TYR A 91 7.96 10.18 -9.07
C TYR A 91 7.47 11.63 -9.21
N GLY A 92 6.34 11.93 -8.59
CA GLY A 92 5.79 13.26 -8.66
C GLY A 92 4.54 13.43 -7.82
N ALA A 93 3.40 13.60 -8.49
CA ALA A 93 2.13 13.77 -7.80
C ALA A 93 1.67 12.45 -7.17
N CYS A 94 2.02 11.34 -7.81
CA CYS A 94 1.65 10.03 -7.32
C CYS A 94 2.54 9.60 -6.15
N ASN A 95 2.01 9.72 -4.94
CA ASN A 95 2.77 9.35 -3.74
C ASN A 95 2.36 7.96 -3.26
N PHE A 96 3.36 7.18 -2.83
CA PHE A 96 3.10 5.84 -2.33
C PHE A 96 2.74 5.86 -0.85
N PRO A 97 2.05 4.79 -0.40
CA PRO A 97 1.62 4.66 1.00
C PRO A 97 2.79 4.43 1.95
N SER A 98 3.14 5.46 2.71
CA SER A 98 4.24 5.38 3.65
C SER A 98 3.80 4.69 4.94
N GLY A 99 2.50 4.52 5.10
CA GLY A 99 1.97 3.89 6.29
C GLY A 99 2.76 4.22 7.53
N SER A 100 3.25 5.46 7.60
CA SER A 100 4.04 5.91 8.74
C SER A 100 3.13 6.44 9.86
N ASN A 101 3.59 6.29 11.09
CA ASN A 101 2.82 6.75 12.24
C ASN A 101 2.88 8.28 12.37
N ALA A 1 11.90 4.47 23.37
CA ALA A 1 11.07 3.80 22.38
C ALA A 1 9.61 3.72 22.84
N THR A 2 9.16 4.76 23.54
CA THR A 2 7.79 4.81 24.03
C THR A 2 6.79 4.72 22.89
N PRO A 3 5.53 4.39 23.23
CA PRO A 3 4.45 4.27 22.25
C PRO A 3 4.05 5.62 21.64
N THR A 4 4.76 6.67 22.03
CA THR A 4 4.49 8.01 21.53
C THR A 4 4.45 8.03 20.01
N PRO A 5 3.67 8.97 19.45
CA PRO A 5 3.53 9.11 18.00
C PRO A 5 4.80 9.64 17.34
N THR A 6 5.17 9.04 16.21
CA THR A 6 6.37 9.45 15.49
C THR A 6 6.01 10.04 14.13
N PRO A 7 6.90 10.90 13.61
CA PRO A 7 6.70 11.57 12.32
C PRO A 7 6.83 10.59 11.15
N LYS A 8 6.82 11.13 9.93
CA LYS A 8 6.93 10.31 8.73
C LYS A 8 8.07 10.80 7.84
N ALA A 9 8.98 9.90 7.49
CA ALA A 9 10.11 10.25 6.64
C ALA A 9 9.67 10.45 5.19
N ALA A 10 10.03 11.59 4.62
CA ALA A 10 9.67 11.90 3.24
C ALA A 10 10.42 11.00 2.27
N GLY A 11 9.70 10.51 1.26
CA GLY A 11 10.30 9.64 0.27
C GLY A 11 10.18 8.17 0.63
N SER A 12 8.95 7.68 0.69
CA SER A 12 8.70 6.29 1.04
C SER A 12 7.33 5.84 0.53
N TRP A 13 7.30 4.74 -0.21
CA TRP A 13 6.06 4.21 -0.75
C TRP A 13 5.92 2.72 -0.44
N CYS A 14 4.84 2.36 0.22
CA CYS A 14 4.57 0.98 0.59
C CYS A 14 3.67 0.30 -0.44
N VAL A 15 4.26 -0.58 -1.24
CA VAL A 15 3.51 -1.30 -2.26
C VAL A 15 4.15 -2.65 -2.57
N PRO A 16 3.33 -3.60 -3.06
CA PRO A 16 3.80 -4.95 -3.40
C PRO A 16 4.71 -4.96 -4.63
N LYS A 17 5.84 -5.63 -4.50
CA LYS A 17 6.80 -5.72 -5.60
C LYS A 17 6.12 -6.19 -6.88
N PRO A 18 6.01 -5.28 -7.87
CA PRO A 18 5.38 -5.58 -9.16
C PRO A 18 6.22 -6.54 -10.00
N GLY A 19 5.87 -7.83 -9.94
CA GLY A 19 6.61 -8.82 -10.70
C GLY A 19 6.78 -10.12 -9.94
N VAL A 20 6.90 -10.02 -8.62
CA VAL A 20 7.07 -11.20 -7.78
C VAL A 20 5.91 -12.17 -7.95
N SER A 21 5.96 -13.28 -7.20
CA SER A 21 4.91 -14.29 -7.27
C SER A 21 3.53 -13.65 -7.09
N ASP A 22 2.72 -13.70 -8.14
CA ASP A 22 1.38 -13.13 -8.10
C ASP A 22 0.55 -13.78 -6.99
N ASP A 23 0.43 -15.10 -7.05
CA ASP A 23 -0.33 -15.85 -6.07
C ASP A 23 0.13 -15.50 -4.65
N GLN A 24 1.30 -14.87 -4.55
CA GLN A 24 1.85 -14.49 -3.26
C GLN A 24 1.21 -13.20 -2.75
N LEU A 25 1.10 -12.22 -3.64
CA LEU A 25 0.51 -10.93 -3.28
C LEU A 25 -1.00 -11.07 -3.07
N THR A 26 -1.67 -11.69 -4.04
CA THR A 26 -3.11 -11.88 -3.96
C THR A 26 -3.56 -12.18 -2.53
N GLY A 27 -2.65 -12.77 -1.75
CA GLY A 27 -2.97 -13.10 -0.37
C GLY A 27 -3.17 -11.86 0.49
N ASN A 28 -2.27 -10.89 0.33
CA ASN A 28 -2.36 -9.66 1.11
C ASN A 28 -3.81 -9.16 1.19
N ILE A 29 -4.48 -9.12 0.05
CA ILE A 29 -5.87 -8.67 0.00
C ILE A 29 -6.74 -9.49 0.94
N ASN A 30 -6.52 -10.80 0.95
CA ASN A 30 -7.30 -11.69 1.81
C ASN A 30 -7.19 -11.27 3.27
N TYR A 31 -5.97 -10.97 3.71
CA TYR A 31 -5.74 -10.56 5.10
C TYR A 31 -6.21 -9.12 5.31
N ALA A 32 -5.61 -8.19 4.58
CA ALA A 32 -5.97 -6.78 4.69
C ALA A 32 -7.49 -6.59 4.59
N CYS A 33 -8.08 -7.23 3.60
CA CYS A 33 -9.52 -7.14 3.38
C CYS A 33 -10.28 -7.42 4.68
N SER A 34 -9.61 -8.03 5.64
CA SER A 34 -10.22 -8.36 6.93
C SER A 34 -9.96 -7.25 7.94
N GLN A 35 -9.60 -6.07 7.44
CA GLN A 35 -9.32 -4.93 8.31
C GLN A 35 -10.54 -4.02 8.41
N GLY A 36 -11.12 -3.68 7.26
CA GLY A 36 -12.28 -2.82 7.24
C GLY A 36 -12.26 -1.84 6.09
N ILE A 37 -11.27 -0.94 6.09
CA ILE A 37 -11.14 0.05 5.03
C ILE A 37 -10.44 -0.53 3.81
N ASP A 38 -10.17 -1.84 3.86
CA ASP A 38 -9.50 -2.51 2.75
C ASP A 38 -10.49 -2.80 1.62
N CYS A 39 -11.43 -3.70 1.88
CA CYS A 39 -12.43 -4.06 0.88
C CYS A 39 -13.50 -2.98 0.76
N GLY A 40 -13.76 -2.54 -0.47
CA GLY A 40 -14.75 -1.51 -0.71
C GLY A 40 -14.17 -0.31 -1.43
N PRO A 41 -13.37 0.48 -0.71
CA PRO A 41 -12.73 1.68 -1.28
C PRO A 41 -11.66 1.35 -2.30
N ILE A 42 -11.57 0.07 -2.66
CA ILE A 42 -10.58 -0.38 -3.63
C ILE A 42 -11.07 -0.14 -5.06
N GLN A 43 -12.07 0.72 -5.20
CA GLN A 43 -12.62 1.04 -6.51
C GLN A 43 -11.69 1.98 -7.28
N PRO A 44 -11.31 1.56 -8.50
CA PRO A 44 -10.42 2.34 -9.36
C PRO A 44 -11.10 3.61 -9.89
N GLY A 45 -10.29 4.55 -10.35
CA GLY A 45 -10.83 5.79 -10.89
C GLY A 45 -10.66 5.90 -12.39
N GLY A 46 -9.51 5.47 -12.89
CA GLY A 46 -9.26 5.53 -14.32
C GLY A 46 -7.94 6.20 -14.65
N ALA A 47 -7.07 6.31 -13.65
CA ALA A 47 -5.76 6.94 -13.83
C ALA A 47 -4.68 5.90 -14.09
N CYS A 48 -4.38 5.10 -13.07
CA CYS A 48 -3.36 4.06 -13.18
C CYS A 48 -3.97 2.68 -12.96
N PHE A 49 -5.30 2.62 -12.95
CA PHE A 49 -6.00 1.36 -12.75
C PHE A 49 -5.55 0.32 -13.77
N GLU A 50 -5.60 0.69 -15.04
CA GLU A 50 -5.21 -0.22 -16.11
C GLU A 50 -3.77 0.07 -16.57
N PRO A 51 -2.95 -0.99 -16.63
CA PRO A 51 -3.37 -2.34 -16.28
C PRO A 51 -3.63 -2.51 -14.79
N ASN A 52 -4.50 -3.45 -14.43
CA ASN A 52 -4.84 -3.70 -13.04
C ASN A 52 -4.06 -4.90 -12.50
N THR A 53 -3.63 -4.80 -11.25
CA THR A 53 -2.86 -5.87 -10.62
C THR A 53 -3.77 -6.74 -9.75
N VAL A 54 -3.33 -7.97 -9.49
CA VAL A 54 -4.09 -8.90 -8.67
C VAL A 54 -4.19 -8.40 -7.23
N LYS A 55 -3.05 -8.14 -6.61
CA LYS A 55 -3.01 -7.66 -5.23
C LYS A 55 -3.30 -6.16 -5.17
N ALA A 56 -3.87 -5.63 -6.24
CA ALA A 56 -4.21 -4.22 -6.32
C ALA A 56 -4.94 -3.76 -5.06
N HIS A 57 -6.08 -4.40 -4.78
CA HIS A 57 -6.88 -4.06 -3.61
C HIS A 57 -5.98 -3.63 -2.44
N ALA A 58 -4.96 -4.43 -2.18
CA ALA A 58 -4.02 -4.12 -1.09
C ALA A 58 -3.26 -2.83 -1.37
N ALA A 59 -2.75 -2.70 -2.59
CA ALA A 59 -2.00 -1.52 -2.98
C ALA A 59 -2.83 -0.24 -2.76
N TYR A 60 -4.07 -0.28 -3.20
CA TYR A 60 -4.96 0.88 -3.06
C TYR A 60 -5.15 1.24 -1.60
N VAL A 61 -5.77 0.33 -0.84
CA VAL A 61 -6.01 0.55 0.58
C VAL A 61 -4.71 0.89 1.32
N MET A 62 -3.62 0.26 0.89
CA MET A 62 -2.31 0.49 1.51
C MET A 62 -2.07 1.98 1.70
N ASN A 63 -2.78 2.81 0.94
CA ASN A 63 -2.63 4.25 1.03
C ASN A 63 -3.25 4.79 2.32
N LEU A 64 -4.50 4.42 2.57
CA LEU A 64 -5.20 4.85 3.78
C LEU A 64 -4.80 3.99 4.98
N TYR A 65 -4.78 2.68 4.77
CA TYR A 65 -4.42 1.74 5.83
C TYR A 65 -3.11 2.14 6.50
N TYR A 66 -2.12 2.49 5.68
CA TYR A 66 -0.82 2.89 6.19
C TYR A 66 -0.94 4.11 7.10
N GLN A 67 -1.91 4.97 6.79
CA GLN A 67 -2.14 6.18 7.58
C GLN A 67 -3.22 5.95 8.62
N HIS A 68 -3.85 4.78 8.58
CA HIS A 68 -4.91 4.43 9.52
C HIS A 68 -4.34 4.15 10.90
N ALA A 69 -3.22 3.44 10.94
CA ALA A 69 -2.56 3.10 12.21
C ALA A 69 -1.82 4.30 12.78
N GLY A 70 -0.85 4.80 12.01
CA GLY A 70 -0.07 5.94 12.47
C GLY A 70 0.85 6.48 11.38
N ARG A 71 0.51 6.19 10.12
CA ARG A 71 1.31 6.65 8.99
C ARG A 71 2.78 6.28 9.18
N ASN A 72 3.01 5.11 9.76
CA ASN A 72 4.38 4.64 10.00
C ASN A 72 4.72 3.48 9.06
N SER A 73 6.00 3.16 8.97
CA SER A 73 6.47 2.08 8.11
C SER A 73 6.01 0.72 8.65
N TRP A 74 5.71 0.69 9.94
CA TRP A 74 5.26 -0.54 10.59
C TRP A 74 3.78 -0.78 10.33
N ASN A 75 3.16 0.12 9.57
CA ASN A 75 1.74 0.02 9.26
C ASN A 75 1.49 -1.10 8.24
N CYS A 76 2.52 -1.43 7.47
CA CYS A 76 2.41 -2.49 6.47
C CYS A 76 2.59 -3.86 7.10
N ASP A 77 1.49 -4.56 7.31
CA ASP A 77 1.53 -5.89 7.91
C ASP A 77 0.97 -6.94 6.94
N PHE A 78 0.81 -6.54 5.69
CA PHE A 78 0.29 -7.45 4.67
C PHE A 78 1.18 -8.69 4.54
N SER A 79 2.38 -8.49 4.03
CA SER A 79 3.32 -9.58 3.85
C SER A 79 4.70 -9.05 3.45
N GLN A 80 5.66 -9.97 3.29
CA GLN A 80 7.02 -9.60 2.91
C GLN A 80 7.04 -9.01 1.50
N THR A 81 5.89 -8.97 0.86
CA THR A 81 5.78 -8.43 -0.50
C THR A 81 5.44 -6.95 -0.46
N ALA A 82 4.38 -6.60 0.26
CA ALA A 82 3.96 -5.20 0.37
C ALA A 82 4.77 -4.47 1.43
N THR A 83 5.74 -3.66 0.96
CA THR A 83 6.58 -2.90 1.87
C THR A 83 7.03 -1.59 1.23
N LEU A 84 7.78 -0.79 1.98
CA LEU A 84 8.27 0.49 1.49
C LEU A 84 9.27 0.28 0.36
N THR A 85 9.39 1.29 -0.50
CA THR A 85 10.32 1.22 -1.63
C THR A 85 11.11 2.52 -1.76
N ASN A 86 12.14 2.49 -2.61
CA ASN A 86 12.98 3.66 -2.82
C ASN A 86 12.13 4.88 -3.19
N THR A 87 12.80 5.95 -3.62
CA THR A 87 12.11 7.18 -4.00
C THR A 87 10.88 6.87 -4.86
N ASN A 88 10.10 7.91 -5.14
CA ASN A 88 8.90 7.75 -5.96
C ASN A 88 9.22 7.04 -7.27
N PRO A 89 8.81 5.76 -7.37
CA PRO A 89 9.04 4.95 -8.57
C PRO A 89 8.21 5.42 -9.75
N SER A 90 7.42 6.47 -9.55
CA SER A 90 6.58 7.01 -10.61
C SER A 90 7.39 7.28 -11.87
N TYR A 91 7.16 6.47 -12.89
CA TYR A 91 7.87 6.60 -14.15
C TYR A 91 7.24 7.70 -15.01
N GLY A 92 6.02 8.07 -14.67
CA GLY A 92 5.32 9.10 -15.41
C GLY A 92 3.98 9.46 -14.80
N ALA A 93 2.91 9.26 -15.57
CA ALA A 93 1.56 9.56 -15.10
C ALA A 93 1.17 8.66 -13.94
N CYS A 94 1.71 7.44 -13.95
CA CYS A 94 1.41 6.47 -12.90
C CYS A 94 2.21 6.76 -11.64
N ASN A 95 1.57 7.37 -10.66
CA ASN A 95 2.23 7.71 -9.40
C ASN A 95 1.92 6.67 -8.33
N PHE A 96 2.94 6.28 -7.58
CA PHE A 96 2.79 5.28 -6.52
C PHE A 96 2.33 5.94 -5.23
N PRO A 97 1.53 5.21 -4.44
CA PRO A 97 1.01 5.69 -3.16
C PRO A 97 2.10 5.83 -2.10
N SER A 98 2.08 6.94 -1.37
CA SER A 98 3.06 7.18 -0.33
C SER A 98 2.40 7.25 1.05
N GLY A 99 1.07 7.25 1.05
CA GLY A 99 0.33 7.30 2.30
C GLY A 99 0.29 8.70 2.88
N SER A 100 0.12 9.70 2.01
CA SER A 100 0.06 11.09 2.44
C SER A 100 -1.39 11.52 2.68
N ASN A 101 -1.61 12.23 3.79
CA ASN A 101 -2.95 12.70 4.13
C ASN A 101 -3.22 14.06 3.50
N ALA A 1 23.02 30.25 15.37
CA ALA A 1 21.99 29.42 14.75
C ALA A 1 21.09 28.78 15.81
N THR A 2 19.83 28.55 15.46
CA THR A 2 18.87 27.95 16.37
C THR A 2 17.95 26.97 15.64
N PRO A 3 17.55 25.90 16.34
CA PRO A 3 16.67 24.88 15.78
C PRO A 3 15.25 25.39 15.57
N THR A 4 14.42 24.58 14.92
CA THR A 4 13.04 24.96 14.65
C THR A 4 12.11 23.75 14.76
N PRO A 5 11.09 23.84 15.63
CA PRO A 5 10.11 22.77 15.83
C PRO A 5 9.20 22.58 14.63
N THR A 6 9.18 21.37 14.09
CA THR A 6 8.34 21.05 12.94
C THR A 6 7.86 19.61 12.98
N PRO A 7 6.67 19.36 12.44
CA PRO A 7 6.08 18.02 12.39
C PRO A 7 6.80 17.09 11.44
N LYS A 8 6.24 15.90 11.22
CA LYS A 8 6.84 14.92 10.32
C LYS A 8 5.96 14.69 9.10
N ALA A 9 6.49 15.02 7.92
CA ALA A 9 5.75 14.85 6.68
C ALA A 9 5.77 13.39 6.23
N ALA A 10 4.82 13.03 5.37
CA ALA A 10 4.73 11.66 4.87
C ALA A 10 5.98 11.29 4.09
N GLY A 11 6.05 10.02 3.66
CA GLY A 11 7.19 9.56 2.91
C GLY A 11 7.37 8.05 3.00
N SER A 12 6.26 7.32 2.93
CA SER A 12 6.31 5.87 3.01
C SER A 12 5.07 5.25 2.38
N TRP A 13 5.27 4.37 1.41
CA TRP A 13 4.17 3.70 0.72
C TRP A 13 4.32 2.18 0.79
N CYS A 14 3.36 1.53 1.42
CA CYS A 14 3.37 0.08 1.55
C CYS A 14 2.60 -0.59 0.41
N VAL A 15 3.32 -1.11 -0.58
CA VAL A 15 2.68 -1.77 -1.71
C VAL A 15 3.60 -2.82 -2.31
N PRO A 16 3.00 -3.84 -2.94
CA PRO A 16 3.75 -4.93 -3.57
C PRO A 16 4.51 -4.49 -4.81
N LYS A 17 5.80 -4.79 -4.85
CA LYS A 17 6.64 -4.42 -5.98
C LYS A 17 6.02 -4.87 -7.30
N PRO A 18 5.64 -3.90 -8.14
CA PRO A 18 5.03 -4.18 -9.45
C PRO A 18 6.03 -4.79 -10.44
N GLY A 19 7.16 -5.25 -9.91
CA GLY A 19 8.17 -5.85 -10.76
C GLY A 19 8.67 -7.18 -10.24
N VAL A 20 7.76 -8.15 -10.15
CA VAL A 20 8.11 -9.48 -9.66
C VAL A 20 7.11 -10.52 -10.14
N SER A 21 7.36 -11.78 -9.77
CA SER A 21 6.48 -12.87 -10.16
C SER A 21 5.04 -12.60 -9.72
N ASP A 22 4.10 -12.70 -10.65
CA ASP A 22 2.70 -12.47 -10.36
C ASP A 22 2.24 -13.34 -9.19
N ASP A 23 2.54 -14.64 -9.27
CA ASP A 23 2.16 -15.58 -8.23
C ASP A 23 2.66 -15.11 -6.87
N GLN A 24 3.75 -14.36 -6.86
CA GLN A 24 4.32 -13.84 -5.62
C GLN A 24 3.37 -12.87 -4.95
N LEU A 25 2.88 -11.90 -5.72
CA LEU A 25 1.95 -10.90 -5.19
C LEU A 25 0.59 -11.52 -4.90
N THR A 26 0.14 -12.38 -5.79
CA THR A 26 -1.16 -13.05 -5.63
C THR A 26 -1.32 -13.58 -4.21
N GLY A 27 -0.26 -14.20 -3.69
CA GLY A 27 -0.31 -14.75 -2.35
C GLY A 27 -0.79 -13.74 -1.33
N ASN A 28 -0.53 -12.47 -1.59
CA ASN A 28 -0.94 -11.40 -0.68
C ASN A 28 -2.46 -11.38 -0.50
N ILE A 29 -3.16 -11.03 -1.57
CA ILE A 29 -4.62 -10.98 -1.54
C ILE A 29 -5.19 -12.16 -0.77
N ASN A 30 -5.05 -13.35 -1.34
CA ASN A 30 -5.56 -14.57 -0.71
C ASN A 30 -5.44 -14.47 0.82
N TYR A 31 -4.30 -14.00 1.29
CA TYR A 31 -4.06 -13.86 2.72
C TYR A 31 -4.82 -12.65 3.29
N ALA A 32 -4.38 -11.46 2.90
CA ALA A 32 -5.02 -10.24 3.36
C ALA A 32 -6.54 -10.34 3.29
N CYS A 33 -7.02 -11.25 2.45
CA CYS A 33 -8.46 -11.46 2.28
C CYS A 33 -9.07 -12.12 3.52
N SER A 34 -8.25 -12.30 4.54
CA SER A 34 -8.70 -12.93 5.78
C SER A 34 -8.76 -11.91 6.92
N GLN A 35 -8.71 -10.63 6.55
CA GLN A 35 -8.77 -9.56 7.55
C GLN A 35 -10.17 -9.00 7.67
N GLY A 36 -10.81 -8.72 6.54
CA GLY A 36 -12.15 -8.19 6.54
C GLY A 36 -12.30 -6.98 5.64
N ILE A 37 -11.48 -5.96 5.89
CA ILE A 37 -11.52 -4.74 5.09
C ILE A 37 -10.74 -4.91 3.79
N ASP A 38 -10.34 -6.14 3.50
CA ASP A 38 -9.59 -6.43 2.28
C ASP A 38 -10.53 -6.73 1.12
N CYS A 39 -11.29 -7.81 1.25
CA CYS A 39 -12.24 -8.22 0.22
C CYS A 39 -13.50 -7.37 0.27
N GLY A 40 -13.73 -6.59 -0.78
CA GLY A 40 -14.91 -5.74 -0.82
C GLY A 40 -14.57 -4.30 -1.21
N PRO A 41 -13.90 -3.59 -0.29
CA PRO A 41 -13.51 -2.19 -0.52
C PRO A 41 -12.42 -2.06 -1.57
N ILE A 42 -12.10 -3.17 -2.23
CA ILE A 42 -11.07 -3.18 -3.27
C ILE A 42 -11.64 -2.69 -4.60
N GLN A 43 -12.79 -2.03 -4.54
CA GLN A 43 -13.43 -1.52 -5.75
C GLN A 43 -12.69 -0.30 -6.28
N PRO A 44 -12.26 -0.36 -7.54
CA PRO A 44 -11.54 0.73 -8.20
C PRO A 44 -12.43 1.94 -8.46
N GLY A 45 -11.81 3.04 -8.88
CA GLY A 45 -12.56 4.25 -9.16
C GLY A 45 -12.34 4.76 -10.57
N GLY A 46 -11.13 4.57 -11.09
CA GLY A 46 -10.83 5.02 -12.43
C GLY A 46 -9.56 5.86 -12.49
N ALA A 47 -9.15 6.38 -11.34
CA ALA A 47 -7.97 7.22 -11.25
C ALA A 47 -6.71 6.43 -11.61
N CYS A 48 -6.36 5.48 -10.75
CA CYS A 48 -5.18 4.65 -10.99
C CYS A 48 -5.58 3.21 -11.30
N PHE A 49 -6.89 2.96 -11.36
CA PHE A 49 -7.40 1.63 -11.64
C PHE A 49 -6.58 0.96 -12.74
N GLU A 50 -6.55 1.58 -13.92
CA GLU A 50 -5.81 1.04 -15.05
C GLU A 50 -4.44 1.72 -15.17
N PRO A 51 -3.39 0.90 -15.38
CA PRO A 51 -3.53 -0.55 -15.48
C PRO A 51 -3.89 -1.19 -14.14
N ASN A 52 -4.60 -2.31 -14.20
CA ASN A 52 -5.02 -3.02 -13.00
C ASN A 52 -4.11 -4.22 -12.73
N THR A 53 -3.49 -4.23 -11.56
CA THR A 53 -2.59 -5.31 -11.17
C THR A 53 -3.36 -6.48 -10.56
N VAL A 54 -2.76 -7.66 -10.60
CA VAL A 54 -3.39 -8.86 -10.05
C VAL A 54 -3.52 -8.75 -8.54
N LYS A 55 -2.44 -8.39 -7.87
CA LYS A 55 -2.43 -8.25 -6.42
C LYS A 55 -3.01 -6.90 -6.00
N ALA A 56 -3.74 -6.27 -6.92
CA ALA A 56 -4.36 -4.97 -6.64
C ALA A 56 -5.14 -5.00 -5.33
N HIS A 57 -6.06 -5.95 -5.23
CA HIS A 57 -6.88 -6.09 -4.03
C HIS A 57 -6.07 -5.78 -2.78
N ALA A 58 -4.90 -6.42 -2.66
CA ALA A 58 -4.04 -6.20 -1.51
C ALA A 58 -3.51 -4.78 -1.48
N ALA A 59 -3.18 -4.24 -2.65
CA ALA A 59 -2.66 -2.88 -2.75
C ALA A 59 -3.66 -1.87 -2.20
N TYR A 60 -4.88 -1.90 -2.73
CA TYR A 60 -5.93 -0.98 -2.31
C TYR A 60 -6.10 -1.03 -0.79
N VAL A 61 -6.49 -2.21 -0.28
CA VAL A 61 -6.70 -2.39 1.14
C VAL A 61 -5.46 -1.99 1.93
N MET A 62 -4.28 -2.28 1.38
CA MET A 62 -3.01 -1.95 2.03
C MET A 62 -3.05 -0.51 2.57
N ASN A 63 -3.94 0.30 2.02
CA ASN A 63 -4.07 1.69 2.44
C ASN A 63 -4.69 1.79 3.82
N LEU A 64 -5.83 1.13 4.00
CA LEU A 64 -6.53 1.14 5.28
C LEU A 64 -5.95 0.09 6.22
N TYR A 65 -5.75 -1.12 5.70
CA TYR A 65 -5.20 -2.21 6.49
C TYR A 65 -3.99 -1.76 7.29
N TYR A 66 -3.10 -1.02 6.63
CA TYR A 66 -1.89 -0.52 7.28
C TYR A 66 -2.25 0.39 8.46
N GLN A 67 -3.33 1.14 8.31
CA GLN A 67 -3.78 2.05 9.36
C GLN A 67 -4.80 1.38 10.27
N HIS A 68 -5.17 0.15 9.93
CA HIS A 68 -6.14 -0.60 10.72
C HIS A 68 -5.53 -1.04 12.05
N ALA A 69 -4.30 -1.53 12.00
CA ALA A 69 -3.61 -1.98 13.20
C ALA A 69 -3.09 -0.79 14.02
N GLY A 70 -2.24 0.01 13.40
CA GLY A 70 -1.68 1.17 14.07
C GLY A 70 -0.83 2.03 13.15
N ARG A 71 -1.09 1.94 11.85
CA ARG A 71 -0.34 2.71 10.86
C ARG A 71 1.16 2.50 11.04
N ASN A 72 1.54 1.30 11.49
CA ASN A 72 2.95 0.97 11.70
C ASN A 72 3.50 0.16 10.54
N SER A 73 4.83 0.09 10.45
CA SER A 73 5.48 -0.66 9.39
C SER A 73 5.23 -2.16 9.55
N TRP A 74 4.90 -2.57 10.77
CA TRP A 74 4.63 -3.98 11.05
C TRP A 74 3.22 -4.36 10.66
N ASN A 75 2.49 -3.40 10.07
CA ASN A 75 1.12 -3.64 9.65
C ASN A 75 1.08 -4.45 8.36
N CYS A 76 2.14 -4.35 7.56
CA CYS A 76 2.22 -5.08 6.31
C CYS A 76 2.69 -6.51 6.54
N ASP A 77 1.75 -7.45 6.50
CA ASP A 77 2.07 -8.86 6.71
C ASP A 77 1.73 -9.68 5.47
N PHE A 78 1.42 -8.99 4.37
CA PHE A 78 1.08 -9.66 3.13
C PHE A 78 2.20 -10.60 2.67
N SER A 79 3.33 -10.02 2.28
CA SER A 79 4.47 -10.80 1.82
C SER A 79 5.69 -9.91 1.63
N GLN A 80 6.80 -10.52 1.24
CA GLN A 80 8.04 -9.78 1.02
C GLN A 80 7.90 -8.83 -0.16
N THR A 81 6.74 -8.85 -0.80
CA THR A 81 6.47 -7.98 -1.94
C THR A 81 5.83 -6.67 -1.50
N ALA A 82 4.74 -6.77 -0.75
CA ALA A 82 4.04 -5.58 -0.28
C ALA A 82 4.69 -5.04 0.99
N THR A 83 5.47 -3.96 0.84
CA THR A 83 6.15 -3.35 1.95
C THR A 83 6.40 -1.86 1.71
N LEU A 84 6.98 -1.18 2.69
CA LEU A 84 7.27 0.24 2.57
C LEU A 84 8.31 0.49 1.49
N THR A 85 7.96 1.33 0.52
CA THR A 85 8.86 1.66 -0.57
C THR A 85 9.43 3.07 -0.42
N ASN A 86 10.44 3.40 -1.22
CA ASN A 86 11.06 4.71 -1.18
C ASN A 86 10.02 5.81 -1.33
N THR A 87 10.48 7.04 -1.54
CA THR A 87 9.60 8.18 -1.71
C THR A 87 8.44 7.84 -2.64
N ASN A 88 7.51 8.78 -2.78
CA ASN A 88 6.34 8.59 -3.64
C ASN A 88 6.77 8.15 -5.03
N PRO A 89 6.54 6.86 -5.35
CA PRO A 89 6.89 6.29 -6.65
C PRO A 89 6.01 6.82 -7.78
N SER A 90 5.12 7.75 -7.43
CA SER A 90 4.22 8.34 -8.41
C SER A 90 5.00 8.87 -9.62
N TYR A 91 4.85 8.18 -10.75
CA TYR A 91 5.54 8.58 -11.98
C TYR A 91 4.95 9.86 -12.54
N GLY A 92 3.75 10.21 -12.08
CA GLY A 92 3.10 11.41 -12.55
C GLY A 92 1.70 11.57 -11.99
N ALA A 93 0.70 11.43 -12.86
CA ALA A 93 -0.69 11.56 -12.44
C ALA A 93 -1.09 10.41 -11.52
N CYS A 94 -0.51 9.24 -11.75
CA CYS A 94 -0.81 8.06 -10.94
C CYS A 94 0.03 8.05 -9.67
N ASN A 95 -0.60 8.38 -8.55
CA ASN A 95 0.09 8.40 -7.26
C ASN A 95 -0.16 7.12 -6.48
N PHE A 96 0.81 6.73 -5.66
CA PHE A 96 0.69 5.51 -4.86
C PHE A 96 0.09 5.82 -3.50
N PRO A 97 -0.46 4.78 -2.84
CA PRO A 97 -1.08 4.92 -1.53
C PRO A 97 -0.07 5.20 -0.42
N SER A 98 -0.01 6.45 0.02
CA SER A 98 0.92 6.85 1.06
C SER A 98 0.47 6.33 2.43
N GLY A 99 -0.79 5.91 2.51
CA GLY A 99 -1.32 5.39 3.75
C GLY A 99 -0.94 6.25 4.94
N SER A 100 -1.23 7.55 4.85
CA SER A 100 -0.89 8.47 5.93
C SER A 100 -1.80 8.24 7.14
N ASN A 101 -1.43 8.83 8.27
CA ASN A 101 -2.22 8.69 9.49
C ASN A 101 -3.34 9.73 9.55
N ALA A 1 14.53 -7.36 10.80
CA ALA A 1 14.96 -6.99 12.14
C ALA A 1 13.89 -6.17 12.85
N THR A 2 13.91 -6.20 14.18
CA THR A 2 12.94 -5.47 14.99
C THR A 2 12.89 -4.01 14.56
N PRO A 3 11.67 -3.43 14.56
CA PRO A 3 11.45 -2.03 14.19
C PRO A 3 12.01 -1.06 15.23
N THR A 4 12.97 -0.25 14.81
CA THR A 4 13.59 0.72 15.72
C THR A 4 12.70 1.95 15.88
N PRO A 5 12.59 2.43 17.13
CA PRO A 5 11.77 3.61 17.45
C PRO A 5 12.38 4.90 16.92
N THR A 6 12.10 5.19 15.65
CA THR A 6 12.61 6.40 15.02
C THR A 6 11.55 7.07 14.16
N PRO A 7 11.75 8.37 13.87
CA PRO A 7 10.81 9.15 13.06
C PRO A 7 10.82 8.72 11.59
N LYS A 8 10.09 9.46 10.76
CA LYS A 8 10.02 9.16 9.33
C LYS A 8 10.29 10.41 8.50
N ALA A 9 11.29 10.33 7.63
CA ALA A 9 11.64 11.46 6.78
C ALA A 9 10.67 11.58 5.61
N ALA A 10 10.55 12.79 5.07
CA ALA A 10 9.65 13.05 3.96
C ALA A 10 9.99 12.16 2.76
N GLY A 11 8.97 11.54 2.18
CA GLY A 11 9.18 10.66 1.04
C GLY A 11 9.01 9.19 1.38
N SER A 12 7.77 8.74 1.37
CA SER A 12 7.46 7.35 1.69
C SER A 12 6.11 6.94 1.09
N TRP A 13 6.07 5.72 0.55
CA TRP A 13 4.85 5.21 -0.06
C TRP A 13 4.72 3.70 0.15
N CYS A 14 3.73 3.30 0.94
CA CYS A 14 3.51 1.90 1.23
C CYS A 14 2.69 1.23 0.12
N VAL A 15 3.34 0.39 -0.67
CA VAL A 15 2.68 -0.30 -1.77
C VAL A 15 3.46 -1.56 -2.17
N PRO A 16 2.74 -2.54 -2.75
CA PRO A 16 3.33 -3.80 -3.18
C PRO A 16 4.23 -3.62 -4.40
N LYS A 17 5.49 -4.04 -4.26
CA LYS A 17 6.46 -3.92 -5.35
C LYS A 17 5.91 -4.54 -6.63
N PRO A 18 5.74 -3.70 -7.66
CA PRO A 18 5.23 -4.15 -8.96
C PRO A 18 6.22 -5.03 -9.71
N GLY A 19 6.18 -6.33 -9.43
CA GLY A 19 7.08 -7.25 -10.09
C GLY A 19 7.33 -8.50 -9.28
N VAL A 20 7.20 -8.38 -7.96
CA VAL A 20 7.40 -9.52 -7.06
C VAL A 20 6.44 -10.65 -7.38
N SER A 21 6.67 -11.81 -6.77
CA SER A 21 5.83 -12.97 -6.99
C SER A 21 4.36 -12.64 -6.76
N ASP A 22 3.56 -12.77 -7.82
CA ASP A 22 2.13 -12.48 -7.73
C ASP A 22 1.54 -13.03 -6.44
N ASP A 23 1.52 -14.36 -6.32
CA ASP A 23 0.98 -15.01 -5.14
C ASP A 23 1.40 -14.27 -3.87
N GLN A 24 2.65 -13.83 -3.83
CA GLN A 24 3.18 -13.11 -2.67
C GLN A 24 2.35 -11.87 -2.39
N LEU A 25 2.12 -11.06 -3.42
CA LEU A 25 1.34 -9.84 -3.28
C LEU A 25 -0.14 -10.15 -3.07
N THR A 26 -0.59 -11.25 -3.65
CA THR A 26 -1.98 -11.67 -3.53
C THR A 26 -2.33 -12.01 -2.09
N GLY A 27 -1.34 -12.49 -1.34
CA GLY A 27 -1.56 -12.86 0.04
C GLY A 27 -1.89 -11.65 0.90
N ASN A 28 -1.49 -10.47 0.46
CA ASN A 28 -1.76 -9.24 1.20
C ASN A 28 -3.25 -8.98 1.30
N ILE A 29 -3.91 -8.86 0.15
CA ILE A 29 -5.34 -8.62 0.10
C ILE A 29 -6.09 -9.54 1.04
N ASN A 30 -5.77 -10.82 0.98
CA ASN A 30 -6.42 -11.82 1.83
C ASN A 30 -6.35 -11.39 3.29
N TYR A 31 -5.20 -10.92 3.73
CA TYR A 31 -5.01 -10.48 5.10
C TYR A 31 -5.70 -9.15 5.35
N ALA A 32 -5.33 -8.14 4.56
CA ALA A 32 -5.92 -6.81 4.69
C ALA A 32 -7.44 -6.89 4.77
N CYS A 33 -8.04 -7.72 3.93
CA CYS A 33 -9.49 -7.88 3.91
C CYS A 33 -10.03 -8.13 5.32
N SER A 34 -9.19 -8.71 6.16
CA SER A 34 -9.59 -9.00 7.54
C SER A 34 -9.44 -7.76 8.42
N GLN A 35 -9.32 -6.60 7.78
CA GLN A 35 -9.19 -5.34 8.50
C GLN A 35 -10.53 -4.62 8.61
N GLY A 36 -11.25 -4.55 7.50
CA GLY A 36 -12.54 -3.89 7.49
C GLY A 36 -12.70 -2.93 6.32
N ILE A 37 -11.85 -1.90 6.28
CA ILE A 37 -11.90 -0.91 5.21
C ILE A 37 -11.15 -1.40 3.98
N ASP A 38 -10.78 -2.68 3.98
CA ASP A 38 -10.06 -3.26 2.87
C ASP A 38 -11.03 -3.77 1.79
N CYS A 39 -11.93 -4.66 2.20
CA CYS A 39 -12.91 -5.23 1.28
C CYS A 39 -14.00 -4.21 0.96
N GLY A 40 -14.14 -3.88 -0.33
CA GLY A 40 -15.14 -2.93 -0.75
C GLY A 40 -14.55 -1.75 -1.50
N PRO A 41 -13.81 -0.90 -0.76
CA PRO A 41 -13.17 0.29 -1.34
C PRO A 41 -12.01 -0.07 -2.27
N ILE A 42 -11.78 -1.37 -2.44
CA ILE A 42 -10.71 -1.85 -3.30
C ILE A 42 -11.15 -1.88 -4.76
N GLN A 43 -12.22 -1.16 -5.07
CA GLN A 43 -12.75 -1.10 -6.42
C GLN A 43 -12.06 -0.01 -7.24
N PRO A 44 -11.69 -0.35 -8.48
CA PRO A 44 -11.02 0.59 -9.38
C PRO A 44 -11.94 1.71 -9.85
N GLY A 45 -11.38 2.67 -10.58
CA GLY A 45 -12.17 3.79 -11.07
C GLY A 45 -12.04 3.96 -12.58
N GLY A 46 -10.85 3.67 -13.10
CA GLY A 46 -10.62 3.81 -14.53
C GLY A 46 -9.41 4.68 -14.83
N ALA A 47 -9.01 5.51 -13.87
CA ALA A 47 -7.87 6.39 -14.05
C ALA A 47 -6.61 5.60 -14.37
N CYS A 48 -6.13 4.83 -13.39
CA CYS A 48 -4.93 4.02 -13.57
C CYS A 48 -5.25 2.54 -13.41
N PHE A 49 -6.50 2.24 -13.09
CA PHE A 49 -6.93 0.86 -12.90
C PHE A 49 -6.23 -0.07 -13.89
N GLU A 50 -6.29 0.28 -15.17
CA GLU A 50 -5.65 -0.52 -16.21
C GLU A 50 -4.31 0.08 -16.62
N PRO A 51 -3.27 -0.77 -16.63
CA PRO A 51 -3.40 -2.19 -16.28
C PRO A 51 -3.67 -2.40 -14.80
N ASN A 52 -4.41 -3.45 -14.48
CA ASN A 52 -4.75 -3.76 -13.09
C ASN A 52 -3.92 -4.94 -12.58
N THR A 53 -3.36 -4.78 -11.39
CA THR A 53 -2.54 -5.82 -10.78
C THR A 53 -3.37 -6.72 -9.87
N VAL A 54 -2.81 -7.86 -9.50
CA VAL A 54 -3.49 -8.81 -8.62
C VAL A 54 -3.71 -8.22 -7.23
N LYS A 55 -2.61 -7.80 -6.60
CA LYS A 55 -2.68 -7.22 -5.27
C LYS A 55 -3.10 -5.76 -5.34
N ALA A 56 -3.63 -5.35 -6.49
CA ALA A 56 -4.07 -3.98 -6.67
C ALA A 56 -4.99 -3.53 -5.54
N HIS A 57 -5.91 -4.41 -5.15
CA HIS A 57 -6.84 -4.11 -4.07
C HIS A 57 -6.11 -3.63 -2.82
N ALA A 58 -5.12 -4.41 -2.39
CA ALA A 58 -4.33 -4.06 -1.22
C ALA A 58 -3.72 -2.68 -1.36
N ALA A 59 -3.18 -2.39 -2.54
CA ALA A 59 -2.56 -1.09 -2.80
C ALA A 59 -3.54 0.05 -2.54
N TYR A 60 -4.82 -0.18 -2.84
CA TYR A 60 -5.85 0.83 -2.64
C TYR A 60 -6.08 1.08 -1.16
N VAL A 61 -6.57 0.06 -0.46
CA VAL A 61 -6.83 0.16 0.97
C VAL A 61 -5.59 0.60 1.74
N MET A 62 -4.43 0.17 1.25
CA MET A 62 -3.16 0.52 1.89
C MET A 62 -3.12 2.01 2.22
N ASN A 63 -3.85 2.81 1.45
CA ASN A 63 -3.89 4.25 1.66
C ASN A 63 -4.55 4.58 3.00
N LEU A 64 -5.82 4.18 3.14
CA LEU A 64 -6.56 4.45 4.36
C LEU A 64 -6.05 3.57 5.51
N TYR A 65 -5.89 2.29 5.23
CA TYR A 65 -5.40 1.35 6.24
C TYR A 65 -4.20 1.92 7.00
N TYR A 66 -3.24 2.45 6.24
CA TYR A 66 -2.03 3.03 6.83
C TYR A 66 -2.39 4.23 7.70
N GLN A 67 -3.45 4.94 7.32
CA GLN A 67 -3.88 6.12 8.07
C GLN A 67 -4.99 5.75 9.05
N HIS A 68 -5.43 4.49 8.99
CA HIS A 68 -6.49 4.02 9.89
C HIS A 68 -5.99 3.90 11.32
N ALA A 69 -4.78 3.36 11.47
CA ALA A 69 -4.18 3.19 12.78
C ALA A 69 -3.65 4.51 13.33
N GLY A 70 -2.71 5.11 12.61
CA GLY A 70 -2.14 6.38 13.03
C GLY A 70 -1.20 6.97 12.00
N ARG A 71 -1.38 6.57 10.74
CA ARG A 71 -0.54 7.07 9.66
C ARG A 71 0.94 6.89 9.99
N ASN A 72 1.27 5.73 10.54
CA ASN A 72 2.66 5.44 10.90
C ASN A 72 3.26 4.39 9.96
N SER A 73 4.57 4.24 10.02
CA SER A 73 5.28 3.28 9.18
C SER A 73 4.99 1.85 9.63
N TRP A 74 4.64 1.70 10.91
CA TRP A 74 4.33 0.38 11.46
C TRP A 74 2.93 -0.06 11.07
N ASN A 75 2.23 0.80 10.33
CA ASN A 75 0.87 0.49 9.90
C ASN A 75 0.88 -0.55 8.77
N CYS A 76 2.02 -0.66 8.08
CA CYS A 76 2.15 -1.61 6.99
C CYS A 76 2.49 -2.99 7.52
N ASP A 77 1.50 -3.87 7.57
CA ASP A 77 1.69 -5.24 8.05
C ASP A 77 1.39 -6.25 6.94
N PHE A 78 1.16 -5.75 5.73
CA PHE A 78 0.87 -6.61 4.60
C PHE A 78 2.01 -7.60 4.35
N SER A 79 3.13 -7.08 3.86
CA SER A 79 4.29 -7.91 3.57
C SER A 79 5.48 -7.06 3.14
N GLN A 80 6.61 -7.71 2.90
CA GLN A 80 7.83 -7.01 2.49
C GLN A 80 7.64 -6.35 1.13
N THR A 81 6.47 -6.57 0.52
CA THR A 81 6.17 -6.00 -0.79
C THR A 81 5.35 -4.72 -0.65
N ALA A 82 4.31 -4.78 0.17
CA ALA A 82 3.45 -3.62 0.40
C ALA A 82 4.07 -2.64 1.39
N THR A 83 5.40 -2.68 1.50
CA THR A 83 6.11 -1.81 2.42
C THR A 83 6.38 -0.45 1.78
N LEU A 84 7.07 0.42 2.51
CA LEU A 84 7.38 1.76 2.02
C LEU A 84 8.37 1.68 0.86
N THR A 85 8.09 2.45 -0.20
CA THR A 85 8.95 2.47 -1.37
C THR A 85 9.75 3.76 -1.44
N ASN A 86 10.74 3.80 -2.34
CA ASN A 86 11.58 4.97 -2.50
C ASN A 86 10.74 6.22 -2.71
N THR A 87 11.39 7.31 -3.10
CA THR A 87 10.71 8.58 -3.33
C THR A 87 9.44 8.37 -4.14
N ASN A 88 8.66 9.44 -4.30
CA ASN A 88 7.42 9.37 -5.07
C ASN A 88 7.65 8.75 -6.45
N PRO A 89 7.21 7.50 -6.61
CA PRO A 89 7.35 6.77 -7.87
C PRO A 89 6.47 7.34 -8.98
N SER A 90 5.53 8.20 -8.60
CA SER A 90 4.61 8.81 -9.55
C SER A 90 5.38 9.45 -10.70
N TYR A 91 5.36 8.81 -11.86
CA TYR A 91 6.05 9.31 -13.03
C TYR A 91 5.22 10.39 -13.73
N GLY A 92 3.94 10.44 -13.41
CA GLY A 92 3.07 11.43 -14.00
C GLY A 92 1.63 11.32 -13.51
N ALA A 93 0.72 10.97 -14.41
CA ALA A 93 -0.69 10.83 -14.06
C ALA A 93 -0.88 9.76 -13.00
N CYS A 94 -0.13 8.66 -13.12
CA CYS A 94 -0.22 7.56 -12.18
C CYS A 94 0.49 7.91 -10.87
N ASN A 95 -0.29 8.26 -9.86
CA ASN A 95 0.26 8.61 -8.55
C ASN A 95 0.15 7.45 -7.58
N PHE A 96 1.20 7.24 -6.78
CA PHE A 96 1.21 6.16 -5.81
C PHE A 96 0.72 6.65 -4.45
N PRO A 97 -0.05 5.80 -3.76
CA PRO A 97 -0.60 6.12 -2.43
C PRO A 97 0.48 6.17 -1.36
N SER A 98 0.50 7.26 -0.60
CA SER A 98 1.49 7.44 0.47
C SER A 98 0.83 7.34 1.84
N GLY A 99 -0.50 7.27 1.84
CA GLY A 99 -1.24 7.18 3.10
C GLY A 99 -0.79 8.23 4.10
N SER A 100 -0.66 9.47 3.64
CA SER A 100 -0.24 10.56 4.52
C SER A 100 -0.72 11.90 3.97
N ASN A 101 -1.42 12.65 4.81
CA ASN A 101 -1.95 13.95 4.43
C ASN A 101 -2.23 14.82 5.66
N ALA A 1 -13.84 15.73 0.34
CA ALA A 1 -12.83 16.46 1.10
C ALA A 1 -11.58 16.73 0.27
N THR A 2 -10.83 17.76 0.65
CA THR A 2 -9.61 18.11 -0.07
C THR A 2 -8.41 17.34 0.48
N PRO A 3 -7.55 16.86 -0.43
CA PRO A 3 -6.35 16.10 -0.07
C PRO A 3 -5.29 16.98 0.60
N THR A 4 -4.31 16.34 1.23
CA THR A 4 -3.25 17.06 1.92
C THR A 4 -1.91 16.35 1.74
N PRO A 5 -0.89 17.10 1.28
CA PRO A 5 0.45 16.57 1.06
C PRO A 5 1.16 16.24 2.36
N THR A 6 2.16 15.36 2.28
CA THR A 6 2.91 14.95 3.45
C THR A 6 4.38 14.75 3.11
N PRO A 7 5.21 15.74 3.47
CA PRO A 7 6.66 15.70 3.21
C PRO A 7 7.37 14.65 4.08
N LYS A 8 6.59 13.92 4.86
CA LYS A 8 7.15 12.88 5.73
C LYS A 8 8.05 11.94 4.95
N ALA A 9 9.36 12.13 5.08
CA ALA A 9 10.33 11.29 4.39
C ALA A 9 10.38 9.89 4.99
N ALA A 10 11.05 8.98 4.30
CA ALA A 10 11.17 7.60 4.77
C ALA A 10 12.26 6.85 4.01
N GLY A 11 12.48 5.59 4.39
CA GLY A 11 13.50 4.79 3.73
C GLY A 11 12.94 3.47 3.22
N SER A 12 11.70 3.17 3.59
CA SER A 12 11.07 1.93 3.16
C SER A 12 9.59 2.16 2.87
N TRP A 13 9.07 1.39 1.91
CA TRP A 13 7.66 1.51 1.53
C TRP A 13 7.06 0.14 1.20
N CYS A 14 6.10 -0.29 2.01
CA CYS A 14 5.45 -1.57 1.80
C CYS A 14 4.31 -1.46 0.79
N VAL A 15 4.53 -2.02 -0.40
CA VAL A 15 3.52 -1.98 -1.45
C VAL A 15 3.76 -3.09 -2.47
N PRO A 16 2.68 -3.51 -3.14
CA PRO A 16 2.74 -4.56 -4.17
C PRO A 16 3.48 -4.11 -5.42
N LYS A 17 4.55 -4.83 -5.75
CA LYS A 17 5.34 -4.50 -6.94
C LYS A 17 4.46 -4.40 -8.17
N PRO A 18 4.42 -3.20 -8.78
CA PRO A 18 3.61 -2.94 -9.97
C PRO A 18 4.16 -3.65 -11.21
N GLY A 19 3.78 -4.91 -11.38
CA GLY A 19 4.23 -5.69 -12.52
C GLY A 19 4.19 -7.17 -12.26
N VAL A 20 4.18 -7.56 -10.99
CA VAL A 20 4.14 -8.96 -10.62
C VAL A 20 2.89 -9.64 -11.17
N SER A 21 2.90 -10.98 -11.17
CA SER A 21 1.76 -11.74 -11.67
C SER A 21 0.46 -11.31 -10.99
N ASP A 22 -0.41 -10.67 -11.78
CA ASP A 22 -1.69 -10.21 -11.25
C ASP A 22 -2.22 -11.15 -10.17
N ASP A 23 -2.52 -12.38 -10.56
CA ASP A 23 -3.04 -13.38 -9.64
C ASP A 23 -2.25 -13.36 -8.33
N GLN A 24 -0.93 -13.21 -8.45
CA GLN A 24 -0.06 -13.18 -7.28
C GLN A 24 -0.46 -12.06 -6.33
N LEU A 25 -0.60 -10.85 -6.88
CA LEU A 25 -0.97 -9.69 -6.09
C LEU A 25 -2.43 -9.78 -5.64
N THR A 26 -3.25 -10.45 -6.45
CA THR A 26 -4.66 -10.61 -6.14
C THR A 26 -4.86 -11.48 -4.90
N GLY A 27 -3.76 -11.94 -4.32
CA GLY A 27 -3.83 -12.77 -3.13
C GLY A 27 -3.71 -11.97 -1.86
N ASN A 28 -2.85 -10.95 -1.86
CA ASN A 28 -2.64 -10.12 -0.70
C ASN A 28 -3.97 -9.54 -0.20
N ILE A 29 -4.80 -9.10 -1.13
CA ILE A 29 -6.10 -8.54 -0.78
C ILE A 29 -6.95 -9.55 -0.02
N ASN A 30 -7.01 -10.77 -0.54
CA ASN A 30 -7.79 -11.84 0.09
C ASN A 30 -7.49 -11.92 1.58
N TYR A 31 -6.21 -11.84 1.93
CA TYR A 31 -5.79 -11.91 3.33
C TYR A 31 -6.12 -10.62 4.06
N ALA A 32 -5.75 -9.50 3.46
CA ALA A 32 -6.01 -8.19 4.05
C ALA A 32 -7.47 -8.04 4.43
N CYS A 33 -8.35 -8.45 3.53
CA CYS A 33 -9.79 -8.35 3.78
C CYS A 33 -10.18 -9.12 5.04
N SER A 34 -9.24 -9.92 5.55
CA SER A 34 -9.48 -10.71 6.75
C SER A 34 -9.02 -9.95 7.99
N GLN A 35 -8.62 -8.70 7.80
CA GLN A 35 -8.14 -7.87 8.91
C GLN A 35 -9.25 -6.96 9.42
N GLY A 36 -9.99 -6.36 8.49
CA GLY A 36 -11.07 -5.47 8.87
C GLY A 36 -10.94 -4.10 8.23
N ILE A 37 -9.74 -3.53 8.30
CA ILE A 37 -9.49 -2.21 7.74
C ILE A 37 -9.04 -2.32 6.29
N ASP A 38 -9.12 -3.53 5.73
CA ASP A 38 -8.71 -3.77 4.36
C ASP A 38 -9.87 -3.50 3.40
N CYS A 39 -10.94 -4.27 3.56
CA CYS A 39 -12.12 -4.13 2.70
C CYS A 39 -12.93 -2.90 3.11
N GLY A 40 -13.17 -2.01 2.15
CA GLY A 40 -13.94 -0.80 2.43
C GLY A 40 -13.13 0.46 2.16
N PRO A 41 -12.20 0.77 3.08
CA PRO A 41 -11.34 1.96 2.96
C PRO A 41 -10.34 1.84 1.81
N ILE A 42 -10.43 0.75 1.07
CA ILE A 42 -9.52 0.53 -0.06
C ILE A 42 -10.00 1.26 -1.31
N GLN A 43 -10.88 2.25 -1.11
CA GLN A 43 -11.40 3.03 -2.22
C GLN A 43 -10.40 4.09 -2.66
N PRO A 44 -10.36 4.35 -3.98
CA PRO A 44 -9.46 5.34 -4.56
C PRO A 44 -9.85 6.77 -4.19
N GLY A 45 -8.85 7.64 -4.07
CA GLY A 45 -9.10 9.02 -3.73
C GLY A 45 -9.04 9.94 -4.92
N GLY A 46 -8.09 9.69 -5.82
CA GLY A 46 -7.94 10.51 -7.00
C GLY A 46 -6.52 10.99 -7.20
N ALA A 47 -5.58 10.37 -6.50
CA ALA A 47 -4.18 10.73 -6.61
C ALA A 47 -3.45 9.84 -7.60
N CYS A 48 -3.30 8.57 -7.23
CA CYS A 48 -2.61 7.60 -8.09
C CYS A 48 -3.55 6.47 -8.49
N PHE A 49 -4.76 6.47 -7.91
CA PHE A 49 -5.75 5.45 -8.21
C PHE A 49 -5.66 5.01 -9.68
N GLU A 50 -5.77 5.98 -10.59
CA GLU A 50 -5.72 5.70 -12.01
C GLU A 50 -4.33 6.03 -12.57
N PRO A 51 -3.71 5.03 -13.23
CA PRO A 51 -4.32 3.71 -13.42
C PRO A 51 -4.41 2.92 -12.13
N ASN A 52 -5.41 2.06 -12.03
CA ASN A 52 -5.60 1.24 -10.84
C ASN A 52 -5.32 -0.24 -11.14
N THR A 53 -4.56 -0.88 -10.26
CA THR A 53 -4.20 -2.28 -10.43
C THR A 53 -5.16 -3.19 -9.67
N VAL A 54 -4.99 -4.50 -9.81
CA VAL A 54 -5.84 -5.46 -9.12
C VAL A 54 -5.66 -5.38 -7.61
N LYS A 55 -4.42 -5.50 -7.16
CA LYS A 55 -4.11 -5.45 -5.74
C LYS A 55 -4.02 -4.00 -5.26
N ALA A 56 -4.57 -3.08 -6.05
CA ALA A 56 -4.54 -1.67 -5.71
C ALA A 56 -5.06 -1.44 -4.29
N HIS A 57 -6.09 -2.18 -3.92
CA HIS A 57 -6.69 -2.05 -2.60
C HIS A 57 -5.63 -2.30 -1.51
N ALA A 58 -5.02 -3.48 -1.55
CA ALA A 58 -4.00 -3.83 -0.57
C ALA A 58 -2.96 -2.73 -0.44
N ALA A 59 -2.63 -2.09 -1.56
CA ALA A 59 -1.64 -1.02 -1.57
C ALA A 59 -2.06 0.12 -0.65
N TYR A 60 -3.33 0.49 -0.71
CA TYR A 60 -3.86 1.57 0.11
C TYR A 60 -3.89 1.17 1.59
N VAL A 61 -4.61 0.09 1.88
CA VAL A 61 -4.71 -0.40 3.25
C VAL A 61 -3.33 -0.66 3.85
N MET A 62 -2.41 -1.13 3.01
CA MET A 62 -1.04 -1.42 3.45
C MET A 62 -0.50 -0.26 4.30
N ASN A 63 -0.96 0.94 4.01
CA ASN A 63 -0.51 2.12 4.74
C ASN A 63 -0.92 2.05 6.21
N LEU A 64 -2.23 2.08 6.46
CA LEU A 64 -2.75 2.01 7.81
C LEU A 64 -2.44 0.66 8.45
N TYR A 65 -2.72 -0.41 7.72
CA TYR A 65 -2.48 -1.76 8.21
C TYR A 65 -1.06 -1.89 8.76
N TYR A 66 -0.08 -1.40 8.00
CA TYR A 66 1.31 -1.46 8.41
C TYR A 66 1.53 -0.70 9.71
N GLN A 67 0.73 0.34 9.92
CA GLN A 67 0.83 1.16 11.13
C GLN A 67 -0.22 0.75 12.16
N HIS A 68 -0.98 -0.29 11.82
CA HIS A 68 -2.03 -0.78 12.72
C HIS A 68 -1.42 -1.56 13.88
N ALA A 69 -0.53 -2.49 13.56
CA ALA A 69 0.13 -3.30 14.58
C ALA A 69 1.10 -2.47 15.40
N GLY A 70 2.03 -1.80 14.73
CA GLY A 70 3.01 -0.98 15.42
C GLY A 70 3.97 -0.31 14.47
N ARG A 71 3.54 -0.10 13.23
CA ARG A 71 4.37 0.54 12.21
C ARG A 71 5.72 -0.16 12.11
N ASN A 72 5.70 -1.49 12.03
CA ASN A 72 6.92 -2.27 11.93
C ASN A 72 7.00 -2.98 10.57
N SER A 73 8.20 -3.41 10.21
CA SER A 73 8.41 -4.10 8.94
C SER A 73 7.73 -5.46 8.93
N TRP A 74 7.52 -6.02 10.12
CA TRP A 74 6.87 -7.32 10.26
C TRP A 74 5.36 -7.18 10.13
N ASN A 75 4.89 -5.96 9.91
CA ASN A 75 3.46 -5.70 9.77
C ASN A 75 2.96 -6.12 8.39
N CYS A 76 3.88 -6.25 7.45
CA CYS A 76 3.54 -6.65 6.08
C CYS A 76 3.44 -8.16 5.97
N ASP A 77 2.21 -8.66 5.95
CA ASP A 77 1.97 -10.10 5.85
C ASP A 77 1.20 -10.43 4.58
N PHE A 78 1.02 -9.43 3.73
CA PHE A 78 0.29 -9.61 2.47
C PHE A 78 0.96 -10.67 1.61
N SER A 79 2.12 -10.33 1.06
CA SER A 79 2.87 -11.25 0.20
C SER A 79 4.23 -10.67 -0.16
N GLN A 80 5.02 -11.43 -0.90
CA GLN A 80 6.35 -10.99 -1.32
C GLN A 80 6.26 -9.80 -2.27
N THR A 81 5.03 -9.40 -2.57
CA THR A 81 4.80 -8.27 -3.47
C THR A 81 4.54 -6.99 -2.69
N ALA A 82 3.65 -7.08 -1.69
CA ALA A 82 3.30 -5.93 -0.87
C ALA A 82 4.35 -5.71 0.21
N THR A 83 5.57 -6.14 -0.04
CA THR A 83 6.66 -5.99 0.92
C THR A 83 7.35 -4.64 0.76
N LEU A 84 8.38 -4.41 1.56
CA LEU A 84 9.13 -3.16 1.51
C LEU A 84 9.88 -3.02 0.19
N THR A 85 9.72 -1.87 -0.45
CA THR A 85 10.38 -1.61 -1.73
C THR A 85 11.55 -0.63 -1.56
N ASN A 86 12.35 -0.50 -2.61
CA ASN A 86 13.50 0.40 -2.57
C ASN A 86 13.08 1.80 -2.13
N THR A 87 14.00 2.76 -2.28
CA THR A 87 13.72 4.14 -1.91
C THR A 87 12.36 4.58 -2.40
N ASN A 88 11.94 5.77 -1.98
CA ASN A 88 10.64 6.31 -2.38
C ASN A 88 10.48 6.28 -3.89
N PRO A 89 9.65 5.35 -4.38
CA PRO A 89 9.39 5.20 -5.82
C PRO A 89 8.59 6.36 -6.40
N SER A 90 8.19 7.28 -5.53
CA SER A 90 7.41 8.45 -5.95
C SER A 90 8.11 9.17 -7.11
N TYR A 91 7.58 8.99 -8.31
CA TYR A 91 8.14 9.62 -9.49
C TYR A 91 7.49 10.98 -9.75
N GLY A 92 6.33 11.19 -9.15
CA GLY A 92 5.62 12.45 -9.32
C GLY A 92 4.42 12.57 -8.40
N ALA A 93 3.23 12.67 -8.99
CA ALA A 93 2.00 12.79 -8.22
C ALA A 93 1.69 11.50 -7.47
N CYS A 94 2.17 10.38 -8.01
CA CYS A 94 1.95 9.08 -7.39
C CYS A 94 2.85 8.89 -6.18
N ASN A 95 2.27 9.06 -4.99
CA ASN A 95 3.03 8.90 -3.75
C ASN A 95 2.78 7.53 -3.13
N PHE A 96 3.86 6.82 -2.83
CA PHE A 96 3.76 5.50 -2.23
C PHE A 96 3.80 5.58 -0.71
N PRO A 97 2.99 4.75 -0.05
CA PRO A 97 2.91 4.71 1.42
C PRO A 97 4.17 4.13 2.05
N SER A 98 4.68 4.81 3.07
CA SER A 98 5.88 4.36 3.76
C SER A 98 5.54 3.78 5.13
N GLY A 99 4.32 4.03 5.58
CA GLY A 99 3.89 3.51 6.88
C GLY A 99 5.01 3.49 7.90
N SER A 100 5.84 4.53 7.88
CA SER A 100 6.96 4.62 8.80
C SER A 100 7.32 6.08 9.08
N ASN A 101 7.84 6.35 10.27
CA ASN A 101 8.22 7.71 10.66
C ASN A 101 9.71 7.94 10.42
N ALA A 1 27.80 -5.14 12.41
CA ALA A 1 26.99 -4.93 11.23
C ALA A 1 27.33 -3.60 10.56
N THR A 2 26.72 -3.35 9.40
CA THR A 2 26.95 -2.12 8.66
C THR A 2 25.89 -1.07 9.00
N PRO A 3 26.34 0.16 9.28
CA PRO A 3 25.44 1.27 9.61
C PRO A 3 24.62 1.73 8.41
N THR A 4 23.84 2.79 8.61
CA THR A 4 23.00 3.33 7.54
C THR A 4 22.67 4.80 7.80
N PRO A 5 22.53 5.57 6.71
CA PRO A 5 22.20 6.99 6.79
C PRO A 5 20.78 7.24 7.27
N THR A 6 20.43 8.51 7.45
CA THR A 6 19.09 8.88 7.90
C THR A 6 18.23 9.33 6.73
N PRO A 7 16.93 8.99 6.80
CA PRO A 7 15.96 9.34 5.76
C PRO A 7 15.66 10.84 5.73
N LYS A 8 14.69 11.22 4.91
CA LYS A 8 14.30 12.62 4.79
C LYS A 8 12.88 12.84 5.31
N ALA A 9 12.73 13.79 6.24
CA ALA A 9 11.43 14.10 6.81
C ALA A 9 10.42 14.46 5.72
N ALA A 10 9.41 13.60 5.54
CA ALA A 10 8.39 13.82 4.54
C ALA A 10 7.18 12.91 4.78
N GLY A 11 6.15 13.07 3.94
CA GLY A 11 4.96 12.26 4.08
C GLY A 11 5.25 10.77 3.96
N SER A 12 4.19 9.97 4.02
CA SER A 12 4.34 8.52 3.92
C SER A 12 3.13 7.90 3.20
N TRP A 13 3.35 6.75 2.58
CA TRP A 13 2.30 6.05 1.86
C TRP A 13 2.56 4.55 1.81
N CYS A 14 1.73 3.78 2.50
CA CYS A 14 1.87 2.33 2.54
C CYS A 14 1.31 1.70 1.27
N VAL A 15 2.19 1.16 0.44
CA VAL A 15 1.78 0.52 -0.81
C VAL A 15 2.87 -0.42 -1.32
N PRO A 16 2.45 -1.41 -2.13
CA PRO A 16 3.37 -2.39 -2.71
C PRO A 16 4.28 -1.78 -3.76
N LYS A 17 5.59 -1.92 -3.54
CA LYS A 17 6.58 -1.38 -4.48
C LYS A 17 6.29 -1.85 -5.91
N PRO A 18 5.94 -0.91 -6.78
CA PRO A 18 5.64 -1.19 -8.19
C PRO A 18 6.88 -1.61 -8.97
N GLY A 19 7.04 -2.91 -9.17
CA GLY A 19 8.18 -3.42 -9.90
C GLY A 19 8.79 -4.66 -9.28
N VAL A 20 8.64 -4.77 -7.96
CA VAL A 20 9.17 -5.92 -7.23
C VAL A 20 8.59 -7.23 -7.76
N SER A 21 9.10 -8.34 -7.26
CA SER A 21 8.63 -9.65 -7.68
C SER A 21 7.11 -9.76 -7.56
N ASP A 22 6.44 -9.79 -8.71
CA ASP A 22 4.98 -9.87 -8.74
C ASP A 22 4.48 -10.89 -7.72
N ASP A 23 4.77 -12.17 -7.97
CA ASP A 23 4.34 -13.24 -7.07
C ASP A 23 4.52 -12.82 -5.61
N GLN A 24 5.47 -11.93 -5.37
CA GLN A 24 5.74 -11.45 -4.01
C GLN A 24 4.54 -10.69 -3.45
N LEU A 25 4.05 -9.73 -4.22
CA LEU A 25 2.89 -8.93 -3.80
C LEU A 25 1.62 -9.77 -3.80
N THR A 26 1.55 -10.71 -4.74
CA THR A 26 0.38 -11.57 -4.87
C THR A 26 0.03 -12.22 -3.53
N GLY A 27 0.99 -12.22 -2.61
CA GLY A 27 0.77 -12.81 -1.31
C GLY A 27 0.04 -11.87 -0.36
N ASN A 28 0.20 -10.58 -0.58
CA ASN A 28 -0.45 -9.56 0.24
C ASN A 28 -1.97 -9.72 0.20
N ILE A 29 -2.50 -9.88 -1.01
CA ILE A 29 -3.94 -10.02 -1.20
C ILE A 29 -4.44 -11.30 -0.53
N ASN A 30 -3.82 -12.43 -0.85
CA ASN A 30 -4.20 -13.71 -0.28
C ASN A 30 -4.24 -13.63 1.25
N TYR A 31 -3.19 -13.06 1.83
CA TYR A 31 -3.10 -12.93 3.28
C TYR A 31 -4.12 -11.92 3.80
N ALA A 32 -4.01 -10.69 3.33
CA ALA A 32 -4.92 -9.62 3.74
C ALA A 32 -6.38 -10.06 3.58
N CYS A 33 -6.64 -10.87 2.56
CA CYS A 33 -7.98 -11.35 2.30
C CYS A 33 -8.54 -12.08 3.52
N SER A 34 -7.69 -12.36 4.48
CA SER A 34 -8.10 -13.05 5.70
C SER A 34 -7.89 -12.17 6.92
N GLN A 35 -7.77 -10.87 6.69
CA GLN A 35 -7.58 -9.91 7.78
C GLN A 35 -8.92 -9.38 8.28
N GLY A 36 -9.73 -8.89 7.35
CA GLY A 36 -11.03 -8.36 7.72
C GLY A 36 -11.69 -7.60 6.58
N ILE A 37 -11.55 -6.28 6.60
CA ILE A 37 -12.14 -5.43 5.56
C ILE A 37 -11.26 -5.40 4.32
N ASP A 38 -10.35 -6.36 4.21
CA ASP A 38 -9.44 -6.44 3.08
C ASP A 38 -10.17 -6.95 1.84
N CYS A 39 -10.68 -8.18 1.91
CA CYS A 39 -11.39 -8.78 0.80
C CYS A 39 -12.80 -8.19 0.67
N GLY A 40 -13.12 -7.69 -0.52
CA GLY A 40 -14.43 -7.11 -0.75
C GLY A 40 -14.34 -5.69 -1.27
N PRO A 41 -13.92 -4.76 -0.40
CA PRO A 41 -13.78 -3.35 -0.75
C PRO A 41 -12.64 -3.10 -1.73
N ILE A 42 -12.03 -4.19 -2.20
CA ILE A 42 -10.92 -4.07 -3.14
C ILE A 42 -11.43 -3.90 -4.57
N GLN A 43 -12.69 -3.50 -4.70
CA GLN A 43 -13.30 -3.29 -6.01
C GLN A 43 -12.89 -1.94 -6.59
N PRO A 44 -12.41 -1.96 -7.85
CA PRO A 44 -11.98 -0.74 -8.55
C PRO A 44 -13.14 0.18 -8.89
N GLY A 45 -12.82 1.38 -9.34
CA GLY A 45 -13.86 2.34 -9.70
C GLY A 45 -13.84 2.68 -11.17
N GLY A 46 -12.64 2.85 -11.73
CA GLY A 46 -12.51 3.19 -13.13
C GLY A 46 -11.59 4.37 -13.36
N ALA A 47 -11.33 5.14 -12.31
CA ALA A 47 -10.47 6.30 -12.40
C ALA A 47 -9.04 5.91 -12.77
N CYS A 48 -8.36 5.23 -11.85
CA CYS A 48 -7.00 4.79 -12.08
C CYS A 48 -6.89 3.26 -12.04
N PHE A 49 -8.05 2.61 -11.93
CA PHE A 49 -8.10 1.15 -11.87
C PHE A 49 -7.11 0.54 -12.86
N GLU A 50 -7.38 0.71 -14.15
CA GLU A 50 -6.52 0.16 -15.19
C GLU A 50 -5.49 1.20 -15.63
N PRO A 51 -4.24 0.75 -15.83
CA PRO A 51 -3.86 -0.65 -15.62
C PRO A 51 -3.88 -1.04 -14.15
N ASN A 52 -4.36 -2.25 -13.87
CA ASN A 52 -4.45 -2.75 -12.50
C ASN A 52 -3.43 -3.86 -12.28
N THR A 53 -2.71 -3.79 -11.16
CA THR A 53 -1.71 -4.79 -10.82
C THR A 53 -2.33 -5.95 -10.07
N VAL A 54 -1.53 -6.99 -9.82
CA VAL A 54 -2.01 -8.16 -9.10
C VAL A 54 -2.37 -7.82 -7.66
N LYS A 55 -1.41 -7.25 -6.93
CA LYS A 55 -1.63 -6.87 -5.54
C LYS A 55 -2.42 -5.57 -5.45
N ALA A 56 -3.00 -5.16 -6.57
CA ALA A 56 -3.79 -3.93 -6.61
C ALA A 56 -4.83 -3.90 -5.50
N HIS A 57 -5.57 -4.99 -5.36
CA HIS A 57 -6.60 -5.10 -4.33
C HIS A 57 -6.05 -4.69 -2.97
N ALA A 58 -4.89 -5.23 -2.62
CA ALA A 58 -4.26 -4.92 -1.35
C ALA A 58 -4.01 -3.42 -1.21
N ALA A 59 -3.63 -2.77 -2.31
CA ALA A 59 -3.37 -1.34 -2.31
C ALA A 59 -4.58 -0.56 -1.80
N TYR A 60 -5.77 -1.03 -2.15
CA TYR A 60 -7.01 -0.37 -1.74
C TYR A 60 -7.22 -0.52 -0.24
N VAL A 61 -7.30 -1.77 0.22
CA VAL A 61 -7.50 -2.06 1.63
C VAL A 61 -6.44 -1.38 2.49
N MET A 62 -5.21 -1.37 1.99
CA MET A 62 -4.10 -0.74 2.71
C MET A 62 -4.50 0.63 3.25
N ASN A 63 -5.37 1.31 2.51
CA ASN A 63 -5.83 2.64 2.90
C ASN A 63 -6.63 2.57 4.19
N LEU A 64 -7.79 1.94 4.14
CA LEU A 64 -8.65 1.79 5.31
C LEU A 64 -7.97 0.97 6.39
N TYR A 65 -7.62 -0.26 6.06
CA TYR A 65 -6.95 -1.15 7.02
C TYR A 65 -5.93 -0.38 7.84
N TYR A 66 -5.16 0.48 7.19
CA TYR A 66 -4.14 1.27 7.86
C TYR A 66 -4.77 2.17 8.92
N GLN A 67 -5.90 2.77 8.58
CA GLN A 67 -6.60 3.67 9.50
C GLN A 67 -7.63 2.90 10.32
N HIS A 68 -7.78 1.61 10.02
CA HIS A 68 -8.73 0.76 10.75
C HIS A 68 -8.20 0.42 12.13
N ALA A 69 -6.91 0.13 12.22
CA ALA A 69 -6.28 -0.22 13.49
C ALA A 69 -6.07 1.02 14.35
N GLY A 70 -5.29 1.97 13.85
CA GLY A 70 -5.03 3.18 14.59
C GLY A 70 -4.35 4.24 13.75
N ARG A 71 -4.47 4.12 12.42
CA ARG A 71 -3.87 5.06 11.50
C ARG A 71 -2.39 5.27 11.82
N ASN A 72 -1.74 4.20 12.27
CA ASN A 72 -0.32 4.25 12.61
C ASN A 72 0.52 3.60 11.51
N SER A 73 1.83 3.82 11.58
CA SER A 73 2.75 3.26 10.59
C SER A 73 2.89 1.75 10.76
N TRP A 74 2.62 1.28 11.98
CA TRP A 74 2.71 -0.14 12.29
C TRP A 74 1.49 -0.90 11.76
N ASN A 75 0.58 -0.16 11.13
CA ASN A 75 -0.64 -0.76 10.59
C ASN A 75 -0.33 -1.56 9.32
N CYS A 76 0.91 -1.48 8.87
CA CYS A 76 1.34 -2.20 7.68
C CYS A 76 1.96 -3.55 8.04
N ASP A 77 1.18 -4.61 7.87
CA ASP A 77 1.65 -5.96 8.18
C ASP A 77 1.66 -6.84 6.93
N PHE A 78 1.36 -6.22 5.79
CA PHE A 78 1.34 -6.95 4.52
C PHE A 78 2.70 -7.58 4.22
N SER A 79 3.67 -6.73 3.89
CA SER A 79 5.02 -7.19 3.57
C SER A 79 5.97 -6.02 3.36
N GLN A 80 7.24 -6.33 3.11
CA GLN A 80 8.24 -5.30 2.89
C GLN A 80 7.95 -4.52 1.61
N THR A 81 6.90 -4.93 0.90
CA THR A 81 6.51 -4.27 -0.34
C THR A 81 5.39 -3.26 -0.10
N ALA A 82 4.36 -3.70 0.62
CA ALA A 82 3.22 -2.84 0.92
C ALA A 82 3.53 -1.91 2.10
N THR A 83 4.81 -1.66 2.32
CA THR A 83 5.23 -0.79 3.42
C THR A 83 5.21 0.68 2.99
N LEU A 84 5.63 1.56 3.90
CA LEU A 84 5.65 2.98 3.62
C LEU A 84 6.68 3.31 2.54
N THR A 85 6.22 3.98 1.49
CA THR A 85 7.10 4.37 0.38
C THR A 85 7.57 5.81 0.52
N ASN A 86 8.54 6.19 -0.29
CA ASN A 86 9.08 7.55 -0.26
C ASN A 86 7.96 8.58 -0.39
N THR A 87 8.35 9.84 -0.58
CA THR A 87 7.38 10.92 -0.70
C THR A 87 6.22 10.52 -1.62
N ASN A 88 5.19 11.35 -1.65
CA ASN A 88 4.02 11.08 -2.49
C ASN A 88 4.44 10.78 -3.93
N PRO A 89 4.35 9.50 -4.32
CA PRO A 89 4.71 9.06 -5.67
C PRO A 89 3.72 9.56 -6.73
N SER A 90 2.68 10.24 -6.28
CA SER A 90 1.65 10.76 -7.18
C SER A 90 2.29 11.57 -8.30
N TYR A 91 2.30 11.01 -9.50
CA TYR A 91 2.87 11.68 -10.66
C TYR A 91 1.88 12.67 -11.26
N GLY A 92 0.61 12.51 -10.91
CA GLY A 92 -0.41 13.40 -11.43
C GLY A 92 -1.81 12.99 -10.99
N ALA A 93 -2.63 12.58 -11.94
CA ALA A 93 -4.00 12.16 -11.65
C ALA A 93 -4.01 10.94 -10.73
N CYS A 94 -3.07 10.02 -10.96
CA CYS A 94 -2.98 8.81 -10.16
C CYS A 94 -2.36 9.10 -8.80
N ASN A 95 -3.21 9.18 -7.78
CA ASN A 95 -2.74 9.45 -6.43
C ASN A 95 -2.64 8.16 -5.61
N PHE A 96 -1.64 8.09 -4.73
CA PHE A 96 -1.44 6.92 -3.90
C PHE A 96 -2.16 7.07 -2.56
N PRO A 97 -2.58 5.94 -1.98
CA PRO A 97 -3.28 5.91 -0.69
C PRO A 97 -2.38 6.29 0.47
N SER A 98 -2.69 7.40 1.12
CA SER A 98 -1.91 7.87 2.26
C SER A 98 -2.68 7.72 3.56
N GLY A 99 -3.73 6.91 3.53
CA GLY A 99 -4.54 6.68 4.70
C GLY A 99 -5.31 7.91 5.12
N SER A 100 -4.65 8.83 5.81
CA SER A 100 -5.28 10.06 6.28
C SER A 100 -5.29 11.11 5.17
N ASN A 101 -6.47 11.34 4.60
CA ASN A 101 -6.61 12.33 3.53
C ASN A 101 -6.80 13.73 4.10
N ALA A 1 30.38 22.67 12.49
CA ALA A 1 30.29 24.09 12.19
C ALA A 1 28.93 24.45 11.63
N THR A 2 28.45 23.65 10.69
CA THR A 2 27.15 23.87 10.07
C THR A 2 26.07 23.01 10.71
N PRO A 3 25.06 23.67 11.28
CA PRO A 3 23.94 22.98 11.94
C PRO A 3 23.04 22.25 10.94
N THR A 4 22.25 21.32 11.45
CA THR A 4 21.34 20.55 10.60
C THR A 4 20.07 21.33 10.30
N PRO A 5 19.87 21.65 9.01
CA PRO A 5 18.70 22.40 8.56
C PRO A 5 17.40 21.60 8.66
N THR A 6 16.29 22.22 8.30
CA THR A 6 14.99 21.55 8.36
C THR A 6 14.58 21.02 6.99
N PRO A 7 14.74 19.71 6.81
CA PRO A 7 14.39 19.05 5.54
C PRO A 7 12.89 19.01 5.30
N LYS A 8 12.48 18.31 4.24
CA LYS A 8 11.06 18.20 3.90
C LYS A 8 10.42 17.01 4.62
N ALA A 9 9.37 17.29 5.37
CA ALA A 9 8.66 16.23 6.10
C ALA A 9 8.18 15.15 5.16
N ALA A 10 7.83 14.00 5.73
CA ALA A 10 7.34 12.86 4.94
C ALA A 10 6.57 11.87 5.80
N GLY A 11 6.04 10.83 5.18
CA GLY A 11 5.29 9.83 5.91
C GLY A 11 5.60 8.42 5.44
N SER A 12 4.55 7.62 5.26
CA SER A 12 4.71 6.25 4.80
C SER A 12 3.46 5.75 4.09
N TRP A 13 3.63 4.78 3.21
CA TRP A 13 2.50 4.22 2.45
C TRP A 13 2.71 2.73 2.19
N CYS A 14 1.99 1.90 2.92
CA CYS A 14 2.10 0.45 2.77
C CYS A 14 1.45 -0.01 1.46
N VAL A 15 2.29 -0.35 0.49
CA VAL A 15 1.81 -0.80 -0.81
C VAL A 15 2.87 -1.60 -1.55
N PRO A 16 2.42 -2.50 -2.44
CA PRO A 16 3.33 -3.34 -3.23
C PRO A 16 4.11 -2.56 -4.27
N LYS A 17 5.43 -2.59 -4.17
CA LYS A 17 6.29 -1.88 -5.10
C LYS A 17 5.93 -2.23 -6.54
N PRO A 18 5.54 -1.20 -7.32
CA PRO A 18 5.16 -1.38 -8.72
C PRO A 18 6.36 -1.71 -9.61
N GLY A 19 6.69 -2.99 -9.68
CA GLY A 19 7.81 -3.42 -10.50
C GLY A 19 8.35 -4.78 -10.08
N VAL A 20 8.08 -5.16 -8.84
CA VAL A 20 8.53 -6.45 -8.32
C VAL A 20 7.86 -7.60 -9.05
N SER A 21 8.43 -8.79 -8.89
CA SER A 21 7.89 -9.99 -9.54
C SER A 21 6.41 -10.16 -9.20
N ASP A 22 5.54 -9.83 -10.15
CA ASP A 22 4.10 -9.96 -9.95
C ASP A 22 3.77 -11.16 -9.06
N ASP A 23 4.07 -12.36 -9.56
CA ASP A 23 3.82 -13.58 -8.81
C ASP A 23 4.06 -13.36 -7.31
N GLN A 24 5.13 -12.65 -6.99
CA GLN A 24 5.47 -12.38 -5.60
C GLN A 24 4.38 -11.55 -4.93
N LEU A 25 3.93 -10.50 -5.60
CA LEU A 25 2.89 -9.63 -5.07
C LEU A 25 1.54 -10.34 -5.04
N THR A 26 1.33 -11.21 -6.03
CA THR A 26 0.07 -11.96 -6.12
C THR A 26 -0.19 -12.76 -4.86
N GLY A 27 0.89 -13.26 -4.25
CA GLY A 27 0.76 -14.04 -3.04
C GLY A 27 0.16 -13.24 -1.90
N ASN A 28 0.33 -11.93 -1.94
CA ASN A 28 -0.19 -11.05 -0.90
C ASN A 28 -1.72 -11.10 -0.88
N ILE A 29 -2.33 -11.07 -2.06
CA ILE A 29 -3.78 -11.12 -2.17
C ILE A 29 -4.34 -12.41 -1.61
N ASN A 30 -3.79 -13.53 -2.07
CA ASN A 30 -4.23 -14.84 -1.60
C ASN A 30 -4.18 -14.93 -0.08
N TYR A 31 -3.07 -14.47 0.50
CA TYR A 31 -2.89 -14.49 1.94
C TYR A 31 -3.85 -13.52 2.62
N ALA A 32 -3.76 -12.25 2.25
CA ALA A 32 -4.61 -11.22 2.83
C ALA A 32 -6.07 -11.63 2.78
N CYS A 33 -6.51 -12.12 1.63
CA CYS A 33 -7.90 -12.55 1.46
C CYS A 33 -8.32 -13.51 2.57
N SER A 34 -7.32 -14.06 3.26
CA SER A 34 -7.59 -14.99 4.36
C SER A 34 -7.77 -14.25 5.68
N GLN A 35 -7.95 -12.93 5.58
CA GLN A 35 -8.14 -12.11 6.77
C GLN A 35 -9.62 -11.83 7.01
N GLY A 36 -10.33 -11.46 5.95
CA GLY A 36 -11.75 -11.17 6.06
C GLY A 36 -12.15 -9.92 5.30
N ILE A 37 -11.49 -8.80 5.60
CA ILE A 37 -11.79 -7.55 4.94
C ILE A 37 -10.97 -7.39 3.66
N ASP A 38 -10.20 -8.42 3.33
CA ASP A 38 -9.37 -8.40 2.13
C ASP A 38 -10.19 -8.72 0.88
N CYS A 39 -10.83 -9.89 0.87
CA CYS A 39 -11.65 -10.31 -0.25
C CYS A 39 -12.98 -9.58 -0.26
N GLY A 40 -13.31 -8.96 -1.39
CA GLY A 40 -14.55 -8.23 -1.50
C GLY A 40 -14.34 -6.75 -1.78
N PRO A 41 -13.91 -6.01 -0.75
CA PRO A 41 -13.65 -4.57 -0.86
C PRO A 41 -12.44 -4.26 -1.73
N ILE A 42 -11.84 -5.31 -2.30
CA ILE A 42 -10.67 -5.14 -3.15
C ILE A 42 -11.08 -4.77 -4.57
N GLN A 43 -12.31 -4.31 -4.73
CA GLN A 43 -12.81 -3.91 -6.04
C GLN A 43 -12.32 -2.52 -6.42
N PRO A 44 -11.87 -2.36 -7.68
CA PRO A 44 -11.38 -1.09 -8.19
C PRO A 44 -12.49 -0.05 -8.35
N GLY A 45 -12.10 1.16 -8.75
CA GLY A 45 -13.08 2.21 -8.95
C GLY A 45 -13.22 2.62 -10.40
N GLY A 46 -12.10 2.60 -11.13
CA GLY A 46 -12.12 2.97 -12.53
C GLY A 46 -11.29 4.21 -12.81
N ALA A 47 -11.12 5.05 -11.79
CA ALA A 47 -10.35 6.27 -11.94
C ALA A 47 -8.91 5.97 -12.34
N CYS A 48 -8.16 5.36 -11.42
CA CYS A 48 -6.77 5.01 -11.68
C CYS A 48 -6.62 3.51 -11.88
N PHE A 49 -7.68 2.77 -11.61
CA PHE A 49 -7.66 1.32 -11.75
C PHE A 49 -6.84 0.90 -12.97
N GLU A 50 -7.10 1.55 -14.10
CA GLU A 50 -6.39 1.25 -15.34
C GLU A 50 -5.27 2.25 -15.58
N PRO A 51 -4.05 1.73 -15.79
CA PRO A 51 -3.80 0.28 -15.81
C PRO A 51 -3.92 -0.34 -14.42
N ASN A 52 -4.36 -1.60 -14.38
CA ASN A 52 -4.53 -2.30 -13.12
C ASN A 52 -3.38 -3.29 -12.90
N THR A 53 -3.05 -3.54 -11.63
CA THR A 53 -1.98 -4.45 -11.28
C THR A 53 -2.53 -5.76 -10.73
N VAL A 54 -1.69 -6.79 -10.69
CA VAL A 54 -2.09 -8.09 -10.19
C VAL A 54 -2.41 -8.03 -8.70
N LYS A 55 -1.45 -7.58 -7.91
CA LYS A 55 -1.63 -7.48 -6.47
C LYS A 55 -2.40 -6.21 -6.11
N ALA A 56 -3.05 -5.62 -7.10
CA ALA A 56 -3.83 -4.40 -6.89
C ALA A 56 -4.79 -4.56 -5.71
N HIS A 57 -5.52 -5.68 -5.71
CA HIS A 57 -6.48 -5.95 -4.63
C HIS A 57 -5.87 -5.65 -3.27
N ALA A 58 -4.77 -6.33 -2.96
CA ALA A 58 -4.09 -6.14 -1.68
C ALA A 58 -3.81 -4.67 -1.42
N ALA A 59 -3.44 -3.95 -2.47
CA ALA A 59 -3.15 -2.52 -2.36
C ALA A 59 -4.33 -1.76 -1.76
N TYR A 60 -5.54 -2.13 -2.18
CA TYR A 60 -6.75 -1.48 -1.69
C TYR A 60 -6.97 -1.81 -0.21
N VAL A 61 -7.19 -3.09 0.08
CA VAL A 61 -7.42 -3.52 1.45
C VAL A 61 -6.28 -3.09 2.37
N MET A 62 -5.07 -3.06 1.82
CA MET A 62 -3.89 -2.66 2.58
C MET A 62 -4.17 -1.40 3.40
N ASN A 63 -5.07 -0.56 2.88
CA ASN A 63 -5.42 0.69 3.55
C ASN A 63 -6.10 0.41 4.89
N LEU A 64 -7.28 -0.20 4.83
CA LEU A 64 -8.04 -0.52 6.03
C LEU A 64 -7.30 -1.57 6.87
N TYR A 65 -6.90 -2.67 6.23
CA TYR A 65 -6.20 -3.74 6.90
C TYR A 65 -5.10 -3.19 7.81
N TYR A 66 -4.36 -2.21 7.31
CA TYR A 66 -3.29 -1.59 8.07
C TYR A 66 -3.83 -0.87 9.29
N GLN A 67 -5.05 -0.35 9.18
CA GLN A 67 -5.69 0.35 10.28
C GLN A 67 -6.64 -0.55 11.04
N HIS A 68 -6.77 -1.80 10.57
CA HIS A 68 -7.65 -2.76 11.22
C HIS A 68 -7.05 -3.25 12.53
N ALA A 69 -5.78 -3.63 12.49
CA ALA A 69 -5.08 -4.11 13.69
C ALA A 69 -4.89 -2.99 14.70
N GLY A 70 -4.22 -1.92 14.27
CA GLY A 70 -3.97 -0.79 15.14
C GLY A 70 -3.27 0.35 14.44
N ARG A 71 -3.44 0.42 13.12
CA ARG A 71 -2.81 1.47 12.33
C ARG A 71 -1.31 1.55 12.62
N ASN A 72 -0.69 0.40 12.87
CA ASN A 72 0.74 0.35 13.16
C ASN A 72 1.52 -0.13 11.95
N SER A 73 2.84 0.05 11.99
CA SER A 73 3.71 -0.36 10.90
C SER A 73 3.81 -1.89 10.82
N TRP A 74 3.55 -2.54 11.94
CA TRP A 74 3.61 -4.00 12.01
C TRP A 74 2.35 -4.62 11.43
N ASN A 75 1.43 -3.77 10.96
CA ASN A 75 0.18 -4.24 10.37
C ASN A 75 0.42 -4.83 8.99
N CYS A 76 1.51 -4.42 8.35
CA CYS A 76 1.87 -4.91 7.02
C CYS A 76 2.60 -6.24 7.11
N ASP A 77 1.90 -7.32 6.83
CA ASP A 77 2.49 -8.66 6.88
C ASP A 77 2.43 -9.32 5.51
N PHE A 78 2.04 -8.55 4.49
CA PHE A 78 1.93 -9.06 3.14
C PHE A 78 3.28 -9.58 2.65
N SER A 79 4.21 -8.66 2.40
CA SER A 79 5.54 -9.02 1.93
C SER A 79 6.44 -7.79 1.88
N GLN A 80 7.70 -8.00 1.49
CA GLN A 80 8.67 -6.91 1.40
C GLN A 80 8.27 -5.92 0.31
N THR A 81 7.18 -6.22 -0.38
CA THR A 81 6.69 -5.36 -1.46
C THR A 81 5.58 -4.45 -0.96
N ALA A 82 4.61 -5.03 -0.25
CA ALA A 82 3.50 -4.28 0.29
C ALA A 82 3.88 -3.56 1.58
N THR A 83 5.17 -3.28 1.74
CA THR A 83 5.66 -2.60 2.93
C THR A 83 5.58 -1.09 2.78
N LEU A 84 6.06 -0.37 3.79
CA LEU A 84 6.03 1.09 3.76
C LEU A 84 6.97 1.63 2.69
N THR A 85 6.39 2.14 1.60
CA THR A 85 7.18 2.69 0.50
C THR A 85 7.70 4.08 0.84
N ASN A 86 8.62 4.57 0.02
CA ASN A 86 9.20 5.90 0.24
C ASN A 86 8.10 6.95 0.34
N THR A 87 8.50 8.22 0.31
CA THR A 87 7.55 9.33 0.39
C THR A 87 6.33 9.08 -0.48
N ASN A 88 5.34 9.96 -0.38
CA ASN A 88 4.12 9.84 -1.16
C ASN A 88 4.44 9.68 -2.65
N PRO A 89 4.28 8.46 -3.17
CA PRO A 89 4.55 8.16 -4.57
C PRO A 89 3.52 8.80 -5.51
N SER A 90 2.35 9.10 -4.98
CA SER A 90 1.28 9.71 -5.76
C SER A 90 1.78 10.95 -6.49
N TYR A 91 1.96 10.84 -7.79
CA TYR A 91 2.45 11.95 -8.61
C TYR A 91 1.31 12.92 -8.92
N GLY A 92 0.08 12.48 -8.71
CA GLY A 92 -1.07 13.32 -8.98
C GLY A 92 -2.38 12.57 -8.83
N ALA A 93 -3.20 12.60 -9.88
CA ALA A 93 -4.49 11.93 -9.87
C ALA A 93 -4.40 10.59 -9.13
N CYS A 94 -3.34 9.84 -9.40
CA CYS A 94 -3.14 8.54 -8.77
C CYS A 94 -2.65 8.72 -7.33
N ASN A 95 -3.56 8.55 -6.38
CA ASN A 95 -3.23 8.68 -4.96
C ASN A 95 -3.02 7.32 -4.32
N PHE A 96 -1.95 7.19 -3.56
CA PHE A 96 -1.63 5.94 -2.88
C PHE A 96 -2.22 5.91 -1.47
N PRO A 97 -2.63 4.72 -1.02
CA PRO A 97 -3.22 4.53 0.31
C PRO A 97 -2.19 4.71 1.43
N SER A 98 -2.41 5.71 2.27
CA SER A 98 -1.50 5.99 3.38
C SER A 98 -2.07 5.48 4.70
N GLY A 99 -3.28 4.92 4.63
CA GLY A 99 -3.92 4.40 5.82
C GLY A 99 -5.04 5.29 6.31
N SER A 100 -4.70 6.27 7.15
CA SER A 100 -5.69 7.20 7.69
C SER A 100 -6.07 8.25 6.66
N ASN A 101 -7.36 8.36 6.38
CA ASN A 101 -7.86 9.32 5.41
C ASN A 101 -8.36 10.58 6.11
N ALA A 1 18.04 3.32 21.20
CA ALA A 1 19.08 4.08 21.89
C ALA A 1 19.18 5.49 21.33
N THR A 2 18.03 6.12 21.09
CA THR A 2 17.99 7.48 20.56
C THR A 2 17.31 8.43 21.53
N PRO A 3 17.82 9.66 21.59
CA PRO A 3 17.27 10.69 22.49
C PRO A 3 15.90 11.18 22.03
N THR A 4 15.77 11.47 20.75
CA THR A 4 14.50 11.93 20.19
C THR A 4 13.79 10.82 19.43
N PRO A 5 12.45 10.82 19.50
CA PRO A 5 11.62 9.83 18.82
C PRO A 5 11.64 9.99 17.31
N THR A 6 10.84 9.17 16.61
CA THR A 6 10.77 9.23 15.16
C THR A 6 9.68 10.19 14.70
N PRO A 7 10.09 11.23 13.95
CA PRO A 7 9.16 12.24 13.43
C PRO A 7 8.24 11.68 12.35
N LYS A 8 7.46 12.57 11.72
CA LYS A 8 6.55 12.16 10.67
C LYS A 8 6.55 13.18 9.53
N ALA A 9 6.81 12.70 8.31
CA ALA A 9 6.83 13.56 7.15
C ALA A 9 6.68 12.75 5.86
N ALA A 10 6.28 13.42 4.78
CA ALA A 10 6.09 12.76 3.49
C ALA A 10 7.39 12.11 3.02
N GLY A 11 7.28 11.29 1.98
CA GLY A 11 8.44 10.61 1.44
C GLY A 11 8.39 9.11 1.63
N SER A 12 7.18 8.55 1.51
CA SER A 12 6.99 7.11 1.66
C SER A 12 5.70 6.66 1.00
N TRP A 13 5.66 5.40 0.56
CA TRP A 13 4.49 4.85 -0.08
C TRP A 13 4.41 3.34 0.11
N CYS A 14 3.31 2.88 0.67
CA CYS A 14 3.12 1.45 0.92
C CYS A 14 2.43 0.78 -0.27
N VAL A 15 3.17 -0.07 -0.97
CA VAL A 15 2.63 -0.78 -2.12
C VAL A 15 3.46 -2.02 -2.44
N PRO A 16 2.82 -3.00 -3.10
CA PRO A 16 3.48 -4.25 -3.48
C PRO A 16 4.50 -4.05 -4.59
N LYS A 17 5.73 -4.50 -4.34
CA LYS A 17 6.80 -4.36 -5.31
C LYS A 17 6.39 -4.92 -6.67
N PRO A 18 6.20 -4.03 -7.65
CA PRO A 18 5.79 -4.40 -9.00
C PRO A 18 6.90 -5.14 -9.76
N GLY A 19 6.83 -6.46 -9.76
CA GLY A 19 7.82 -7.27 -10.44
C GLY A 19 8.19 -8.52 -9.68
N VAL A 20 8.17 -8.43 -8.35
CA VAL A 20 8.49 -9.56 -7.50
C VAL A 20 7.57 -10.74 -7.77
N SER A 21 7.80 -11.85 -7.06
CA SER A 21 6.97 -13.04 -7.22
C SER A 21 5.50 -12.70 -7.09
N ASP A 22 4.71 -13.13 -8.08
CA ASP A 22 3.27 -12.88 -8.07
C ASP A 22 2.63 -13.47 -6.82
N ASP A 23 2.62 -14.79 -6.73
CA ASP A 23 2.03 -15.47 -5.58
C ASP A 23 2.39 -14.76 -4.27
N GLN A 24 3.49 -14.01 -4.30
CA GLN A 24 3.93 -13.28 -3.12
C GLN A 24 2.96 -12.15 -2.79
N LEU A 25 2.60 -11.37 -3.79
CA LEU A 25 1.68 -10.25 -3.60
C LEU A 25 0.26 -10.76 -3.33
N THR A 26 -0.25 -11.55 -4.25
CA THR A 26 -1.60 -12.11 -4.12
C THR A 26 -1.84 -12.63 -2.71
N GLY A 27 -0.75 -12.91 -1.99
CA GLY A 27 -0.86 -13.43 -0.65
C GLY A 27 -1.39 -12.38 0.32
N ASN A 28 -0.96 -11.14 0.14
CA ASN A 28 -1.39 -10.04 1.00
C ASN A 28 -2.91 -9.94 1.03
N ILE A 29 -3.51 -9.80 -0.14
CA ILE A 29 -4.96 -9.68 -0.24
C ILE A 29 -5.66 -10.74 0.60
N ASN A 30 -5.12 -11.95 0.57
CA ASN A 30 -5.69 -13.07 1.34
C ASN A 30 -5.78 -12.72 2.81
N TYR A 31 -4.68 -12.20 3.36
CA TYR A 31 -4.63 -11.83 4.77
C TYR A 31 -5.41 -10.54 5.02
N ALA A 32 -5.05 -9.49 4.30
CA ALA A 32 -5.73 -8.20 4.45
C ALA A 32 -7.24 -8.36 4.33
N CYS A 33 -7.68 -9.16 3.36
CA CYS A 33 -9.09 -9.39 3.14
C CYS A 33 -9.78 -9.83 4.43
N SER A 34 -8.98 -10.26 5.41
CA SER A 34 -9.50 -10.71 6.69
C SER A 34 -9.52 -9.57 7.71
N GLN A 35 -9.39 -8.34 7.22
CA GLN A 35 -9.39 -7.18 8.08
C GLN A 35 -10.78 -6.53 8.11
N GLY A 36 -11.36 -6.33 6.94
CA GLY A 36 -12.68 -5.71 6.86
C GLY A 36 -12.81 -4.77 5.68
N ILE A 37 -12.03 -3.68 5.70
CA ILE A 37 -12.06 -2.70 4.63
C ILE A 37 -11.20 -3.15 3.45
N ASP A 38 -10.82 -4.43 3.44
CA ASP A 38 -10.01 -4.98 2.37
C ASP A 38 -10.88 -5.51 1.24
N CYS A 39 -11.64 -6.56 1.54
CA CYS A 39 -12.53 -7.16 0.54
C CYS A 39 -13.76 -6.31 0.32
N GLY A 40 -14.00 -5.93 -0.94
CA GLY A 40 -15.17 -5.12 -1.25
C GLY A 40 -14.78 -3.80 -1.87
N PRO A 41 -14.28 -2.87 -1.04
CA PRO A 41 -13.87 -1.54 -1.48
C PRO A 41 -12.61 -1.58 -2.35
N ILE A 42 -12.15 -2.78 -2.66
CA ILE A 42 -10.96 -2.96 -3.48
C ILE A 42 -11.31 -2.91 -4.97
N GLN A 43 -12.48 -2.36 -5.28
CA GLN A 43 -12.93 -2.26 -6.67
C GLN A 43 -12.21 -1.11 -7.38
N PRO A 44 -11.75 -1.38 -8.62
CA PRO A 44 -11.06 -0.38 -9.43
C PRO A 44 -11.97 0.74 -9.89
N GLY A 45 -11.37 1.78 -10.47
CA GLY A 45 -12.16 2.91 -10.96
C GLY A 45 -12.05 3.08 -12.46
N GLY A 46 -10.85 2.87 -13.00
CA GLY A 46 -10.64 3.01 -14.42
C GLY A 46 -9.45 3.89 -14.75
N ALA A 47 -9.11 4.79 -13.84
CA ALA A 47 -7.99 5.70 -14.03
C ALA A 47 -6.71 4.92 -14.34
N CYS A 48 -6.20 4.19 -13.35
CA CYS A 48 -4.99 3.41 -13.52
C CYS A 48 -5.27 1.92 -13.34
N PHE A 49 -6.55 1.57 -13.35
CA PHE A 49 -6.95 0.17 -13.17
C PHE A 49 -6.29 -0.72 -14.21
N GLU A 50 -6.40 -0.34 -15.48
CA GLU A 50 -5.82 -1.10 -16.57
C GLU A 50 -4.46 -0.52 -16.98
N PRO A 51 -3.44 -1.38 -17.03
CA PRO A 51 -3.60 -2.81 -16.72
C PRO A 51 -3.85 -3.06 -15.23
N ASN A 52 -4.57 -4.14 -14.94
CA ASN A 52 -4.88 -4.49 -13.56
C ASN A 52 -3.94 -5.57 -13.04
N THR A 53 -3.38 -5.34 -11.85
CA THR A 53 -2.47 -6.30 -11.24
C THR A 53 -3.22 -7.29 -10.36
N VAL A 54 -2.53 -8.35 -9.97
CA VAL A 54 -3.13 -9.38 -9.12
C VAL A 54 -3.45 -8.83 -7.73
N LYS A 55 -2.42 -8.35 -7.04
CA LYS A 55 -2.59 -7.79 -5.71
C LYS A 55 -3.08 -6.35 -5.77
N ALA A 56 -3.61 -5.97 -6.94
CA ALA A 56 -4.11 -4.61 -7.13
C ALA A 56 -5.02 -4.19 -5.99
N HIS A 57 -5.87 -5.12 -5.54
CA HIS A 57 -6.79 -4.84 -4.45
C HIS A 57 -6.04 -4.33 -3.22
N ALA A 58 -5.07 -5.11 -2.76
CA ALA A 58 -4.28 -4.73 -1.59
C ALA A 58 -3.74 -3.30 -1.73
N ALA A 59 -3.28 -2.96 -2.92
CA ALA A 59 -2.75 -1.63 -3.18
C ALA A 59 -3.78 -0.56 -2.87
N TYR A 60 -5.03 -0.82 -3.23
CA TYR A 60 -6.10 0.13 -2.98
C TYR A 60 -6.40 0.25 -1.50
N VAL A 61 -6.72 -0.87 -0.86
CA VAL A 61 -7.02 -0.90 0.56
C VAL A 61 -5.89 -0.26 1.37
N MET A 62 -4.66 -0.61 1.03
CA MET A 62 -3.48 -0.08 1.72
C MET A 62 -3.62 1.43 1.91
N ASN A 63 -4.33 2.08 1.00
CA ASN A 63 -4.53 3.53 1.08
C ASN A 63 -5.21 3.91 2.39
N LEU A 64 -6.44 3.43 2.57
CA LEU A 64 -7.21 3.73 3.77
C LEU A 64 -6.70 2.91 4.95
N TYR A 65 -6.49 1.62 4.73
CA TYR A 65 -5.99 0.73 5.78
C TYR A 65 -4.81 1.36 6.51
N TYR A 66 -3.79 1.73 5.74
CA TYR A 66 -2.59 2.34 6.32
C TYR A 66 -2.96 3.56 7.15
N GLN A 67 -4.02 4.24 6.77
CA GLN A 67 -4.47 5.44 7.48
C GLN A 67 -5.56 5.09 8.50
N HIS A 68 -5.97 3.82 8.50
CA HIS A 68 -7.00 3.36 9.42
C HIS A 68 -6.48 3.37 10.86
N ALA A 69 -5.26 2.88 11.06
CA ALA A 69 -4.65 2.83 12.38
C ALA A 69 -4.17 4.21 12.80
N GLY A 70 -3.25 4.78 12.03
CA GLY A 70 -2.71 6.09 12.35
C GLY A 70 -1.82 6.63 11.26
N ARG A 71 -2.02 6.15 10.04
CA ARG A 71 -1.21 6.58 8.90
C ARG A 71 0.27 6.48 9.21
N ASN A 72 0.65 5.43 9.94
CA ASN A 72 2.05 5.21 10.31
C ASN A 72 2.69 4.17 9.41
N SER A 73 4.01 4.10 9.44
CA SER A 73 4.75 3.14 8.62
C SER A 73 4.52 1.72 9.11
N TRP A 74 4.19 1.59 10.39
CA TRP A 74 3.93 0.28 10.98
C TRP A 74 2.53 -0.21 10.64
N ASN A 75 1.80 0.58 9.86
CA ASN A 75 0.45 0.22 9.45
C ASN A 75 0.47 -0.78 8.30
N CYS A 76 1.67 -1.09 7.82
CA CYS A 76 1.83 -2.03 6.71
C CYS A 76 2.28 -3.40 7.23
N ASP A 77 1.34 -4.33 7.31
CA ASP A 77 1.62 -5.68 7.79
C ASP A 77 1.35 -6.71 6.70
N PHE A 78 1.10 -6.23 5.49
CA PHE A 78 0.82 -7.11 4.36
C PHE A 78 1.97 -8.08 4.12
N SER A 79 3.09 -7.55 3.63
CA SER A 79 4.27 -8.36 3.36
C SER A 79 5.45 -7.49 2.95
N GLN A 80 6.60 -8.12 2.72
CA GLN A 80 7.80 -7.40 2.32
C GLN A 80 7.62 -6.73 0.97
N THR A 81 6.46 -6.96 0.35
CA THR A 81 6.16 -6.39 -0.95
C THR A 81 5.32 -5.13 -0.82
N ALA A 82 4.25 -5.21 -0.03
CA ALA A 82 3.36 -4.09 0.18
C ALA A 82 3.92 -3.14 1.25
N THR A 83 5.24 -3.16 1.41
CA THR A 83 5.89 -2.31 2.40
C THR A 83 6.20 -0.93 1.82
N LEU A 84 6.83 -0.09 2.63
CA LEU A 84 7.18 1.27 2.20
C LEU A 84 8.23 1.23 1.09
N THR A 85 7.97 1.97 0.02
CA THR A 85 8.90 2.03 -1.10
C THR A 85 9.64 3.36 -1.14
N ASN A 86 10.68 3.43 -1.96
CA ASN A 86 11.47 4.65 -2.09
C ASN A 86 10.59 5.84 -2.41
N THR A 87 11.21 6.96 -2.78
CA THR A 87 10.49 8.17 -3.11
C THR A 87 9.28 7.87 -4.00
N ASN A 88 8.44 8.87 -4.22
CA ASN A 88 7.26 8.71 -5.05
C ASN A 88 7.62 8.11 -6.40
N PRO A 89 7.28 6.82 -6.59
CA PRO A 89 7.56 6.10 -7.84
C PRO A 89 6.70 6.59 -8.99
N SER A 90 5.83 7.55 -8.71
CA SER A 90 4.94 8.10 -9.74
C SER A 90 5.73 8.54 -10.95
N TYR A 91 5.57 7.81 -12.06
CA TYR A 91 6.28 8.13 -13.29
C TYR A 91 5.49 9.15 -14.12
N GLY A 92 4.21 9.30 -13.81
CA GLY A 92 3.38 10.24 -14.53
C GLY A 92 1.96 10.30 -13.98
N ALA A 93 0.99 10.00 -14.83
CA ALA A 93 -0.42 10.03 -14.43
C ALA A 93 -0.68 9.03 -13.30
N CYS A 94 0.02 7.90 -13.34
CA CYS A 94 -0.14 6.86 -12.33
C CYS A 94 0.58 7.25 -11.04
N ASN A 95 -0.19 7.71 -10.06
CA ASN A 95 0.37 8.12 -8.78
C ASN A 95 0.22 7.02 -7.74
N PHE A 96 1.25 6.83 -6.92
CA PHE A 96 1.22 5.81 -5.87
C PHE A 96 0.70 6.38 -4.57
N PRO A 97 -0.02 5.54 -3.79
CA PRO A 97 -0.59 5.94 -2.51
C PRO A 97 0.48 6.15 -1.44
N SER A 98 0.51 7.35 -0.87
CA SER A 98 1.48 7.68 0.16
C SER A 98 0.90 7.46 1.56
N GLY A 99 -0.42 7.30 1.62
CA GLY A 99 -1.08 7.09 2.89
C GLY A 99 -1.17 8.35 3.73
N SER A 100 -0.02 8.97 3.99
CA SER A 100 0.03 10.19 4.79
C SER A 100 -0.11 11.42 3.90
N ASN A 101 -0.16 12.59 4.52
CA ASN A 101 -0.29 13.84 3.78
C ASN A 101 1.08 14.42 3.45
N ALA A 1 -0.61 29.17 17.92
CA ALA A 1 -0.75 27.87 17.28
C ALA A 1 0.54 27.07 17.35
N THR A 2 0.42 25.75 17.19
CA THR A 2 1.58 24.86 17.24
C THR A 2 2.50 25.09 16.04
N PRO A 3 3.81 25.09 16.30
CA PRO A 3 4.82 25.28 15.25
C PRO A 3 4.89 24.10 14.29
N THR A 4 5.82 24.18 13.34
CA THR A 4 6.00 23.13 12.35
C THR A 4 6.19 21.77 13.03
N PRO A 5 5.42 20.77 12.60
CA PRO A 5 5.48 19.42 13.15
C PRO A 5 6.77 18.70 12.77
N THR A 6 6.92 17.46 13.22
CA THR A 6 8.11 16.67 12.93
C THR A 6 8.37 16.61 11.42
N PRO A 7 9.64 16.37 11.06
CA PRO A 7 10.06 16.28 9.66
C PRO A 7 9.51 15.02 8.97
N LYS A 8 9.94 14.81 7.73
CA LYS A 8 9.50 13.65 6.96
C LYS A 8 10.37 12.43 7.27
N ALA A 9 9.74 11.37 7.75
CA ALA A 9 10.46 10.14 8.08
C ALA A 9 11.17 9.58 6.86
N ALA A 10 12.00 8.56 7.08
CA ALA A 10 12.74 7.93 6.00
C ALA A 10 11.79 7.40 4.93
N GLY A 11 12.02 7.81 3.69
CA GLY A 11 11.18 7.36 2.59
C GLY A 11 10.84 5.89 2.68
N SER A 12 9.55 5.59 2.74
CA SER A 12 9.09 4.21 2.85
C SER A 12 7.65 4.07 2.35
N TRP A 13 7.41 3.11 1.47
CA TRP A 13 6.09 2.89 0.92
C TRP A 13 5.81 1.40 0.77
N CYS A 14 4.85 0.88 1.54
CA CYS A 14 4.50 -0.53 1.49
C CYS A 14 3.51 -0.80 0.36
N VAL A 15 3.97 -1.49 -0.67
CA VAL A 15 3.12 -1.82 -1.81
C VAL A 15 3.68 -3.00 -2.59
N PRO A 16 2.80 -3.72 -3.29
CA PRO A 16 3.18 -4.90 -4.09
C PRO A 16 3.99 -4.50 -5.33
N LYS A 17 5.18 -5.08 -5.44
CA LYS A 17 6.06 -4.79 -6.58
C LYS A 17 5.31 -4.99 -7.89
N PRO A 18 5.12 -3.90 -8.64
CA PRO A 18 4.42 -3.93 -9.94
C PRO A 18 5.25 -4.64 -11.01
N GLY A 19 5.02 -5.94 -11.17
CA GLY A 19 5.74 -6.70 -12.17
C GLY A 19 5.96 -8.15 -11.74
N VAL A 20 5.95 -8.38 -10.44
CA VAL A 20 6.14 -9.73 -9.90
C VAL A 20 5.08 -10.69 -10.43
N SER A 21 5.32 -11.98 -10.24
CA SER A 21 4.38 -13.00 -10.71
C SER A 21 2.98 -12.72 -10.20
N ASP A 22 2.10 -12.31 -11.10
CA ASP A 22 0.71 -12.00 -10.74
C ASP A 22 0.24 -12.91 -9.61
N ASP A 23 0.15 -14.21 -9.89
CA ASP A 23 -0.29 -15.17 -8.89
C ASP A 23 0.33 -14.87 -7.53
N GLN A 24 1.60 -14.51 -7.53
CA GLN A 24 2.31 -14.20 -6.30
C GLN A 24 1.65 -13.04 -5.57
N LEU A 25 1.39 -11.96 -6.30
CA LEU A 25 0.75 -10.78 -5.72
C LEU A 25 -0.71 -11.05 -5.40
N THR A 26 -1.32 -11.94 -6.16
CA THR A 26 -2.73 -12.30 -5.96
C THR A 26 -2.92 -13.03 -4.63
N GLY A 27 -1.83 -13.22 -3.90
CA GLY A 27 -1.90 -13.89 -2.62
C GLY A 27 -2.12 -12.93 -1.46
N ASN A 28 -1.45 -11.79 -1.51
CA ASN A 28 -1.58 -10.78 -0.46
C ASN A 28 -3.04 -10.47 -0.17
N ILE A 29 -3.83 -10.32 -1.23
CA ILE A 29 -5.25 -10.02 -1.10
C ILE A 29 -5.96 -11.10 -0.30
N ASN A 30 -5.73 -12.36 -0.67
CA ASN A 30 -6.34 -13.49 0.02
C ASN A 30 -6.13 -13.39 1.53
N TYR A 31 -4.92 -13.00 1.92
CA TYR A 31 -4.59 -12.86 3.33
C TYR A 31 -5.25 -11.62 3.94
N ALA A 32 -5.04 -10.48 3.30
CA ALA A 32 -5.61 -9.22 3.77
C ALA A 32 -7.12 -9.34 3.96
N CYS A 33 -7.78 -10.02 3.03
CA CYS A 33 -9.22 -10.21 3.09
C CYS A 33 -9.61 -10.98 4.36
N SER A 34 -8.60 -11.50 5.06
CA SER A 34 -8.85 -12.25 6.29
C SER A 34 -8.92 -11.31 7.49
N GLN A 35 -8.85 -10.02 7.23
CA GLN A 35 -8.92 -9.02 8.29
C GLN A 35 -10.25 -8.27 8.25
N GLY A 36 -10.75 -8.03 7.05
CA GLY A 36 -12.02 -7.32 6.90
C GLY A 36 -11.84 -5.95 6.27
N ILE A 37 -10.70 -5.33 6.52
CA ILE A 37 -10.42 -4.01 5.98
C ILE A 37 -9.88 -4.10 4.55
N ASP A 38 -9.55 -5.32 4.13
CA ASP A 38 -9.03 -5.55 2.79
C ASP A 38 -10.15 -5.54 1.76
N CYS A 39 -11.06 -6.50 1.89
CA CYS A 39 -12.19 -6.61 0.96
C CYS A 39 -13.24 -5.55 1.28
N GLY A 40 -13.66 -4.82 0.25
CA GLY A 40 -14.67 -3.79 0.43
C GLY A 40 -14.21 -2.44 -0.09
N PRO A 41 -13.48 -1.69 0.76
CA PRO A 41 -12.97 -0.36 0.39
C PRO A 41 -11.87 -0.43 -0.65
N ILE A 42 -11.64 -1.62 -1.18
CA ILE A 42 -10.61 -1.82 -2.20
C ILE A 42 -11.12 -1.45 -3.58
N GLN A 43 -12.21 -0.69 -3.62
CA GLN A 43 -12.80 -0.28 -4.88
C GLN A 43 -12.04 0.90 -5.48
N PRO A 44 -11.73 0.83 -6.77
CA PRO A 44 -11.00 1.88 -7.48
C PRO A 44 -11.84 3.13 -7.68
N GLY A 45 -11.20 4.20 -8.15
CA GLY A 45 -11.90 5.45 -8.36
C GLY A 45 -11.90 5.88 -9.82
N GLY A 46 -10.76 5.70 -10.48
CA GLY A 46 -10.65 6.09 -11.87
C GLY A 46 -9.38 6.87 -12.16
N ALA A 47 -8.87 7.55 -11.14
CA ALA A 47 -7.65 8.34 -11.28
C ALA A 47 -6.51 7.51 -11.86
N CYS A 48 -6.03 6.56 -11.06
CA CYS A 48 -4.94 5.69 -11.49
C CYS A 48 -5.38 4.23 -11.53
N PHE A 49 -6.69 4.03 -11.48
CA PHE A 49 -7.25 2.68 -11.52
C PHE A 49 -6.68 1.88 -12.68
N GLU A 50 -6.85 2.41 -13.90
CA GLU A 50 -6.35 1.75 -15.09
C GLU A 50 -4.99 2.30 -15.50
N PRO A 51 -4.05 1.40 -15.80
CA PRO A 51 -4.30 -0.05 -15.75
C PRO A 51 -4.47 -0.56 -14.33
N ASN A 52 -5.15 -1.69 -14.18
CA ASN A 52 -5.38 -2.29 -12.88
C ASN A 52 -4.72 -3.66 -12.77
N THR A 53 -4.16 -3.96 -11.60
CA THR A 53 -3.50 -5.23 -11.36
C THR A 53 -4.34 -6.14 -10.48
N VAL A 54 -3.90 -7.38 -10.32
CA VAL A 54 -4.61 -8.36 -9.50
C VAL A 54 -4.60 -7.94 -8.03
N LYS A 55 -3.40 -7.72 -7.50
CA LYS A 55 -3.26 -7.31 -6.10
C LYS A 55 -3.54 -5.83 -5.93
N ALA A 56 -4.19 -5.24 -6.92
CA ALA A 56 -4.52 -3.82 -6.88
C ALA A 56 -5.25 -3.46 -5.59
N HIS A 57 -6.22 -4.29 -5.22
CA HIS A 57 -6.99 -4.06 -4.00
C HIS A 57 -6.07 -3.90 -2.80
N ALA A 58 -5.29 -4.94 -2.52
CA ALA A 58 -4.35 -4.91 -1.39
C ALA A 58 -3.61 -3.59 -1.32
N ALA A 59 -3.09 -3.14 -2.47
CA ALA A 59 -2.36 -1.88 -2.54
C ALA A 59 -3.17 -0.75 -1.89
N TYR A 60 -4.47 -0.76 -2.11
CA TYR A 60 -5.35 0.27 -1.55
C TYR A 60 -5.44 0.14 -0.03
N VAL A 61 -6.03 -0.96 0.42
CA VAL A 61 -6.18 -1.21 1.86
C VAL A 61 -4.84 -1.10 2.57
N MET A 62 -3.76 -1.36 1.85
CA MET A 62 -2.42 -1.29 2.42
C MET A 62 -2.19 0.04 3.12
N ASN A 63 -2.99 1.04 2.76
CA ASN A 63 -2.88 2.37 3.34
C ASN A 63 -3.48 2.39 4.75
N LEU A 64 -4.79 2.20 4.84
CA LEU A 64 -5.47 2.20 6.12
C LEU A 64 -4.99 1.05 7.00
N TYR A 65 -4.81 -0.12 6.39
CA TYR A 65 -4.35 -1.29 7.12
C TYR A 65 -2.99 -1.03 7.78
N TYR A 66 -2.09 -0.42 7.03
CA TYR A 66 -0.75 -0.12 7.53
C TYR A 66 -0.83 0.90 8.66
N GLN A 67 -1.82 1.77 8.61
CA GLN A 67 -2.01 2.80 9.63
C GLN A 67 -3.02 2.35 10.68
N HIS A 68 -3.60 1.18 10.47
CA HIS A 68 -4.59 0.63 11.40
C HIS A 68 -3.94 0.27 12.72
N ALA A 69 -2.79 -0.41 12.65
CA ALA A 69 -2.06 -0.81 13.85
C ALA A 69 -1.34 0.36 14.48
N GLY A 70 -0.47 1.01 13.70
CA GLY A 70 0.29 2.14 14.21
C GLY A 70 1.19 2.75 13.15
N ARG A 71 0.82 2.58 11.89
CA ARG A 71 1.61 3.12 10.78
C ARG A 71 3.07 2.70 10.90
N ASN A 72 3.29 1.41 11.15
CA ASN A 72 4.65 0.88 11.30
C ASN A 72 5.00 -0.02 10.12
N SER A 73 6.28 -0.32 9.98
CA SER A 73 6.75 -1.18 8.89
C SER A 73 6.32 -2.63 9.11
N TRP A 74 6.11 -2.99 10.37
CA TRP A 74 5.69 -4.34 10.72
C TRP A 74 4.20 -4.54 10.43
N ASN A 75 3.55 -3.49 9.94
CA ASN A 75 2.13 -3.55 9.63
C ASN A 75 1.89 -4.30 8.32
N CYS A 76 2.96 -4.49 7.55
CA CYS A 76 2.87 -5.19 6.27
C CYS A 76 3.11 -6.69 6.45
N ASP A 77 2.04 -7.46 6.45
CA ASP A 77 2.14 -8.91 6.61
C ASP A 77 1.60 -9.63 5.38
N PHE A 78 1.30 -8.87 4.33
CA PHE A 78 0.78 -9.43 3.10
C PHE A 78 1.77 -10.44 2.50
N SER A 79 2.88 -9.93 2.01
CA SER A 79 3.91 -10.79 1.40
C SER A 79 5.16 -9.98 1.07
N GLN A 80 6.18 -10.67 0.55
CA GLN A 80 7.43 -10.02 0.19
C GLN A 80 7.22 -9.04 -0.97
N THR A 81 5.99 -8.97 -1.46
CA THR A 81 5.66 -8.08 -2.56
C THR A 81 5.11 -6.75 -2.05
N ALA A 82 4.12 -6.83 -1.16
CA ALA A 82 3.51 -5.64 -0.59
C ALA A 82 4.36 -5.07 0.54
N THR A 83 5.67 -5.27 0.45
CA THR A 83 6.59 -4.79 1.46
C THR A 83 7.02 -3.36 1.17
N LEU A 84 7.88 -2.81 2.03
CA LEU A 84 8.37 -1.45 1.86
C LEU A 84 9.26 -1.34 0.64
N THR A 85 8.99 -0.33 -0.19
CA THR A 85 9.77 -0.11 -1.41
C THR A 85 10.71 1.08 -1.25
N ASN A 86 11.64 1.23 -2.19
CA ASN A 86 12.59 2.33 -2.16
C ASN A 86 11.87 3.67 -2.03
N THR A 87 12.62 4.76 -2.21
CA THR A 87 12.06 6.10 -2.11
C THR A 87 10.72 6.18 -2.85
N ASN A 88 10.04 7.32 -2.69
CA ASN A 88 8.75 7.53 -3.34
C ASN A 88 8.84 7.24 -4.84
N PRO A 89 8.26 6.11 -5.26
CA PRO A 89 8.27 5.69 -6.66
C PRO A 89 7.38 6.59 -7.53
N SER A 90 6.69 7.53 -6.89
CA SER A 90 5.80 8.44 -7.61
C SER A 90 6.53 9.11 -8.77
N TYR A 91 6.15 8.75 -9.98
CA TYR A 91 6.77 9.31 -11.18
C TYR A 91 5.98 10.52 -11.67
N GLY A 92 4.76 10.67 -11.19
CA GLY A 92 3.93 11.80 -11.59
C GLY A 92 2.60 11.82 -10.86
N ALA A 93 1.51 11.93 -11.62
CA ALA A 93 0.17 11.98 -11.04
C ALA A 93 -0.08 10.74 -10.17
N CYS A 94 0.50 9.62 -10.56
CA CYS A 94 0.33 8.37 -9.83
C CYS A 94 1.19 8.37 -8.57
N ASN A 95 0.56 8.62 -7.42
CA ASN A 95 1.28 8.65 -6.15
C ASN A 95 1.08 7.33 -5.40
N PHE A 96 2.15 6.87 -4.74
CA PHE A 96 2.10 5.62 -3.99
C PHE A 96 1.76 5.90 -2.52
N PRO A 97 1.06 4.94 -1.90
CA PRO A 97 0.65 5.05 -0.49
C PRO A 97 1.84 4.94 0.46
N SER A 98 2.11 6.02 1.19
CA SER A 98 3.22 6.04 2.13
C SER A 98 2.74 5.71 3.54
N GLY A 99 1.43 5.59 3.70
CA GLY A 99 0.86 5.28 4.99
C GLY A 99 1.21 6.32 6.04
N SER A 100 2.39 6.19 6.65
CA SER A 100 2.83 7.13 7.66
C SER A 100 3.66 8.26 7.06
N ASN A 101 3.21 9.48 7.24
CA ASN A 101 3.90 10.65 6.72
C ASN A 101 4.92 11.18 7.73
N ALA A 1 31.56 15.10 12.37
CA ALA A 1 30.26 15.27 11.72
C ALA A 1 30.14 16.63 11.06
N THR A 2 29.18 16.77 10.16
CA THR A 2 28.96 18.03 9.45
C THR A 2 27.60 18.62 9.79
N PRO A 3 27.53 19.95 9.83
CA PRO A 3 26.30 20.68 10.15
C PRO A 3 25.26 20.57 9.03
N THR A 4 24.21 19.78 9.28
CA THR A 4 23.16 19.59 8.29
C THR A 4 21.99 20.52 8.55
N PRO A 5 21.37 21.01 7.47
CA PRO A 5 20.21 21.92 7.55
C PRO A 5 18.97 21.23 8.10
N THR A 6 17.83 21.89 7.95
CA THR A 6 16.56 21.35 8.42
C THR A 6 16.07 20.23 7.50
N PRO A 7 15.48 19.18 8.12
CA PRO A 7 14.96 18.03 7.38
C PRO A 7 13.72 18.37 6.56
N LYS A 8 13.11 17.36 5.96
CA LYS A 8 11.91 17.56 5.15
C LYS A 8 10.78 16.63 5.62
N ALA A 9 9.65 17.23 5.94
CA ALA A 9 8.49 16.48 6.40
C ALA A 9 8.10 15.41 5.38
N ALA A 10 7.71 14.23 5.87
CA ALA A 10 7.32 13.13 5.01
C ALA A 10 6.48 12.12 5.77
N GLY A 11 5.65 11.37 5.04
CA GLY A 11 4.81 10.36 5.66
C GLY A 11 5.14 8.96 5.20
N SER A 12 4.11 8.11 5.09
CA SER A 12 4.30 6.73 4.66
C SER A 12 3.06 6.22 3.94
N TRP A 13 3.23 5.14 3.18
CA TRP A 13 2.13 4.55 2.45
C TRP A 13 2.36 3.06 2.22
N CYS A 14 1.61 2.22 2.94
CA CYS A 14 1.74 0.79 2.82
C CYS A 14 1.14 0.29 1.50
N VAL A 15 2.01 -0.07 0.56
CA VAL A 15 1.56 -0.56 -0.73
C VAL A 15 2.66 -1.37 -1.42
N PRO A 16 2.25 -2.27 -2.32
CA PRO A 16 3.18 -3.13 -3.05
C PRO A 16 4.00 -2.35 -4.08
N LYS A 17 5.32 -2.35 -3.90
CA LYS A 17 6.22 -1.65 -4.81
C LYS A 17 5.94 -2.03 -6.26
N PRO A 18 5.39 -1.09 -7.04
CA PRO A 18 5.08 -1.31 -8.45
C PRO A 18 6.32 -1.42 -9.32
N GLY A 19 6.94 -2.60 -9.29
CA GLY A 19 8.15 -2.82 -10.08
C GLY A 19 8.97 -3.98 -9.57
N VAL A 20 8.36 -5.16 -9.54
CA VAL A 20 9.05 -6.36 -9.06
C VAL A 20 8.39 -7.62 -9.61
N SER A 21 8.96 -8.78 -9.27
CA SER A 21 8.42 -10.05 -9.73
C SER A 21 6.93 -10.17 -9.39
N ASP A 22 6.11 -10.25 -10.44
CA ASP A 22 4.66 -10.36 -10.26
C ASP A 22 4.32 -11.30 -9.11
N ASP A 23 4.64 -12.58 -9.28
CA ASP A 23 4.37 -13.58 -8.27
C ASP A 23 4.69 -13.04 -6.88
N GLN A 24 5.63 -12.10 -6.81
CA GLN A 24 6.03 -11.50 -5.55
C GLN A 24 4.87 -10.75 -4.91
N LEU A 25 4.27 -9.85 -5.68
CA LEU A 25 3.13 -9.06 -5.18
C LEU A 25 1.89 -9.92 -5.04
N THR A 26 1.56 -10.66 -6.10
CA THR A 26 0.38 -11.52 -6.09
C THR A 26 0.31 -12.34 -4.80
N GLY A 27 1.45 -12.88 -4.39
CA GLY A 27 1.50 -13.68 -3.18
C GLY A 27 0.74 -13.04 -2.04
N ASN A 28 0.69 -11.71 -2.03
CA ASN A 28 -0.01 -10.97 -0.98
C ASN A 28 -1.51 -11.27 -1.03
N ILE A 29 -2.16 -10.83 -2.10
CA ILE A 29 -3.59 -11.05 -2.26
C ILE A 29 -4.00 -12.43 -1.75
N ASN A 30 -3.28 -13.45 -2.19
CA ASN A 30 -3.57 -14.82 -1.77
C ASN A 30 -3.64 -14.93 -0.26
N TYR A 31 -2.67 -14.31 0.42
CA TYR A 31 -2.63 -14.34 1.88
C TYR A 31 -3.70 -13.44 2.47
N ALA A 32 -3.69 -12.17 2.06
CA ALA A 32 -4.67 -11.21 2.55
C ALA A 32 -6.09 -11.74 2.42
N CYS A 33 -6.36 -12.43 1.32
CA CYS A 33 -7.67 -12.99 1.05
C CYS A 33 -8.12 -13.89 2.21
N SER A 34 -7.17 -14.22 3.08
CA SER A 34 -7.47 -15.08 4.23
C SER A 34 -7.28 -14.32 5.54
N GLN A 35 -7.28 -12.99 5.45
CA GLN A 35 -7.11 -12.14 6.62
C GLN A 35 -8.47 -11.74 7.20
N GLY A 36 -9.34 -11.21 6.35
CA GLY A 36 -10.65 -10.79 6.80
C GLY A 36 -11.31 -9.83 5.83
N ILE A 37 -11.11 -8.54 6.04
CA ILE A 37 -11.69 -7.52 5.19
C ILE A 37 -10.87 -7.33 3.91
N ASP A 38 -10.02 -8.30 3.61
CA ASP A 38 -9.18 -8.25 2.42
C ASP A 38 -9.92 -8.76 1.21
N CYS A 39 -10.34 -10.03 1.25
CA CYS A 39 -11.06 -10.64 0.14
C CYS A 39 -12.51 -10.14 0.09
N GLY A 40 -12.80 -9.34 -0.93
CA GLY A 40 -14.14 -8.80 -1.08
C GLY A 40 -14.14 -7.36 -1.52
N PRO A 41 -13.73 -6.46 -0.60
CA PRO A 41 -13.68 -5.02 -0.87
C PRO A 41 -12.57 -4.66 -1.85
N ILE A 42 -11.95 -5.68 -2.43
CA ILE A 42 -10.87 -5.46 -3.39
C ILE A 42 -11.42 -5.17 -4.79
N GLN A 43 -12.69 -4.79 -4.84
CA GLN A 43 -13.34 -4.48 -6.11
C GLN A 43 -13.04 -3.05 -6.54
N PRO A 44 -12.45 -2.91 -7.75
CA PRO A 44 -12.09 -1.60 -8.30
C PRO A 44 -13.32 -0.78 -8.69
N GLY A 45 -13.10 0.50 -8.97
CA GLY A 45 -14.21 1.37 -9.36
C GLY A 45 -14.05 1.92 -10.76
N GLY A 46 -12.80 2.19 -11.16
CA GLY A 46 -12.55 2.72 -12.48
C GLY A 46 -11.75 4.01 -12.45
N ALA A 47 -11.75 4.67 -11.30
CA ALA A 47 -11.02 5.92 -11.14
C ALA A 47 -9.53 5.73 -11.44
N CYS A 48 -8.85 5.00 -10.58
CA CYS A 48 -7.42 4.74 -10.75
C CYS A 48 -7.16 3.26 -10.92
N PHE A 49 -8.22 2.49 -11.14
CA PHE A 49 -8.09 1.04 -11.33
C PHE A 49 -7.14 0.72 -12.47
N GLU A 50 -7.32 1.40 -13.60
CA GLU A 50 -6.48 1.18 -14.77
C GLU A 50 -5.36 2.21 -14.83
N PRO A 51 -4.12 1.73 -14.99
CA PRO A 51 -3.83 0.29 -15.11
C PRO A 51 -4.07 -0.45 -13.80
N ASN A 52 -4.43 -1.72 -13.90
CA ASN A 52 -4.67 -2.54 -12.71
C ASN A 52 -3.64 -3.66 -12.61
N THR A 53 -2.87 -3.66 -11.53
CA THR A 53 -1.85 -4.67 -11.32
C THR A 53 -2.45 -5.93 -10.69
N VAL A 54 -1.66 -7.00 -10.64
CA VAL A 54 -2.11 -8.26 -10.07
C VAL A 54 -2.42 -8.12 -8.58
N LYS A 55 -1.45 -7.59 -7.83
CA LYS A 55 -1.62 -7.40 -6.40
C LYS A 55 -2.46 -6.16 -6.11
N ALA A 56 -3.13 -5.65 -7.15
CA ALA A 56 -3.98 -4.48 -7.00
C ALA A 56 -4.96 -4.65 -5.83
N HIS A 57 -5.55 -5.83 -5.73
CA HIS A 57 -6.50 -6.12 -4.67
C HIS A 57 -5.88 -5.85 -3.29
N ALA A 58 -4.67 -6.34 -3.09
CA ALA A 58 -3.96 -6.15 -1.83
C ALA A 58 -3.77 -4.67 -1.53
N ALA A 59 -3.50 -3.88 -2.57
CA ALA A 59 -3.29 -2.45 -2.42
C ALA A 59 -4.54 -1.77 -1.87
N TYR A 60 -5.71 -2.25 -2.29
CA TYR A 60 -6.97 -1.69 -1.83
C TYR A 60 -7.21 -1.99 -0.36
N VAL A 61 -7.28 -3.28 -0.03
CA VAL A 61 -7.50 -3.69 1.35
C VAL A 61 -6.45 -3.09 2.28
N MET A 62 -5.20 -3.14 1.87
CA MET A 62 -4.10 -2.60 2.66
C MET A 62 -4.46 -1.21 3.19
N ASN A 63 -5.42 -0.55 2.54
CA ASN A 63 -5.85 0.78 2.95
C ASN A 63 -6.60 0.73 4.28
N LEU A 64 -7.69 -0.02 4.30
CA LEU A 64 -8.49 -0.16 5.51
C LEU A 64 -7.83 -1.11 6.51
N TYR A 65 -7.38 -2.25 6.01
CA TYR A 65 -6.72 -3.25 6.86
C TYR A 65 -5.69 -2.59 7.76
N TYR A 66 -4.95 -1.64 7.20
CA TYR A 66 -3.92 -0.93 7.94
C TYR A 66 -4.50 -0.20 9.14
N GLN A 67 -5.75 0.24 9.01
CA GLN A 67 -6.43 0.94 10.08
C GLN A 67 -7.30 -0.01 10.90
N HIS A 68 -7.37 -1.26 10.46
CA HIS A 68 -8.17 -2.27 11.15
C HIS A 68 -7.55 -2.62 12.50
N ALA A 69 -6.25 -2.93 12.49
CA ALA A 69 -5.55 -3.27 13.71
C ALA A 69 -5.43 -2.08 14.64
N GLY A 70 -4.82 -1.01 14.15
CA GLY A 70 -4.65 0.19 14.95
C GLY A 70 -3.98 1.32 14.19
N ARG A 71 -4.10 1.28 12.86
CA ARG A 71 -3.50 2.30 12.02
C ARG A 71 -2.01 2.46 12.33
N ASN A 72 -1.36 1.35 12.66
CA ASN A 72 0.06 1.38 13.00
C ASN A 72 0.90 0.86 11.83
N SER A 73 2.22 1.03 11.94
CA SER A 73 3.13 0.59 10.89
C SER A 73 3.23 -0.94 10.87
N TRP A 74 2.90 -1.56 12.00
CA TRP A 74 2.96 -3.02 12.11
C TRP A 74 1.71 -3.66 11.50
N ASN A 75 0.83 -2.82 10.98
CA ASN A 75 -0.41 -3.31 10.36
C ASN A 75 -0.13 -3.95 9.01
N CYS A 76 1.09 -3.78 8.53
CA CYS A 76 1.50 -4.35 7.24
C CYS A 76 2.09 -5.75 7.42
N ASP A 77 1.30 -6.76 7.09
CA ASP A 77 1.74 -8.15 7.22
C ASP A 77 1.76 -8.84 5.86
N PHE A 78 1.42 -8.09 4.82
CA PHE A 78 1.38 -8.63 3.47
C PHE A 78 2.76 -9.18 3.07
N SER A 79 3.71 -8.27 2.84
CA SER A 79 5.06 -8.66 2.45
C SER A 79 5.97 -7.45 2.37
N GLN A 80 7.24 -7.68 2.07
CA GLN A 80 8.22 -6.61 1.97
C GLN A 80 7.89 -5.68 0.81
N THR A 81 6.83 -6.00 0.07
CA THR A 81 6.41 -5.20 -1.07
C THR A 81 5.27 -4.26 -0.68
N ALA A 82 4.25 -4.81 -0.01
CA ALA A 82 3.10 -4.02 0.42
C ALA A 82 3.42 -3.25 1.70
N THR A 83 4.70 -3.01 1.94
CA THR A 83 5.12 -2.28 3.13
C THR A 83 5.07 -0.78 2.91
N LEU A 84 5.50 -0.02 3.91
CA LEU A 84 5.50 1.43 3.83
C LEU A 84 6.49 1.92 2.77
N THR A 85 5.96 2.40 1.64
CA THR A 85 6.78 2.89 0.56
C THR A 85 7.31 4.28 0.86
N ASN A 86 8.26 4.75 0.04
CA ASN A 86 8.84 6.07 0.22
C ASN A 86 7.77 7.14 0.28
N THR A 87 8.18 8.41 0.21
CA THR A 87 7.25 9.52 0.26
C THR A 87 6.03 9.27 -0.64
N ASN A 88 5.04 10.14 -0.53
CA ASN A 88 3.83 10.01 -1.33
C ASN A 88 4.16 9.86 -2.81
N PRO A 89 4.00 8.63 -3.34
CA PRO A 89 4.28 8.32 -4.74
C PRO A 89 3.26 8.96 -5.68
N SER A 90 2.29 9.65 -5.11
CA SER A 90 1.25 10.31 -5.91
C SER A 90 1.87 11.18 -6.98
N TYR A 91 1.76 10.75 -8.24
CA TYR A 91 2.30 11.50 -9.36
C TYR A 91 1.35 12.60 -9.80
N GLY A 92 0.09 12.48 -9.39
CA GLY A 92 -0.91 13.47 -9.75
C GLY A 92 -2.28 13.14 -9.20
N ALA A 93 -3.22 12.87 -10.10
CA ALA A 93 -4.58 12.54 -9.69
C ALA A 93 -4.62 11.23 -8.92
N CYS A 94 -3.79 10.27 -9.33
CA CYS A 94 -3.73 8.98 -8.68
C CYS A 94 -2.91 9.05 -7.39
N ASN A 95 -3.60 9.08 -6.26
CA ASN A 95 -2.94 9.15 -4.96
C ASN A 95 -2.89 7.78 -4.30
N PHE A 96 -1.83 7.54 -3.53
CA PHE A 96 -1.67 6.26 -2.85
C PHE A 96 -2.24 6.33 -1.43
N PRO A 97 -2.60 5.15 -0.88
CA PRO A 97 -3.17 5.06 0.47
C PRO A 97 -2.13 5.36 1.55
N SER A 98 -2.46 6.31 2.42
CA SER A 98 -1.57 6.69 3.51
C SER A 98 -2.19 6.40 4.86
N GLY A 99 -3.36 5.76 4.85
CA GLY A 99 -4.05 5.43 6.08
C GLY A 99 -4.77 6.62 6.68
N SER A 100 -4.77 6.72 8.00
CA SER A 100 -5.44 7.82 8.69
C SER A 100 -4.57 9.08 8.69
N ASN A 101 -5.02 10.11 7.99
CA ASN A 101 -4.29 11.36 7.92
C ASN A 101 -5.23 12.53 7.63
#